data_2A3X
#
_entry.id   2A3X
#
_cell.length_a   77.861
_cell.length_b   95.054
_cell.length_c   164.257
_cell.angle_alpha   90.00
_cell.angle_beta   98.74
_cell.angle_gamma   90.00
#
_symmetry.space_group_name_H-M   'P 1 21 1'
#
loop_
_entity.id
_entity.type
_entity.pdbx_description
1 polymer 'Serum amyloid P-component'
2 non-polymer 'CALCIUM ION'
3 non-polymer BIS-1,2-{[(Z)-2CARBOXY-2-METHYL-1,3-DIOXANE]-5-YLOXYCARBONYL}-PIPERAZINE
#
_entity_poly.entity_id   1
_entity_poly.type   'polypeptide(L)'
_entity_poly.pdbx_seq_one_letter_code
;HTDLSGKVFVFPRESVTDHVNLITPLEKPLQNFTLCFRAYSDLSRAYSLFSYNTQGRDNELLVYKERVGEYSLYIGRHKV
TSKVIEKFPAPVHICVSWESSSGIAEFWINGTPLVKKGLRQGYFVEAQPKIVLGQEQDSYGGKFDRSQSFVGEIGDLYMW
DSVLPPENILSAYQGTPLPANILDWQALNYEIRGYVIIKPLVWV
;
_entity_poly.pdbx_strand_id   A,B,C,D,E,F,G,H,I,J
#
# COMPACT_ATOMS: atom_id res chain seq x y z
N HIS A 1 40.07 37.18 -2.68
CA HIS A 1 40.21 35.83 -3.32
C HIS A 1 40.81 34.83 -2.33
N THR A 2 40.14 33.70 -2.16
CA THR A 2 40.55 32.69 -1.19
C THR A 2 40.68 31.30 -1.81
N ASP A 3 41.84 30.67 -1.59
CA ASP A 3 42.09 29.31 -2.05
C ASP A 3 41.33 28.32 -1.17
N LEU A 4 40.44 27.56 -1.79
CA LEU A 4 39.62 26.59 -1.08
C LEU A 4 39.83 25.16 -1.59
N SER A 5 41.04 24.91 -2.08
CA SER A 5 41.44 23.59 -2.58
C SER A 5 41.46 22.56 -1.44
N GLY A 6 40.55 21.60 -1.52
CA GLY A 6 40.42 20.57 -0.49
C GLY A 6 39.57 21.01 0.70
N LYS A 7 38.63 21.92 0.45
CA LYS A 7 37.74 22.43 1.48
C LYS A 7 36.29 22.43 0.98
N VAL A 8 35.35 22.56 1.91
CA VAL A 8 33.92 22.59 1.57
C VAL A 8 33.14 23.57 2.46
N PHE A 9 31.97 23.98 1.97
CA PHE A 9 31.04 24.80 2.73
C PHE A 9 30.01 23.90 3.39
N VAL A 10 29.80 24.11 4.69
CA VAL A 10 28.78 23.35 5.41
C VAL A 10 27.70 24.26 6.02
N PHE A 11 26.45 24.02 5.62
CA PHE A 11 25.29 24.67 6.20
C PHE A 11 24.66 23.65 7.16
N PRO A 12 25.03 23.74 8.43
CA PRO A 12 24.81 22.64 9.38
C PRO A 12 23.41 22.57 10.00
N ARG A 13 22.48 23.42 9.57
CA ARG A 13 21.11 23.38 10.09
C ARG A 13 20.07 23.91 9.12
N GLU A 14 18.83 23.43 9.26
CA GLU A 14 17.69 23.96 8.51
C GLU A 14 17.40 25.37 8.99
N SER A 15 17.56 26.34 8.09
CA SER A 15 17.49 27.75 8.45
C SER A 15 16.91 28.64 7.34
N VAL A 16 16.66 29.90 7.68
CA VAL A 16 16.14 30.87 6.73
C VAL A 16 17.15 32.01 6.52
N THR A 17 18.18 32.05 7.36
CA THR A 17 19.17 33.13 7.36
C THR A 17 20.50 32.73 6.73
N ASP A 18 20.88 31.46 6.90
CA ASP A 18 22.20 30.98 6.48
C ASP A 18 22.33 30.93 4.96
N HIS A 19 23.20 31.79 4.42
CA HIS A 19 23.48 31.82 2.98
C HIS A 19 24.90 32.29 2.67
N VAL A 20 25.44 31.83 1.54
CA VAL A 20 26.76 32.25 1.08
C VAL A 20 26.65 33.03 -0.23
N ASN A 21 26.91 34.34 -0.14
CA ASN A 21 26.92 35.20 -1.32
C ASN A 21 28.18 35.00 -2.13
N LEU A 22 28.06 35.09 -3.45
CA LEU A 22 29.19 34.91 -4.36
C LEU A 22 29.27 36.03 -5.38
N ILE A 23 30.40 36.74 -5.38
CA ILE A 23 30.63 37.86 -6.30
C ILE A 23 31.42 37.40 -7.52
N THR A 24 30.96 37.80 -8.70
CA THR A 24 31.64 37.49 -9.96
C THR A 24 31.87 38.78 -10.77
N PRO A 25 33.09 38.97 -11.25
CA PRO A 25 33.47 40.23 -11.93
C PRO A 25 32.90 40.38 -13.34
N LEU A 26 32.18 39.38 -13.83
CA LEU A 26 31.62 39.43 -15.17
C LEU A 26 30.32 40.25 -15.25
N GLU A 27 30.29 41.19 -16.18
CA GLU A 27 29.11 42.03 -16.44
C GLU A 27 28.70 41.98 -17.92
N LYS A 28 28.76 40.79 -18.50
CA LYS A 28 28.36 40.55 -19.88
C LYS A 28 27.14 39.62 -19.92
N PRO A 29 26.21 39.87 -20.86
CA PRO A 29 25.08 38.97 -21.09
C PRO A 29 25.59 37.58 -21.46
N LEU A 30 25.01 36.54 -20.87
CA LEU A 30 25.58 35.20 -20.98
C LEU A 30 24.99 34.35 -22.10
N GLN A 31 25.91 33.83 -22.93
CA GLN A 31 25.56 33.08 -24.13
C GLN A 31 25.65 31.57 -23.86
N ASN A 32 26.88 31.06 -23.76
CA ASN A 32 27.11 29.67 -23.38
C ASN A 32 27.74 29.61 -21.99
N PHE A 33 27.55 28.51 -21.27
CA PHE A 33 28.18 28.32 -19.96
C PHE A 33 28.13 26.88 -19.45
N THR A 34 28.93 26.62 -18.42
CA THR A 34 28.94 25.32 -17.73
C THR A 34 29.12 25.54 -16.22
N LEU A 35 28.33 24.81 -15.42
CA LEU A 35 28.43 24.90 -13.97
C LEU A 35 28.65 23.53 -13.32
N CYS A 36 29.81 23.37 -12.68
CA CYS A 36 30.16 22.15 -11.97
C CYS A 36 30.29 22.41 -10.48
N PHE A 37 29.87 21.44 -9.67
CA PHE A 37 30.07 21.47 -8.22
C PHE A 37 29.93 20.07 -7.60
N ARG A 38 30.10 20.01 -6.27
CA ARG A 38 29.91 18.78 -5.52
C ARG A 38 28.96 19.03 -4.37
N ALA A 39 28.17 18.02 -4.00
CA ALA A 39 27.19 18.17 -2.94
C ALA A 39 26.98 16.88 -2.15
N TYR A 40 26.90 17.01 -0.83
CA TYR A 40 26.65 15.89 0.06
C TYR A 40 25.57 16.24 1.07
N SER A 41 24.35 15.76 0.81
CA SER A 41 23.19 16.05 1.65
C SER A 41 22.28 14.84 1.80
N ASP A 42 21.51 14.82 2.89
CA ASP A 42 20.58 13.73 3.16
C ASP A 42 19.14 14.27 3.26
N LEU A 43 18.76 15.12 2.30
CA LEU A 43 17.48 15.79 2.33
C LEU A 43 16.42 15.06 1.51
N SER A 44 15.31 14.72 2.16
CA SER A 44 14.19 14.05 1.52
C SER A 44 13.36 15.04 0.69
N ARG A 45 13.25 16.26 1.20
CA ARG A 45 12.48 17.33 0.55
C ARG A 45 13.29 18.08 -0.51
N ALA A 46 12.60 18.93 -1.27
CA ALA A 46 13.22 19.73 -2.32
C ALA A 46 14.18 20.78 -1.76
N TYR A 47 15.20 21.13 -2.56
CA TYR A 47 16.16 22.17 -2.17
C TYR A 47 16.90 22.79 -3.37
N SER A 48 17.28 24.06 -3.21
CA SER A 48 17.99 24.80 -4.25
C SER A 48 19.50 24.66 -4.09
N LEU A 49 20.16 24.17 -5.15
CA LEU A 49 21.61 24.01 -5.15
C LEU A 49 22.32 25.34 -5.38
N PHE A 50 21.90 26.04 -6.43
CA PHE A 50 22.58 27.24 -6.92
C PHE A 50 21.53 28.24 -7.39
N SER A 51 21.69 29.50 -6.98
CA SER A 51 20.71 30.55 -7.29
C SER A 51 21.35 31.78 -7.93
N TYR A 52 20.89 32.09 -9.14
CA TYR A 52 21.42 33.19 -9.95
C TYR A 52 20.27 34.12 -10.31
N ASN A 53 20.28 35.32 -9.73
CA ASN A 53 19.20 36.29 -9.89
C ASN A 53 19.70 37.67 -10.30
N THR A 54 18.91 38.35 -11.14
CA THR A 54 19.19 39.72 -11.55
C THR A 54 18.10 40.66 -11.06
N GLN A 55 18.33 41.96 -11.23
CA GLN A 55 17.39 42.98 -10.79
C GLN A 55 16.05 42.91 -11.52
N GLY A 56 14.97 42.75 -10.76
CA GLY A 56 13.62 42.76 -11.29
C GLY A 56 13.09 41.47 -11.90
N ARG A 57 13.95 40.47 -12.01
CA ARG A 57 13.53 39.19 -12.60
C ARG A 57 14.05 37.97 -11.86
N ASP A 58 13.12 37.06 -11.57
CA ASP A 58 13.39 35.90 -10.73
C ASP A 58 13.80 34.67 -11.52
N ASN A 59 14.70 33.88 -10.93
CA ASN A 59 15.18 32.62 -11.52
C ASN A 59 15.73 32.77 -12.93
N GLU A 60 16.73 33.62 -13.08
CA GLU A 60 17.45 33.77 -14.35
C GLU A 60 18.32 32.54 -14.59
N LEU A 61 18.76 31.90 -13.50
CA LEU A 61 19.54 30.67 -13.55
C LEU A 61 19.50 29.93 -12.22
N LEU A 62 18.66 28.89 -12.15
CA LEU A 62 18.50 28.13 -10.90
C LEU A 62 18.67 26.63 -11.09
N VAL A 63 19.64 26.07 -10.38
CA VAL A 63 19.80 24.62 -10.29
C VAL A 63 19.05 24.16 -9.05
N TYR A 64 18.05 23.31 -9.28
CA TYR A 64 17.10 22.94 -8.23
C TYR A 64 16.88 21.44 -8.19
N LYS A 65 16.87 20.88 -6.98
CA LYS A 65 16.49 19.48 -6.76
C LYS A 65 15.02 19.44 -6.33
N GLU A 66 14.22 18.65 -7.05
CA GLU A 66 12.80 18.49 -6.71
C GLU A 66 12.64 17.38 -5.68
N ARG A 67 13.32 16.26 -5.94
CA ARG A 67 13.35 15.09 -5.06
C ARG A 67 14.53 14.19 -5.44
N VAL A 68 14.69 13.08 -4.74
CA VAL A 68 15.78 12.15 -4.99
C VAL A 68 15.71 11.59 -6.41
N GLY A 69 16.73 11.88 -7.21
CA GLY A 69 16.80 11.40 -8.58
C GLY A 69 16.36 12.37 -9.65
N GLU A 70 15.82 13.52 -9.25
CA GLU A 70 15.34 14.55 -10.18
C GLU A 70 16.13 15.85 -10.03
N TYR A 71 16.63 16.37 -11.15
CA TYR A 71 17.40 17.61 -11.17
C TYR A 71 16.91 18.59 -12.24
N SER A 72 16.75 19.85 -11.84
CA SER A 72 16.14 20.86 -12.69
C SER A 72 17.02 22.09 -12.92
N LEU A 73 16.97 22.61 -14.14
CA LEU A 73 17.64 23.86 -14.49
C LEU A 73 16.63 24.92 -14.91
N TYR A 74 16.81 26.13 -14.41
CA TYR A 74 15.98 27.25 -14.80
C TYR A 74 16.77 28.23 -15.66
N ILE A 75 16.20 28.59 -16.81
CA ILE A 75 16.73 29.67 -17.64
C ILE A 75 15.64 30.72 -17.85
N GLY A 76 15.69 31.78 -17.03
CA GLY A 76 14.74 32.88 -17.13
C GLY A 76 13.31 32.48 -16.86
N ARG A 77 13.07 31.95 -15.66
CA ARG A 77 11.74 31.48 -15.20
C ARG A 77 11.31 30.14 -15.82
N HIS A 78 11.78 29.86 -17.04
CA HIS A 78 11.43 28.62 -17.74
C HIS A 78 12.23 27.43 -17.19
N LYS A 79 11.58 26.27 -17.15
CA LYS A 79 12.12 25.10 -16.44
C LYS A 79 12.33 23.90 -17.34
N VAL A 80 13.40 23.15 -17.08
CA VAL A 80 13.61 21.81 -17.64
C VAL A 80 13.99 20.84 -16.52
N THR A 81 13.58 19.58 -16.65
CA THR A 81 13.83 18.58 -15.60
C THR A 81 14.26 17.23 -16.17
N SER A 82 15.42 16.75 -15.72
CA SER A 82 15.92 15.44 -16.14
C SER A 82 16.14 14.49 -14.96
N LYS A 83 15.95 13.20 -15.22
CA LYS A 83 15.95 12.18 -14.16
C LYS A 83 17.17 11.27 -14.23
N VAL A 84 17.53 10.67 -13.09
CA VAL A 84 18.60 9.67 -12.99
C VAL A 84 18.48 8.78 -11.75
N ILE A 85 18.98 7.55 -11.86
CA ILE A 85 19.09 6.63 -10.73
C ILE A 85 20.26 7.07 -9.86
N GLU A 86 19.99 7.28 -8.58
CA GLU A 86 21.05 7.66 -7.63
C GLU A 86 20.82 7.07 -6.23
N LYS A 87 21.91 6.85 -5.52
CA LYS A 87 21.86 6.38 -4.13
C LYS A 87 21.47 7.53 -3.21
N PHE A 88 20.73 7.21 -2.15
CA PHE A 88 20.38 8.19 -1.13
C PHE A 88 20.58 7.63 0.28
N PRO A 89 21.43 8.28 1.08
CA PRO A 89 22.19 9.47 0.65
C PRO A 89 23.51 9.09 -0.02
N ALA A 90 24.08 10.04 -0.78
CA ALA A 90 25.35 9.84 -1.48
C ALA A 90 25.90 11.17 -1.97
N PRO A 91 27.23 11.34 -1.91
CA PRO A 91 27.89 12.51 -2.49
C PRO A 91 27.61 12.56 -3.98
N VAL A 92 27.35 13.76 -4.50
CA VAL A 92 27.00 13.93 -5.90
C VAL A 92 27.86 15.02 -6.55
N HIS A 93 28.06 14.88 -7.86
CA HIS A 93 28.80 15.87 -8.65
C HIS A 93 27.95 16.27 -9.86
N ILE A 94 27.54 17.53 -9.90
CA ILE A 94 26.62 18.02 -10.92
C ILE A 94 27.29 19.00 -11.88
N CYS A 95 27.37 18.62 -13.15
CA CYS A 95 27.77 19.54 -14.20
C CYS A 95 26.58 19.83 -15.11
N VAL A 96 26.38 21.10 -15.43
CA VAL A 96 25.27 21.50 -16.29
C VAL A 96 25.71 22.59 -17.28
N SER A 97 25.32 22.40 -18.54
CA SER A 97 25.61 23.38 -19.59
C SER A 97 24.36 23.78 -20.38
N TRP A 98 24.25 25.07 -20.67
CA TRP A 98 23.15 25.57 -21.49
C TRP A 98 23.63 26.43 -22.66
N GLU A 99 23.24 26.03 -23.86
CA GLU A 99 23.62 26.70 -25.10
C GLU A 99 22.48 27.57 -25.58
N SER A 100 22.75 28.86 -25.79
CA SER A 100 21.73 29.82 -26.20
C SER A 100 21.24 29.60 -27.63
N SER A 101 22.15 29.13 -28.48
CA SER A 101 21.87 28.92 -29.90
C SER A 101 20.97 27.72 -30.15
N SER A 102 21.06 26.72 -29.29
CA SER A 102 20.28 25.50 -29.46
C SER A 102 19.33 25.22 -28.28
N GLY A 103 19.49 25.98 -27.20
CA GLY A 103 18.66 25.82 -26.02
C GLY A 103 19.02 24.60 -25.19
N ILE A 104 20.05 23.87 -25.62
CA ILE A 104 20.38 22.56 -25.07
C ILE A 104 20.91 22.59 -23.63
N ALA A 105 20.12 22.03 -22.73
CA ALA A 105 20.52 21.80 -21.35
C ALA A 105 21.20 20.44 -21.26
N GLU A 106 22.44 20.44 -20.76
CA GLU A 106 23.24 19.22 -20.67
C GLU A 106 23.59 18.89 -19.22
N PHE A 107 22.87 17.93 -18.65
CA PHE A 107 23.05 17.52 -17.26
C PHE A 107 24.01 16.33 -17.15
N TRP A 108 24.96 16.43 -16.21
CA TRP A 108 25.93 15.37 -15.93
C TRP A 108 26.01 15.08 -14.43
N ILE A 109 25.41 13.96 -14.01
CA ILE A 109 25.48 13.52 -12.63
C ILE A 109 26.57 12.47 -12.50
N ASN A 110 27.61 12.79 -11.72
CA ASN A 110 28.78 11.92 -11.51
C ASN A 110 29.42 11.40 -12.80
N GLY A 111 29.62 12.29 -13.77
CA GLY A 111 30.26 11.95 -15.02
C GLY A 111 29.41 11.13 -15.99
N THR A 112 28.11 11.07 -15.72
CA THR A 112 27.17 10.36 -16.58
C THR A 112 26.17 11.36 -17.14
N PRO A 113 25.99 11.37 -18.47
CA PRO A 113 25.09 12.34 -19.12
C PRO A 113 23.62 11.97 -18.98
N LEU A 114 22.81 12.89 -18.47
CA LEU A 114 21.37 12.71 -18.39
C LEU A 114 20.74 13.17 -19.69
N VAL A 115 19.52 12.73 -19.95
CA VAL A 115 18.82 13.05 -21.19
C VAL A 115 18.76 14.56 -21.44
N LYS A 116 19.35 14.98 -22.56
CA LYS A 116 19.44 16.40 -22.92
C LYS A 116 18.07 17.06 -23.04
N LYS A 117 17.96 18.28 -22.54
CA LYS A 117 16.72 19.06 -22.61
C LYS A 117 16.94 20.38 -23.33
N GLY A 118 15.86 21.13 -23.55
CA GLY A 118 15.93 22.39 -24.28
C GLY A 118 14.94 23.44 -23.81
N LEU A 119 15.43 24.68 -23.72
CA LEU A 119 14.63 25.81 -23.27
C LEU A 119 15.25 27.16 -23.66
N ARG A 120 14.38 28.13 -23.97
CA ARG A 120 14.77 29.53 -24.22
C ARG A 120 15.83 29.73 -25.32
N GLN A 121 15.48 29.35 -26.54
CA GLN A 121 16.40 29.50 -27.68
C GLN A 121 16.51 30.95 -28.11
N GLY A 122 17.74 31.41 -28.28
CA GLY A 122 18.02 32.79 -28.65
C GLY A 122 17.83 33.77 -27.50
N TYR A 123 18.05 33.29 -26.28
CA TYR A 123 17.89 34.09 -25.07
C TYR A 123 19.23 34.31 -24.40
N PHE A 124 19.41 35.46 -23.77
CA PHE A 124 20.62 35.77 -23.02
C PHE A 124 20.33 35.85 -21.53
N VAL A 125 21.03 35.05 -20.73
CA VAL A 125 20.96 35.18 -19.28
C VAL A 125 21.58 36.50 -18.87
N GLU A 126 20.89 37.25 -18.02
CA GLU A 126 21.22 38.64 -17.74
C GLU A 126 22.47 38.84 -16.87
N ALA A 127 23.18 39.93 -17.14
CA ALA A 127 24.38 40.29 -16.39
C ALA A 127 24.03 40.97 -15.06
N GLN A 128 25.08 41.34 -14.31
CA GLN A 128 24.95 41.94 -12.97
C GLN A 128 24.12 41.06 -12.03
N PRO A 129 24.64 39.87 -11.70
CA PRO A 129 23.91 38.91 -10.86
C PRO A 129 24.22 38.99 -9.37
N LYS A 130 23.34 38.40 -8.57
CA LYS A 130 23.59 38.17 -7.15
C LYS A 130 23.43 36.66 -6.91
N ILE A 131 24.56 36.00 -6.70
CA ILE A 131 24.57 34.54 -6.53
C ILE A 131 24.59 34.16 -5.05
N VAL A 132 23.64 33.32 -4.64
CA VAL A 132 23.61 32.80 -3.27
C VAL A 132 23.76 31.28 -3.23
N LEU A 133 24.28 30.78 -2.11
CA LEU A 133 24.45 29.36 -1.88
C LEU A 133 23.89 28.99 -0.52
N GLY A 134 23.02 27.98 -0.50
CA GLY A 134 22.36 27.57 0.74
C GLY A 134 20.96 28.13 0.88
N GLN A 135 20.61 29.08 0.02
CA GLN A 135 19.27 29.67 -0.03
C GLN A 135 18.74 29.77 -1.45
N GLU A 136 17.45 30.11 -1.57
CA GLU A 136 16.79 30.29 -2.86
C GLU A 136 16.23 31.72 -2.96
N GLN A 137 16.70 32.47 -3.96
CA GLN A 137 16.32 33.87 -4.11
C GLN A 137 14.95 34.03 -4.77
N ASP A 138 14.12 34.92 -4.22
CA ASP A 138 12.84 35.28 -4.84
C ASP A 138 12.77 36.78 -5.15
N SER A 139 13.61 37.56 -4.48
CA SER A 139 13.91 38.93 -4.86
C SER A 139 15.40 39.03 -5.18
N TYR A 140 15.91 40.25 -5.36
CA TYR A 140 17.33 40.44 -5.65
C TYR A 140 18.21 40.32 -4.40
N GLY A 141 18.67 39.09 -4.14
CA GLY A 141 19.52 38.80 -3.00
C GLY A 141 18.76 38.59 -1.69
N GLY A 142 17.44 38.39 -1.79
CA GLY A 142 16.58 38.23 -0.63
C GLY A 142 15.35 37.37 -0.88
N LYS A 143 14.39 37.47 0.04
CA LYS A 143 13.15 36.68 0.01
C LYS A 143 13.43 35.17 -0.06
N PHE A 144 13.75 34.58 1.09
CA PHE A 144 14.17 33.19 1.14
C PHE A 144 13.10 32.26 1.71
N ASP A 145 13.21 30.98 1.35
CA ASP A 145 12.29 29.94 1.81
C ASP A 145 13.01 28.97 2.74
N ARG A 146 12.37 28.68 3.88
CA ARG A 146 12.88 27.70 4.84
C ARG A 146 12.79 26.28 4.28
N SER A 147 11.75 26.02 3.51
CA SER A 147 11.51 24.70 2.92
C SER A 147 12.29 24.44 1.63
N GLN A 148 13.20 25.35 1.29
CA GLN A 148 14.01 25.23 0.07
C GLN A 148 15.50 25.34 0.37
N SER A 149 15.82 25.63 1.64
CA SER A 149 17.19 25.82 2.10
C SER A 149 18.02 24.55 1.93
N PHE A 150 19.33 24.73 1.73
CA PHE A 150 20.25 23.60 1.66
C PHE A 150 20.92 23.35 3.00
N VAL A 151 20.88 22.11 3.45
CA VAL A 151 21.66 21.66 4.60
C VAL A 151 22.50 20.47 4.18
N GLY A 152 23.80 20.60 4.34
CA GLY A 152 24.76 19.60 3.91
C GLY A 152 26.07 20.27 3.53
N GLU A 153 26.84 19.59 2.68
CA GLU A 153 28.16 20.11 2.27
C GLU A 153 28.21 20.45 0.78
N ILE A 154 28.94 21.51 0.43
CA ILE A 154 29.15 21.90 -0.96
C ILE A 154 30.61 22.28 -1.22
N GLY A 155 31.15 21.82 -2.35
CA GLY A 155 32.51 22.14 -2.73
C GLY A 155 32.81 22.04 -4.21
N ASP A 156 34.09 22.25 -4.56
CA ASP A 156 34.61 22.16 -5.93
C ASP A 156 33.70 22.79 -6.99
N LEU A 157 33.27 24.02 -6.74
CA LEU A 157 32.35 24.75 -7.61
C LEU A 157 33.11 25.59 -8.63
N TYR A 158 32.88 25.31 -9.90
CA TYR A 158 33.58 25.98 -11.00
C TYR A 158 32.62 26.39 -12.11
N MET A 159 32.81 27.58 -12.66
CA MET A 159 31.95 28.09 -13.73
C MET A 159 32.70 28.70 -14.91
N TRP A 160 32.42 28.15 -16.09
CA TRP A 160 33.01 28.63 -17.35
C TRP A 160 31.99 29.37 -18.19
N ASP A 161 32.47 30.23 -19.10
CA ASP A 161 31.59 30.95 -20.03
C ASP A 161 31.50 30.24 -21.39
N SER A 162 31.71 28.92 -21.37
CA SER A 162 31.58 28.09 -22.56
C SER A 162 30.99 26.72 -22.18
N VAL A 163 30.36 26.06 -23.15
CA VAL A 163 29.84 24.71 -22.96
C VAL A 163 31.02 23.74 -23.01
N LEU A 164 31.36 23.19 -21.84
CA LEU A 164 32.51 22.31 -21.69
C LEU A 164 32.22 20.95 -22.32
N PRO A 165 33.02 20.56 -23.32
CA PRO A 165 32.85 19.27 -24.00
C PRO A 165 33.09 18.08 -23.08
N PRO A 166 32.31 17.01 -23.26
CA PRO A 166 32.33 15.83 -22.38
C PRO A 166 33.68 15.38 -21.83
N GLU A 167 34.78 15.64 -22.56
CA GLU A 167 36.12 15.28 -22.09
C GLU A 167 36.50 16.05 -20.83
N ASN A 168 36.29 17.37 -20.86
CA ASN A 168 36.63 18.25 -19.75
C ASN A 168 35.64 18.14 -18.58
N ILE A 169 34.43 17.68 -18.89
CA ILE A 169 33.41 17.39 -17.89
C ILE A 169 33.95 16.38 -16.87
N LEU A 170 34.50 15.28 -17.39
CA LEU A 170 35.09 14.21 -16.58
C LEU A 170 36.29 14.69 -15.76
N SER A 171 37.08 15.59 -16.36
CA SER A 171 38.26 16.16 -15.69
C SER A 171 37.86 16.84 -14.37
N ALA A 172 36.73 17.53 -14.38
CA ALA A 172 36.20 18.20 -13.19
C ALA A 172 35.80 17.19 -12.12
N TYR A 173 35.07 16.14 -12.54
CA TYR A 173 34.61 15.08 -11.65
C TYR A 173 35.79 14.35 -11.00
N GLN A 174 36.82 14.05 -11.81
CA GLN A 174 38.00 13.33 -11.34
C GLN A 174 38.87 14.18 -10.40
N GLY A 175 38.56 15.47 -10.30
CA GLY A 175 39.21 16.34 -9.34
C GLY A 175 40.15 17.39 -9.91
N THR A 176 40.45 17.29 -11.21
CA THR A 176 41.39 18.20 -11.87
C THR A 176 40.72 18.96 -13.02
N PRO A 177 39.99 20.03 -12.69
CA PRO A 177 39.21 20.77 -13.69
C PRO A 177 40.03 21.82 -14.42
N LEU A 178 39.51 22.27 -15.55
CA LEU A 178 40.10 23.37 -16.30
C LEU A 178 39.95 24.66 -15.49
N PRO A 179 40.93 25.57 -15.57
CA PRO A 179 40.83 26.87 -14.90
C PRO A 179 39.61 27.65 -15.38
N ALA A 180 38.74 28.01 -14.44
CA ALA A 180 37.48 28.69 -14.75
C ALA A 180 37.64 30.20 -14.86
N ASN A 181 36.67 30.85 -15.50
CA ASN A 181 36.72 32.31 -15.71
C ASN A 181 35.60 33.09 -15.00
N ILE A 182 34.45 32.46 -14.80
CA ILE A 182 33.34 33.11 -14.09
C ILE A 182 33.47 32.92 -12.57
N LEU A 183 33.45 31.66 -12.13
CA LEU A 183 33.62 31.34 -10.72
C LEU A 183 34.68 30.25 -10.54
N ASP A 184 35.68 30.56 -9.73
CA ASP A 184 36.80 29.65 -9.45
C ASP A 184 36.83 29.29 -7.98
N TRP A 185 36.78 27.98 -7.68
CA TRP A 185 36.88 27.49 -6.31
C TRP A 185 38.30 27.66 -5.76
N GLN A 186 39.28 27.75 -6.66
CA GLN A 186 40.67 28.00 -6.31
C GLN A 186 40.89 29.47 -5.92
N ALA A 187 40.08 30.35 -6.51
CA ALA A 187 40.12 31.79 -6.21
C ALA A 187 38.71 32.36 -6.17
N LEU A 188 38.07 32.24 -5.01
CA LEU A 188 36.67 32.60 -4.85
C LEU A 188 36.48 33.91 -4.08
N ASN A 189 35.53 34.72 -4.55
CA ASN A 189 35.08 35.90 -3.82
C ASN A 189 33.68 35.63 -3.28
N TYR A 190 33.59 35.38 -1.98
CA TYR A 190 32.34 34.97 -1.34
C TYR A 190 32.05 35.79 -0.08
N GLU A 191 30.85 35.59 0.47
CA GLU A 191 30.44 36.25 1.70
C GLU A 191 29.53 35.36 2.55
N ILE A 192 29.98 35.08 3.77
CA ILE A 192 29.22 34.29 4.73
C ILE A 192 28.33 35.19 5.57
N ARG A 193 27.04 34.87 5.60
CA ARG A 193 26.08 35.56 6.45
C ARG A 193 25.15 34.56 7.14
N GLY A 194 25.44 34.29 8.42
CA GLY A 194 24.68 33.32 9.19
C GLY A 194 25.54 32.13 9.57
N TYR A 195 24.87 31.08 10.04
CA TYR A 195 25.55 29.86 10.48
C TYR A 195 25.95 28.95 9.32
N VAL A 196 27.17 29.17 8.82
CA VAL A 196 27.78 28.31 7.79
C VAL A 196 29.30 28.31 7.97
N ILE A 197 29.87 27.11 8.09
CA ILE A 197 31.28 26.95 8.47
C ILE A 197 32.16 26.40 7.35
N ILE A 198 33.46 26.63 7.48
CA ILE A 198 34.47 26.09 6.58
C ILE A 198 35.09 24.83 7.19
N LYS A 199 35.16 23.77 6.39
CA LYS A 199 35.73 22.49 6.83
C LYS A 199 36.41 21.80 5.64
N PRO A 200 37.38 20.91 5.91
CA PRO A 200 38.03 20.15 4.84
C PRO A 200 37.13 19.10 4.21
N LEU A 201 37.35 18.81 2.93
CA LEU A 201 36.58 17.81 2.19
C LEU A 201 37.03 16.39 2.56
N VAL A 202 36.18 15.68 3.29
CA VAL A 202 36.52 14.36 3.81
C VAL A 202 35.81 13.22 3.09
N TRP A 203 34.79 13.57 2.30
CA TRP A 203 33.91 12.57 1.69
C TRP A 203 34.27 12.15 0.27
N VAL A 204 35.51 12.42 -0.13
CA VAL A 204 36.08 11.84 -1.34
C VAL A 204 37.47 11.29 -0.99
N HIS B 1 41.12 -1.32 36.81
CA HIS B 1 41.06 -1.26 35.32
C HIS B 1 41.36 -2.62 34.70
N THR B 2 40.59 -2.99 33.67
CA THR B 2 40.72 -4.30 33.02
C THR B 2 40.75 -4.23 31.49
N ASP B 3 41.56 -5.11 30.90
CA ASP B 3 41.71 -5.19 29.45
C ASP B 3 40.57 -6.01 28.82
N LEU B 4 39.85 -5.38 27.90
CA LEU B 4 38.66 -5.98 27.30
C LEU B 4 38.85 -6.24 25.80
N SER B 5 40.10 -6.40 25.39
CA SER B 5 40.46 -6.63 23.99
C SER B 5 39.93 -7.97 23.48
N GLY B 6 39.16 -7.90 22.39
CA GLY B 6 38.55 -9.08 21.80
C GLY B 6 37.41 -9.62 22.63
N LYS B 7 36.80 -8.76 23.44
CA LYS B 7 35.66 -9.11 24.27
C LYS B 7 34.60 -8.02 24.19
N VAL B 8 33.33 -8.41 24.36
CA VAL B 8 32.23 -7.47 24.20
C VAL B 8 31.23 -7.49 25.35
N PHE B 9 30.57 -6.35 25.57
CA PHE B 9 29.45 -6.25 26.50
C PHE B 9 28.18 -6.68 25.77
N VAL B 10 27.66 -7.84 26.12
CA VAL B 10 26.38 -8.29 25.57
C VAL B 10 25.23 -8.01 26.54
N PHE B 11 24.26 -7.25 26.04
CA PHE B 11 23.00 -7.05 26.75
C PHE B 11 22.01 -8.03 26.12
N PRO B 12 21.76 -9.14 26.80
CA PRO B 12 21.09 -10.29 26.18
C PRO B 12 19.56 -10.28 26.29
N ARG B 13 18.99 -9.30 26.98
CA ARG B 13 17.53 -9.25 27.17
C ARG B 13 16.99 -7.84 27.26
N GLU B 14 15.76 -7.65 26.77
CA GLU B 14 15.02 -6.41 26.96
C GLU B 14 14.68 -6.29 28.44
N SER B 15 15.03 -5.15 29.03
CA SER B 15 14.85 -4.93 30.45
C SER B 15 14.62 -3.46 30.79
N VAL B 16 14.46 -3.20 32.07
CA VAL B 16 14.35 -1.84 32.60
C VAL B 16 15.43 -1.62 33.68
N THR B 17 16.22 -2.67 33.95
CA THR B 17 17.23 -2.64 35.00
C THR B 17 18.67 -2.82 34.48
N ASP B 18 18.88 -3.77 33.58
CA ASP B 18 20.21 -4.17 33.15
C ASP B 18 20.96 -3.06 32.42
N HIS B 19 22.07 -2.63 33.02
CA HIS B 19 22.93 -1.60 32.43
C HIS B 19 24.38 -1.72 32.89
N VAL B 20 25.26 -0.95 32.24
CA VAL B 20 26.68 -0.92 32.59
C VAL B 20 27.13 0.52 32.87
N ASN B 21 27.58 0.76 34.10
CA ASN B 21 28.05 2.09 34.50
C ASN B 21 29.52 2.31 34.15
N LEU B 22 29.81 3.47 33.55
CA LEU B 22 31.16 3.86 33.20
C LEU B 22 31.60 5.10 33.98
N ILE B 23 32.64 4.95 34.80
CA ILE B 23 33.20 6.07 35.55
C ILE B 23 34.59 6.44 35.02
N THR B 24 34.70 7.66 34.51
CA THR B 24 35.92 8.14 33.84
C THR B 24 36.61 9.21 34.68
N PRO B 25 37.95 9.29 34.59
CA PRO B 25 38.73 10.32 35.28
C PRO B 25 38.48 11.76 34.79
N LEU B 26 37.31 12.00 34.21
CA LEU B 26 36.90 13.31 33.72
C LEU B 26 36.53 14.24 34.87
N GLU B 27 37.21 15.37 34.95
CA GLU B 27 36.95 16.37 36.00
C GLU B 27 36.82 17.77 35.40
N LYS B 28 37.03 17.87 34.09
CA LYS B 28 36.94 19.15 33.38
C LYS B 28 35.83 19.10 32.33
N PRO B 29 35.11 20.21 32.15
CA PRO B 29 34.08 20.32 31.10
C PRO B 29 34.65 20.05 29.71
N LEU B 30 33.90 19.33 28.88
CA LEU B 30 34.37 18.90 27.57
C LEU B 30 34.20 19.96 26.49
N GLN B 31 35.31 20.30 25.85
CA GLN B 31 35.36 21.30 24.78
C GLN B 31 35.33 20.61 23.42
N ASN B 32 36.34 19.78 23.18
CA ASN B 32 36.39 18.91 22.01
C ASN B 32 36.36 17.44 22.47
N PHE B 33 35.82 16.56 21.63
CA PHE B 33 35.78 15.14 21.94
C PHE B 33 35.43 14.25 20.74
N THR B 34 35.75 12.97 20.86
CA THR B 34 35.38 11.95 19.89
C THR B 34 35.00 10.67 20.65
N LEU B 35 33.86 10.10 20.30
CA LEU B 35 33.44 8.81 20.85
C LEU B 35 33.32 7.78 19.73
N CYS B 36 33.95 6.62 19.94
CA CYS B 36 33.98 5.57 18.93
C CYS B 36 33.81 4.18 19.55
N PHE B 37 33.00 3.35 18.90
CA PHE B 37 32.71 1.99 19.38
C PHE B 37 32.12 1.08 18.31
N ARG B 38 31.91 -0.18 18.68
CA ARG B 38 31.29 -1.18 17.81
C ARG B 38 30.00 -1.69 18.44
N ALA B 39 29.00 -1.95 17.61
CA ALA B 39 27.71 -2.43 18.09
C ALA B 39 27.03 -3.37 17.08
N TYR B 40 26.42 -4.42 17.61
CA TYR B 40 25.73 -5.41 16.79
C TYR B 40 24.43 -5.85 17.48
N SER B 41 23.31 -5.44 16.88
CA SER B 41 21.98 -5.72 17.43
C SER B 41 20.95 -5.81 16.32
N ASP B 42 19.98 -6.72 16.48
CA ASP B 42 18.89 -6.83 15.53
C ASP B 42 17.59 -6.17 16.04
N LEU B 43 17.75 -5.18 16.91
CA LEU B 43 16.63 -4.40 17.41
C LEU B 43 16.10 -3.47 16.32
N SER B 44 14.78 -3.46 16.14
CA SER B 44 14.15 -2.67 15.06
C SER B 44 13.62 -1.32 15.52
N ARG B 45 13.21 -1.23 16.79
CA ARG B 45 12.72 0.00 17.38
C ARG B 45 13.86 0.91 17.87
N ALA B 46 13.50 2.10 18.32
CA ALA B 46 14.47 3.08 18.82
C ALA B 46 15.18 2.61 20.08
N TYR B 47 16.49 2.89 20.16
CA TYR B 47 17.28 2.56 21.34
C TYR B 47 18.44 3.54 21.57
N SER B 48 19.00 3.51 22.78
CA SER B 48 20.13 4.35 23.15
C SER B 48 21.45 3.56 23.15
N LEU B 49 22.48 4.14 22.55
CA LEU B 49 23.81 3.53 22.51
C LEU B 49 24.68 3.98 23.70
N PHE B 50 24.75 5.29 23.90
CA PHE B 50 25.64 5.88 24.90
C PHE B 50 24.97 7.06 25.60
N SER B 51 24.74 6.91 26.91
CA SER B 51 24.08 7.94 27.71
C SER B 51 25.05 8.67 28.64
N TYR B 52 24.97 10.00 28.62
CA TYR B 52 25.88 10.87 29.36
C TYR B 52 25.04 11.95 30.05
N ASN B 53 24.87 11.81 31.36
CA ASN B 53 24.02 12.69 32.15
C ASN B 53 24.76 13.31 33.34
N THR B 54 24.40 14.55 33.67
CA THR B 54 24.95 15.25 34.84
C THR B 54 23.84 15.74 35.77
N GLN B 55 24.21 16.17 36.96
CA GLN B 55 23.24 16.60 37.97
C GLN B 55 22.38 17.77 37.47
N GLY B 56 21.07 17.53 37.42
CA GLY B 56 20.11 18.55 37.00
C GLY B 56 20.00 18.73 35.49
N ARG B 57 20.84 18.03 34.74
CA ARG B 57 20.86 18.18 33.29
C ARG B 57 20.53 16.90 32.54
N ASP B 58 19.49 16.98 31.70
CA ASP B 58 19.06 15.86 30.88
C ASP B 58 19.84 15.81 29.57
N ASN B 59 20.18 14.60 29.15
CA ASN B 59 20.84 14.30 27.86
C ASN B 59 21.91 15.31 27.40
N GLU B 60 22.85 15.60 28.30
CA GLU B 60 23.98 16.47 28.00
C GLU B 60 24.78 15.97 26.80
N LEU B 61 24.89 14.66 26.68
CA LEU B 61 25.46 13.99 25.52
C LEU B 61 24.81 12.63 25.35
N LEU B 62 24.19 12.39 24.19
CA LEU B 62 23.51 11.12 23.93
C LEU B 62 23.72 10.61 22.50
N VAL B 63 24.25 9.40 22.39
CA VAL B 63 24.35 8.73 21.09
C VAL B 63 23.13 7.80 20.95
N TYR B 64 22.26 8.15 20.02
CA TYR B 64 20.92 7.56 19.93
C TYR B 64 20.62 7.10 18.53
N LYS B 65 19.91 5.98 18.41
CA LYS B 65 19.47 5.49 17.11
C LYS B 65 17.94 5.51 17.01
N GLU B 66 17.42 6.47 16.25
CA GLU B 66 15.97 6.63 16.06
C GLU B 66 15.39 5.43 15.33
N ARG B 67 15.98 5.10 14.19
CA ARG B 67 15.58 3.94 13.38
C ARG B 67 16.79 3.40 12.62
N VAL B 68 16.53 2.50 11.66
CA VAL B 68 17.58 1.94 10.82
C VAL B 68 18.11 3.00 9.84
N GLY B 69 19.42 3.20 9.86
CA GLY B 69 20.08 4.14 8.98
C GLY B 69 19.92 5.61 9.35
N GLU B 70 19.80 5.90 10.64
CA GLU B 70 19.62 7.27 11.13
C GLU B 70 20.20 7.44 12.53
N TYR B 71 21.34 8.13 12.61
CA TYR B 71 22.05 8.30 13.88
C TYR B 71 21.97 9.72 14.42
N SER B 72 21.40 9.85 15.61
CA SER B 72 21.19 11.14 16.25
C SER B 72 22.24 11.45 17.32
N LEU B 73 22.48 12.73 17.55
CA LEU B 73 23.34 13.18 18.63
C LEU B 73 22.71 14.30 19.45
N TYR B 74 22.50 14.05 20.73
CA TYR B 74 21.98 15.04 21.66
C TYR B 74 23.14 15.68 22.41
N ILE B 75 23.20 17.01 22.37
CA ILE B 75 24.19 17.79 23.13
C ILE B 75 23.48 18.92 23.87
N GLY B 76 23.37 18.78 25.19
CA GLY B 76 22.67 19.75 26.04
C GLY B 76 21.23 19.98 25.63
N ARG B 77 20.51 18.87 25.40
CA ARG B 77 19.11 18.86 24.97
C ARG B 77 18.87 19.14 23.47
N HIS B 78 19.83 19.79 22.82
CA HIS B 78 19.80 20.03 21.37
C HIS B 78 19.92 18.70 20.61
N LYS B 79 19.44 18.67 19.37
CA LYS B 79 19.43 17.44 18.58
C LYS B 79 19.90 17.63 17.15
N VAL B 80 20.74 16.70 16.67
CA VAL B 80 21.13 16.63 15.26
C VAL B 80 21.04 15.18 14.76
N THR B 81 20.67 15.01 13.50
CA THR B 81 20.49 13.68 12.90
C THR B 81 21.05 13.60 11.48
N SER B 82 21.75 12.51 11.19
CA SER B 82 22.24 12.22 9.84
C SER B 82 21.84 10.81 9.40
N LYS B 83 21.53 10.66 8.11
CA LYS B 83 21.11 9.37 7.56
C LYS B 83 22.23 8.68 6.79
N VAL B 84 22.16 7.35 6.68
CA VAL B 84 23.08 6.59 5.84
C VAL B 84 22.48 5.26 5.37
N ILE B 85 23.01 4.74 4.25
CA ILE B 85 22.66 3.43 3.76
C ILE B 85 23.38 2.35 4.56
N GLU B 86 22.62 1.43 5.15
CA GLU B 86 23.18 0.29 5.89
C GLU B 86 22.25 -0.92 5.90
N LYS B 87 22.85 -2.10 6.04
CA LYS B 87 22.11 -3.36 6.04
C LYS B 87 21.57 -3.66 7.43
N PHE B 88 20.44 -4.37 7.48
CA PHE B 88 19.81 -4.74 8.76
C PHE B 88 19.29 -6.17 8.77
N PRO B 89 19.73 -6.97 9.74
CA PRO B 89 20.72 -6.54 10.73
C PRO B 89 22.17 -6.76 10.29
N ALA B 90 23.07 -5.92 10.81
CA ALA B 90 24.49 -5.97 10.50
C ALA B 90 25.28 -5.21 11.56
N PRO B 91 26.49 -5.66 11.87
CA PRO B 91 27.34 -4.98 12.85
C PRO B 91 27.76 -3.60 12.34
N VAL B 92 27.92 -2.65 13.26
CA VAL B 92 28.23 -1.28 12.89
C VAL B 92 29.40 -0.71 13.69
N HIS B 93 30.15 0.19 13.08
CA HIS B 93 31.18 0.96 13.76
C HIS B 93 30.71 2.41 13.80
N ILE B 94 30.40 2.89 14.99
CA ILE B 94 29.92 4.26 15.19
C ILE B 94 31.02 5.17 15.72
N CYS B 95 31.20 6.31 15.06
CA CYS B 95 32.13 7.34 15.49
C CYS B 95 31.45 8.70 15.48
N VAL B 96 31.57 9.42 16.58
CA VAL B 96 31.01 10.77 16.66
C VAL B 96 31.97 11.75 17.33
N SER B 97 32.30 12.82 16.62
CA SER B 97 33.13 13.89 17.16
C SER B 97 32.40 15.23 17.11
N TRP B 98 32.64 16.07 18.12
CA TRP B 98 31.99 17.38 18.19
C TRP B 98 32.98 18.47 18.57
N GLU B 99 32.96 19.56 17.81
CA GLU B 99 33.78 20.74 18.08
C GLU B 99 32.91 21.83 18.70
N SER B 100 33.46 22.53 19.70
CA SER B 100 32.74 23.59 20.39
C SER B 100 32.76 24.90 19.61
N SER B 101 33.92 25.23 19.04
CA SER B 101 34.13 26.48 18.30
C SER B 101 33.23 26.59 17.06
N SER B 102 33.11 25.50 16.31
CA SER B 102 32.33 25.48 15.08
C SER B 102 30.94 24.86 15.26
N GLY B 103 30.76 24.12 16.35
CA GLY B 103 29.51 23.44 16.64
C GLY B 103 29.28 22.20 15.80
N ILE B 104 30.29 21.83 15.02
CA ILE B 104 30.17 20.74 14.03
C ILE B 104 30.25 19.34 14.64
N ALA B 105 29.16 18.59 14.46
CA ALA B 105 29.12 17.18 14.84
C ALA B 105 29.48 16.31 13.63
N GLU B 106 30.51 15.48 13.78
CA GLU B 106 30.99 14.61 12.72
C GLU B 106 30.54 13.17 12.98
N PHE B 107 29.87 12.57 12.00
CA PHE B 107 29.40 11.20 12.11
C PHE B 107 30.12 10.30 11.13
N TRP B 108 30.64 9.18 11.63
CA TRP B 108 31.32 8.20 10.81
C TRP B 108 30.74 6.82 11.04
N ILE B 109 30.30 6.20 9.96
CA ILE B 109 29.74 4.85 10.01
C ILE B 109 30.55 3.94 9.08
N ASN B 110 31.08 2.86 9.63
CA ASN B 110 31.91 1.88 8.90
C ASN B 110 33.10 2.50 8.15
N GLY B 111 33.65 3.58 8.70
CA GLY B 111 34.77 4.28 8.09
C GLY B 111 34.37 5.31 7.06
N THR B 112 33.09 5.36 6.73
CA THR B 112 32.55 6.33 5.79
C THR B 112 32.01 7.54 6.55
N PRO B 113 32.30 8.75 6.07
CA PRO B 113 31.81 9.97 6.72
C PRO B 113 30.37 10.30 6.34
N LEU B 114 29.59 10.72 7.32
CA LEU B 114 28.21 11.17 7.08
C LEU B 114 28.13 12.69 7.04
N VAL B 115 26.98 13.19 6.60
CA VAL B 115 26.73 14.63 6.49
C VAL B 115 27.03 15.33 7.81
N LYS B 116 27.92 16.31 7.73
CA LYS B 116 28.27 17.14 8.88
C LYS B 116 27.05 17.92 9.36
N LYS B 117 26.85 17.94 10.67
CA LYS B 117 25.77 18.71 11.28
C LYS B 117 26.35 19.69 12.30
N GLY B 118 25.54 20.62 12.79
CA GLY B 118 26.00 21.64 13.71
C GLY B 118 25.00 21.99 14.79
N LEU B 119 25.50 22.17 16.01
CA LEU B 119 24.68 22.51 17.17
C LEU B 119 25.50 23.06 18.33
N ARG B 120 24.89 23.94 19.11
CA ARG B 120 25.44 24.46 20.37
C ARG B 120 26.83 25.10 20.23
N GLN B 121 26.93 26.12 19.41
CA GLN B 121 28.19 26.83 19.21
C GLN B 121 28.61 27.59 20.47
N GLY B 122 29.82 27.33 20.94
CA GLY B 122 30.34 27.96 22.15
C GLY B 122 29.75 27.41 23.44
N TYR B 123 29.48 26.10 23.44
CA TYR B 123 28.85 25.44 24.58
C TYR B 123 29.78 24.40 25.21
N PHE B 124 29.79 24.36 26.54
CA PHE B 124 30.57 23.37 27.29
C PHE B 124 29.67 22.24 27.80
N VAL B 125 30.01 21.00 27.45
CA VAL B 125 29.31 19.84 28.00
C VAL B 125 29.81 19.56 29.42
N GLU B 126 28.86 19.31 30.33
CA GLU B 126 29.12 19.27 31.77
C GLU B 126 30.15 18.24 32.23
N ALA B 127 30.74 18.50 33.40
CA ALA B 127 31.73 17.63 34.02
C ALA B 127 31.13 16.75 35.12
N GLN B 128 31.89 15.77 35.59
CA GLN B 128 31.48 14.80 36.61
C GLN B 128 30.13 14.14 36.29
N PRO B 129 30.12 13.29 35.25
CA PRO B 129 28.88 12.69 34.76
C PRO B 129 28.60 11.29 35.32
N LYS B 130 27.47 10.73 34.91
CA LYS B 130 27.13 9.33 35.16
C LYS B 130 26.81 8.71 33.81
N ILE B 131 27.72 7.87 33.32
CA ILE B 131 27.59 7.26 31.99
C ILE B 131 27.07 5.83 32.08
N VAL B 132 25.95 5.56 31.43
CA VAL B 132 25.41 4.21 31.39
C VAL B 132 25.35 3.63 29.98
N LEU B 133 25.51 2.31 29.90
CA LEU B 133 25.42 1.57 28.65
C LEU B 133 24.26 0.59 28.73
N GLY B 134 23.51 0.47 27.64
CA GLY B 134 22.39 -0.45 27.57
C GLY B 134 21.05 0.15 27.95
N GLN B 135 21.07 1.33 28.59
CA GLN B 135 19.85 2.03 28.98
C GLN B 135 19.97 3.54 28.74
N GLU B 136 18.83 4.22 28.78
CA GLU B 136 18.77 5.67 28.60
C GLU B 136 18.42 6.37 29.91
N GLN B 137 19.13 7.47 30.19
CA GLN B 137 18.98 8.18 31.46
C GLN B 137 18.05 9.39 31.38
N ASP B 138 16.97 9.34 32.15
CA ASP B 138 16.06 10.47 32.31
C ASP B 138 16.39 11.26 33.56
N SER B 139 17.10 10.61 34.49
CA SER B 139 17.57 11.26 35.72
C SER B 139 19.07 11.01 35.94
N TYR B 140 19.55 11.36 37.13
CA TYR B 140 20.98 11.23 37.46
C TYR B 140 21.37 9.78 37.78
N GLY B 141 21.58 8.99 36.72
CA GLY B 141 21.99 7.61 36.86
C GLY B 141 20.86 6.60 36.89
N GLY B 142 19.62 7.08 36.80
CA GLY B 142 18.45 6.23 36.85
C GLY B 142 17.34 6.65 35.90
N LYS B 143 16.10 6.32 36.29
CA LYS B 143 14.90 6.60 35.50
C LYS B 143 15.01 6.07 34.06
N PHE B 144 15.14 4.76 33.93
CA PHE B 144 15.28 4.13 32.63
C PHE B 144 13.94 3.91 31.94
N ASP B 145 13.96 3.97 30.61
CA ASP B 145 12.80 3.62 29.79
C ASP B 145 13.06 2.27 29.14
N ARG B 146 12.08 1.37 29.25
CA ARG B 146 12.20 0.01 28.73
C ARG B 146 12.24 -0.04 27.20
N SER B 147 11.51 0.89 26.56
CA SER B 147 11.45 0.97 25.10
C SER B 147 12.67 1.66 24.48
N GLN B 148 13.55 2.18 25.34
CA GLN B 148 14.77 2.84 24.88
C GLN B 148 16.01 2.01 25.20
N SER B 149 15.80 0.89 25.90
CA SER B 149 16.86 0.02 26.36
C SER B 149 17.55 -0.72 25.21
N PHE B 150 18.88 -0.69 25.21
CA PHE B 150 19.67 -1.38 24.20
C PHE B 150 19.84 -2.86 24.54
N VAL B 151 19.49 -3.72 23.59
CA VAL B 151 19.73 -5.15 23.70
C VAL B 151 20.51 -5.65 22.49
N GLY B 152 21.72 -6.15 22.74
CA GLY B 152 22.62 -6.60 21.68
C GLY B 152 24.05 -6.79 22.17
N GLU B 153 25.01 -6.38 21.35
CA GLU B 153 26.43 -6.56 21.65
C GLU B 153 27.23 -5.28 21.38
N ILE B 154 27.69 -4.63 22.44
CA ILE B 154 28.54 -3.45 22.31
C ILE B 154 30.00 -3.81 22.58
N GLY B 155 30.92 -3.11 21.92
CA GLY B 155 32.34 -3.35 22.11
C GLY B 155 33.25 -2.24 21.60
N ASP B 156 34.56 -2.45 21.77
CA ASP B 156 35.61 -1.51 21.33
C ASP B 156 35.29 -0.04 21.61
N LEU B 157 34.80 0.24 22.82
CA LEU B 157 34.42 1.60 23.19
C LEU B 157 35.65 2.43 23.53
N TYR B 158 35.79 3.56 22.85
CA TYR B 158 36.89 4.48 23.06
C TYR B 158 36.39 5.92 22.99
N MET B 159 36.95 6.78 23.84
CA MET B 159 36.63 8.21 23.84
C MET B 159 37.88 9.07 24.01
N TRP B 160 37.99 10.09 23.18
CA TRP B 160 39.12 11.02 23.23
C TRP B 160 38.69 12.42 23.64
N ASP B 161 39.67 13.25 24.03
CA ASP B 161 39.43 14.64 24.40
C ASP B 161 39.67 15.59 23.23
N SER B 162 39.92 15.02 22.04
CA SER B 162 40.18 15.79 20.84
C SER B 162 39.29 15.33 19.70
N VAL B 163 39.06 16.23 18.73
CA VAL B 163 38.33 15.87 17.51
C VAL B 163 39.28 15.08 16.60
N LEU B 164 38.89 13.85 16.30
CA LEU B 164 39.75 12.94 15.53
C LEU B 164 39.70 13.23 14.03
N PRO B 165 40.88 13.47 13.44
CA PRO B 165 40.99 13.61 11.99
C PRO B 165 40.73 12.29 11.26
N PRO B 166 40.38 12.34 9.97
CA PRO B 166 39.95 11.13 9.23
C PRO B 166 40.89 9.94 9.37
N GLU B 167 42.20 10.16 9.24
CA GLU B 167 43.21 9.09 9.33
C GLU B 167 43.07 8.29 10.63
N ASN B 168 42.82 8.99 11.73
CA ASN B 168 42.69 8.36 13.05
C ASN B 168 41.38 7.60 13.22
N ILE B 169 40.34 8.06 12.54
CA ILE B 169 39.03 7.40 12.57
C ILE B 169 39.11 6.04 11.88
N LEU B 170 39.73 6.02 10.69
CA LEU B 170 39.97 4.80 9.93
C LEU B 170 40.80 3.80 10.72
N SER B 171 41.76 4.31 11.48
CA SER B 171 42.62 3.50 12.35
C SER B 171 41.80 2.75 13.39
N ALA B 172 40.77 3.40 13.92
CA ALA B 172 39.88 2.80 14.91
C ALA B 172 39.02 1.69 14.31
N TYR B 173 38.60 1.88 13.06
CA TYR B 173 37.75 0.91 12.35
C TYR B 173 38.46 -0.41 12.04
N GLN B 174 39.73 -0.34 11.67
CA GLN B 174 40.52 -1.54 11.37
C GLN B 174 40.78 -2.42 12.59
N GLY B 175 40.69 -1.83 13.78
CA GLY B 175 40.92 -2.53 15.03
C GLY B 175 42.22 -2.16 15.73
N THR B 176 42.91 -1.16 15.21
CA THR B 176 44.15 -0.65 15.84
C THR B 176 43.96 0.82 16.27
N PRO B 177 43.26 1.02 17.38
CA PRO B 177 42.86 2.37 17.81
C PRO B 177 43.98 3.11 18.53
N LEU B 178 43.86 4.44 18.58
CA LEU B 178 44.83 5.28 19.26
C LEU B 178 44.52 5.35 20.76
N PRO B 179 45.55 5.48 21.60
CA PRO B 179 45.38 5.56 23.06
C PRO B 179 44.40 6.65 23.50
N ALA B 180 43.29 6.21 24.12
CA ALA B 180 42.21 7.10 24.55
C ALA B 180 42.45 7.67 25.94
N ASN B 181 41.98 8.89 26.15
CA ASN B 181 42.23 9.63 27.39
C ASN B 181 41.06 9.60 28.38
N ILE B 182 39.84 9.68 27.87
CA ILE B 182 38.65 9.70 28.72
C ILE B 182 38.16 8.29 29.00
N LEU B 183 37.85 7.54 27.94
CA LEU B 183 37.35 6.18 28.08
C LEU B 183 38.08 5.23 27.13
N ASP B 184 38.70 4.20 27.71
CA ASP B 184 39.51 3.25 26.95
C ASP B 184 39.03 1.82 27.18
N TRP B 185 38.94 1.05 26.10
CA TRP B 185 38.48 -0.33 26.14
C TRP B 185 39.53 -1.26 26.75
N GLN B 186 40.81 -0.93 26.55
CA GLN B 186 41.91 -1.72 27.08
C GLN B 186 42.20 -1.41 28.55
N ALA B 187 41.53 -0.37 29.07
CA ALA B 187 41.61 0.01 30.48
C ALA B 187 40.30 0.67 30.92
N LEU B 188 39.34 -0.14 31.31
CA LEU B 188 37.99 0.34 31.61
C LEU B 188 37.55 0.12 33.06
N ASN B 189 37.11 1.20 33.70
CA ASN B 189 36.45 1.16 35.00
C ASN B 189 34.95 1.04 34.80
N TYR B 190 34.40 -0.15 35.09
CA TYR B 190 32.98 -0.40 34.85
C TYR B 190 32.25 -1.05 36.02
N GLU B 191 30.98 -0.68 36.18
CA GLU B 191 30.10 -1.30 37.15
C GLU B 191 29.02 -2.10 36.41
N ILE B 192 28.90 -3.38 36.74
CA ILE B 192 27.87 -4.24 36.13
C ILE B 192 26.62 -4.30 37.02
N ARG B 193 25.47 -4.07 36.39
CA ARG B 193 24.18 -4.12 37.08
C ARG B 193 23.22 -5.03 36.31
N GLY B 194 22.62 -5.97 37.04
CA GLY B 194 21.66 -6.90 36.46
C GLY B 194 22.27 -7.89 35.47
N TYR B 195 21.48 -8.24 34.46
CA TYR B 195 21.88 -9.23 33.45
C TYR B 195 22.72 -8.60 32.33
N VAL B 196 24.02 -8.87 32.38
CA VAL B 196 24.97 -8.44 31.35
C VAL B 196 26.24 -9.30 31.42
N ILE B 197 26.50 -10.03 30.34
CA ILE B 197 27.62 -10.97 30.28
C ILE B 197 28.75 -10.41 29.42
N ILE B 198 29.98 -10.85 29.69
CA ILE B 198 31.14 -10.51 28.87
C ILE B 198 31.61 -11.73 28.09
N LYS B 199 31.36 -11.72 26.78
CA LYS B 199 31.77 -12.82 25.91
C LYS B 199 32.76 -12.34 24.85
N PRO B 200 33.51 -13.27 24.24
CA PRO B 200 34.45 -12.92 23.16
C PRO B 200 33.76 -12.30 21.95
N LEU B 201 34.51 -11.49 21.21
CA LEU B 201 34.02 -10.84 20.00
C LEU B 201 34.21 -11.74 18.79
N VAL B 202 33.08 -12.17 18.21
CA VAL B 202 33.10 -13.09 17.08
C VAL B 202 32.67 -12.43 15.77
N TRP B 203 31.77 -11.45 15.86
CA TRP B 203 31.19 -10.81 14.69
C TRP B 203 32.11 -9.77 14.02
N VAL B 204 33.41 -9.91 14.26
CA VAL B 204 34.43 -9.11 13.59
C VAL B 204 35.55 -10.04 13.09
N HIS C 1 22.45 -48.41 14.67
CA HIS C 1 22.81 -47.02 14.26
C HIS C 1 23.35 -46.98 12.84
N THR C 2 23.02 -45.92 12.10
CA THR C 2 23.29 -45.86 10.67
C THR C 2 24.05 -44.61 10.19
N ASP C 3 24.92 -44.82 9.22
CA ASP C 3 25.72 -43.78 8.59
C ASP C 3 24.87 -43.04 7.54
N LEU C 4 24.55 -41.78 7.86
CA LEU C 4 23.67 -40.99 7.01
C LEU C 4 24.42 -39.97 6.13
N SER C 5 25.72 -40.19 5.95
CA SER C 5 26.59 -39.27 5.23
C SER C 5 26.14 -39.09 3.79
N GLY C 6 25.87 -37.85 3.43
CA GLY C 6 25.44 -37.51 2.08
C GLY C 6 24.03 -37.94 1.78
N LYS C 7 23.18 -37.95 2.82
CA LYS C 7 21.76 -38.26 2.70
C LYS C 7 20.97 -37.30 3.57
N VAL C 8 19.69 -37.07 3.20
CA VAL C 8 18.77 -36.24 3.98
C VAL C 8 17.44 -36.93 4.27
N PHE C 9 16.80 -36.48 5.34
CA PHE C 9 15.40 -36.78 5.59
C PHE C 9 14.58 -35.82 4.74
N VAL C 10 13.67 -36.35 3.93
CA VAL C 10 12.76 -35.50 3.19
C VAL C 10 11.32 -35.64 3.69
N PHE C 11 10.73 -34.51 4.06
CA PHE C 11 9.35 -34.46 4.52
C PHE C 11 8.53 -33.87 3.38
N PRO C 12 8.01 -34.74 2.52
CA PRO C 12 7.54 -34.34 1.21
C PRO C 12 6.14 -33.70 1.17
N ARG C 13 5.35 -33.84 2.24
CA ARG C 13 4.04 -33.21 2.32
C ARG C 13 3.83 -32.55 3.67
N GLU C 14 2.92 -31.57 3.72
CA GLU C 14 2.49 -31.01 4.99
C GLU C 14 1.41 -31.94 5.59
N SER C 15 1.57 -32.25 6.88
CA SER C 15 0.71 -33.23 7.54
C SER C 15 0.77 -33.10 9.05
N VAL C 16 -0.01 -33.94 9.73
CA VAL C 16 0.10 -34.09 11.17
C VAL C 16 0.62 -35.51 11.51
N THR C 17 1.04 -36.21 10.46
CA THR C 17 1.43 -37.62 10.51
C THR C 17 2.95 -37.78 10.54
N ASP C 18 3.61 -37.21 9.53
CA ASP C 18 5.01 -37.50 9.26
C ASP C 18 5.94 -36.88 10.29
N HIS C 19 6.71 -37.72 10.96
CA HIS C 19 7.84 -37.25 11.75
C HIS C 19 8.98 -38.27 11.81
N VAL C 20 10.14 -37.83 12.29
CA VAL C 20 11.24 -38.74 12.59
C VAL C 20 11.61 -38.64 14.07
N ASN C 21 11.56 -39.76 14.76
CA ASN C 21 11.96 -39.85 16.16
C ASN C 21 13.47 -40.07 16.28
N LEU C 22 14.14 -39.24 17.08
CA LEU C 22 15.58 -39.40 17.33
C LEU C 22 15.85 -39.96 18.73
N ILE C 23 16.60 -41.06 18.78
CA ILE C 23 16.90 -41.71 20.06
C ILE C 23 18.34 -41.44 20.49
N THR C 24 18.49 -40.88 21.69
CA THR C 24 19.82 -40.54 22.21
C THR C 24 20.12 -41.19 23.56
N PRO C 25 21.34 -41.70 23.72
CA PRO C 25 21.78 -42.35 24.97
C PRO C 25 21.82 -41.40 26.19
N LEU C 26 21.49 -40.14 25.99
CA LEU C 26 21.55 -39.10 27.03
C LEU C 26 20.66 -39.39 28.24
N GLU C 27 21.31 -39.57 29.39
CA GLU C 27 20.64 -39.69 30.68
C GLU C 27 21.09 -38.52 31.55
N LYS C 28 21.67 -37.50 30.90
CA LYS C 28 22.33 -36.41 31.61
C LYS C 28 21.65 -35.07 31.36
N PRO C 29 21.56 -34.24 32.40
CA PRO C 29 21.06 -32.87 32.26
C PRO C 29 22.01 -32.01 31.41
N LEU C 30 21.46 -31.18 30.54
CA LEU C 30 22.28 -30.41 29.60
C LEU C 30 22.68 -29.03 30.12
N GLN C 31 23.93 -28.92 30.56
CA GLN C 31 24.51 -27.64 31.01
C GLN C 31 24.89 -26.78 29.80
N ASN C 32 25.65 -27.38 28.89
CA ASN C 32 26.02 -26.74 27.64
C ASN C 32 25.62 -27.63 26.47
N PHE C 33 25.25 -27.01 25.35
CA PHE C 33 25.04 -27.76 24.11
C PHE C 33 25.26 -26.93 22.85
N THR C 34 25.44 -27.63 21.73
CA THR C 34 25.50 -27.03 20.40
C THR C 34 24.72 -27.97 19.48
N LEU C 35 23.83 -27.41 18.67
CA LEU C 35 23.05 -28.20 17.75
C LEU C 35 23.19 -27.65 16.34
N CYS C 36 23.56 -28.52 15.40
CA CYS C 36 23.80 -28.13 14.01
C CYS C 36 23.12 -29.06 13.00
N PHE C 37 22.60 -28.45 11.93
CA PHE C 37 21.95 -29.18 10.83
C PHE C 37 21.77 -28.32 9.58
N ARG C 38 21.52 -28.99 8.46
CA ARG C 38 21.25 -28.33 7.19
C ARG C 38 19.77 -28.51 6.87
N ALA C 39 19.06 -27.39 6.76
CA ALA C 39 17.66 -27.41 6.38
C ALA C 39 17.45 -26.78 5.00
N TYR C 40 16.34 -27.15 4.34
CA TYR C 40 15.98 -26.62 3.03
C TYR C 40 14.47 -26.77 2.87
N SER C 41 13.78 -25.64 2.97
CA SER C 41 12.32 -25.59 2.98
C SER C 41 11.82 -24.35 2.27
N ASP C 42 10.76 -24.50 1.50
CA ASP C 42 10.11 -23.34 0.86
C ASP C 42 8.78 -22.96 1.52
N LEU C 43 8.75 -22.97 2.86
CA LEU C 43 7.57 -22.57 3.60
C LEU C 43 7.58 -21.08 3.93
N SER C 44 6.46 -20.43 3.65
CA SER C 44 6.26 -19.03 4.04
C SER C 44 5.85 -18.92 5.51
N ARG C 45 5.00 -19.85 5.95
CA ARG C 45 4.52 -19.87 7.33
C ARG C 45 5.60 -20.25 8.33
N ALA C 46 5.21 -20.30 9.60
CA ALA C 46 6.11 -20.69 10.69
C ALA C 46 6.22 -22.21 10.81
N TYR C 47 7.39 -22.71 11.17
CA TYR C 47 7.59 -24.15 11.37
C TYR C 47 8.69 -24.49 12.38
N SER C 48 8.76 -25.76 12.77
CA SER C 48 9.72 -26.22 13.76
C SER C 48 10.87 -26.99 13.12
N LEU C 49 12.09 -26.69 13.57
CA LEU C 49 13.27 -27.37 13.07
C LEU C 49 13.69 -28.56 13.94
N PHE C 50 13.55 -28.41 15.26
CA PHE C 50 14.09 -29.37 16.22
C PHE C 50 13.31 -29.33 17.56
N SER C 51 12.50 -30.37 17.79
CA SER C 51 11.60 -30.42 18.95
C SER C 51 12.09 -31.37 20.04
N TYR C 52 12.37 -30.78 21.20
CA TYR C 52 13.00 -31.45 22.33
C TYR C 52 12.08 -31.26 23.53
N ASN C 53 11.30 -32.30 23.84
CA ASN C 53 10.38 -32.28 24.99
C ASN C 53 10.74 -33.38 25.96
N THR C 54 10.63 -33.10 27.25
CA THR C 54 10.83 -34.13 28.27
C THR C 54 9.64 -34.26 29.19
N GLN C 55 9.52 -35.46 29.75
CA GLN C 55 8.74 -35.73 30.95
C GLN C 55 7.94 -34.57 31.56
N GLY C 56 6.75 -34.34 31.02
CA GLY C 56 5.82 -33.36 31.56
C GLY C 56 6.04 -31.92 31.10
N ARG C 57 7.25 -31.61 30.65
CA ARG C 57 7.63 -30.26 30.27
C ARG C 57 7.62 -30.07 28.76
N ASP C 58 6.87 -29.08 28.30
CA ASP C 58 6.74 -28.79 26.87
C ASP C 58 7.75 -27.73 26.44
N ASN C 59 8.25 -27.88 25.22
CA ASN C 59 9.27 -26.98 24.64
C ASN C 59 10.50 -26.81 25.53
N GLU C 60 11.02 -27.93 26.04
CA GLU C 60 12.17 -27.90 26.94
C GLU C 60 13.40 -27.35 26.23
N LEU C 61 13.52 -27.69 24.95
CA LEU C 61 14.52 -27.12 24.06
C LEU C 61 13.93 -27.17 22.65
N LEU C 62 13.83 -26.02 21.99
CA LEU C 62 13.17 -25.95 20.71
C LEU C 62 13.78 -24.91 19.75
N VAL C 63 13.90 -25.30 18.49
CA VAL C 63 14.40 -24.41 17.45
C VAL C 63 13.29 -24.15 16.42
N TYR C 64 12.77 -22.93 16.44
CA TYR C 64 11.54 -22.60 15.72
C TYR C 64 11.75 -21.45 14.77
N LYS C 65 11.27 -21.61 13.54
CA LYS C 65 11.35 -20.59 12.52
C LYS C 65 10.03 -19.83 12.42
N GLU C 66 10.00 -18.61 12.95
CA GLU C 66 8.78 -17.81 13.06
C GLU C 66 8.36 -17.24 11.71
N ARG C 67 9.33 -16.76 10.95
CA ARG C 67 9.13 -16.32 9.57
C ARG C 67 10.50 -16.24 8.89
N VAL C 68 10.54 -15.75 7.66
CA VAL C 68 11.79 -15.62 6.93
C VAL C 68 12.71 -14.61 7.61
N GLY C 69 13.89 -15.07 7.99
CA GLY C 69 14.89 -14.25 8.63
C GLY C 69 14.86 -14.24 10.15
N GLU C 70 13.96 -15.01 10.75
CA GLU C 70 13.73 -14.96 12.21
C GLU C 70 13.82 -16.33 12.89
N TYR C 71 15.00 -16.62 13.43
CA TYR C 71 15.28 -17.90 14.08
C TYR C 71 15.17 -17.79 15.61
N SER C 72 14.25 -18.58 16.18
CA SER C 72 14.01 -18.59 17.63
C SER C 72 14.60 -19.82 18.32
N LEU C 73 15.01 -19.65 19.56
CA LEU C 73 15.40 -20.77 20.41
C LEU C 73 14.57 -20.75 21.69
N TYR C 74 14.03 -21.92 22.03
CA TYR C 74 13.28 -22.11 23.27
C TYR C 74 14.08 -22.98 24.24
N ILE C 75 14.27 -22.48 25.46
CA ILE C 75 14.84 -23.29 26.54
C ILE C 75 13.83 -23.30 27.68
N GLY C 76 13.33 -24.50 28.00
CA GLY C 76 12.38 -24.72 29.07
C GLY C 76 11.19 -23.77 29.05
N ARG C 77 10.59 -23.60 27.86
CA ARG C 77 9.42 -22.74 27.64
C ARG C 77 9.74 -21.28 27.36
N HIS C 78 10.95 -20.84 27.69
CA HIS C 78 11.37 -19.45 27.49
C HIS C 78 11.96 -19.22 26.09
N LYS C 79 11.92 -17.97 25.62
CA LYS C 79 12.17 -17.67 24.20
C LYS C 79 13.23 -16.60 23.95
N VAL C 80 14.07 -16.83 22.93
CA VAL C 80 14.96 -15.82 22.37
C VAL C 80 14.91 -15.88 20.83
N THR C 81 14.95 -14.72 20.18
CA THR C 81 14.79 -14.63 18.72
C THR C 81 15.81 -13.67 18.10
N SER C 82 16.63 -14.19 17.19
CA SER C 82 17.65 -13.38 16.51
C SER C 82 17.43 -13.32 15.00
N LYS C 83 17.53 -12.11 14.45
CA LYS C 83 17.20 -11.85 13.04
C LYS C 83 18.43 -11.95 12.15
N VAL C 84 18.20 -12.24 10.87
CA VAL C 84 19.27 -12.34 9.87
C VAL C 84 18.76 -12.07 8.46
N ILE C 85 19.61 -11.48 7.62
CA ILE C 85 19.34 -11.35 6.18
C ILE C 85 19.56 -12.69 5.51
N GLU C 86 18.53 -13.19 4.83
CA GLU C 86 18.66 -14.42 4.03
C GLU C 86 17.75 -14.38 2.81
N LYS C 87 18.10 -15.16 1.80
CA LYS C 87 17.25 -15.29 0.63
C LYS C 87 16.25 -16.42 0.88
N PHE C 88 15.08 -16.34 0.24
CA PHE C 88 14.06 -17.38 0.36
C PHE C 88 13.41 -17.69 -0.99
N PRO C 89 13.16 -18.96 -1.29
CA PRO C 89 13.75 -20.10 -0.55
C PRO C 89 15.24 -20.27 -0.81
N ALA C 90 15.94 -20.83 0.17
CA ALA C 90 17.37 -21.10 0.07
C ALA C 90 17.80 -22.06 1.17
N PRO C 91 18.71 -22.99 0.87
CA PRO C 91 19.26 -23.88 1.91
C PRO C 91 19.97 -23.07 2.99
N VAL C 92 19.92 -23.57 4.21
CA VAL C 92 20.57 -22.90 5.33
C VAL C 92 21.28 -23.92 6.21
N HIS C 93 22.41 -23.52 6.77
CA HIS C 93 23.08 -24.34 7.78
C HIS C 93 23.02 -23.67 9.14
N ILE C 94 22.22 -24.25 10.04
CA ILE C 94 21.99 -23.65 11.35
C ILE C 94 22.87 -24.31 12.42
N CYS C 95 23.53 -23.48 13.22
CA CYS C 95 24.09 -23.91 14.48
C CYS C 95 23.47 -23.08 15.58
N VAL C 96 23.14 -23.72 16.69
CA VAL C 96 22.69 -23.02 17.87
C VAL C 96 23.41 -23.58 19.09
N SER C 97 24.08 -22.70 19.82
CA SER C 97 24.74 -23.10 21.08
C SER C 97 24.12 -22.38 22.26
N TRP C 98 24.07 -23.07 23.40
CA TRP C 98 23.57 -22.47 24.62
C TRP C 98 24.46 -22.81 25.82
N GLU C 99 24.59 -21.83 26.72
CA GLU C 99 25.38 -21.95 27.94
C GLU C 99 24.47 -21.73 29.14
N SER C 100 24.62 -22.56 30.18
CA SER C 100 23.79 -22.44 31.37
C SER C 100 24.24 -21.30 32.30
N SER C 101 25.56 -21.25 32.57
CA SER C 101 26.12 -20.31 33.53
C SER C 101 25.92 -18.84 33.17
N SER C 102 25.82 -18.57 31.87
CA SER C 102 25.65 -17.21 31.37
C SER C 102 24.27 -16.99 30.76
N GLY C 103 23.60 -18.09 30.42
CA GLY C 103 22.29 -18.03 29.79
C GLY C 103 22.35 -17.69 28.32
N ILE C 104 23.57 -17.47 27.82
CA ILE C 104 23.80 -16.99 26.47
C ILE C 104 23.38 -17.99 25.39
N ALA C 105 22.52 -17.51 24.50
CA ALA C 105 22.16 -18.24 23.29
C ALA C 105 22.97 -17.66 22.13
N GLU C 106 23.48 -18.54 21.28
CA GLU C 106 24.34 -18.15 20.17
C GLU C 106 23.85 -18.79 18.87
N PHE C 107 23.31 -17.98 17.97
CA PHE C 107 22.81 -18.45 16.68
C PHE C 107 23.84 -18.22 15.59
N TRP C 108 24.09 -19.25 14.78
CA TRP C 108 25.00 -19.14 13.65
C TRP C 108 24.30 -19.58 12.37
N ILE C 109 24.20 -18.65 11.42
CA ILE C 109 23.56 -18.91 10.13
C ILE C 109 24.58 -18.91 9.00
N ASN C 110 24.69 -20.05 8.31
CA ASN C 110 25.65 -20.25 7.22
C ASN C 110 27.09 -19.84 7.56
N GLY C 111 27.49 -20.11 8.80
CA GLY C 111 28.83 -19.79 9.27
C GLY C 111 28.98 -18.35 9.73
N THR C 112 27.87 -17.62 9.80
CA THR C 112 27.88 -16.22 10.23
C THR C 112 27.20 -16.06 11.59
N PRO C 113 27.82 -15.32 12.50
CA PRO C 113 27.28 -15.19 13.86
C PRO C 113 26.14 -14.17 13.97
N LEU C 114 25.07 -14.58 14.65
CA LEU C 114 23.94 -13.69 14.91
C LEU C 114 24.10 -13.01 16.26
N VAL C 115 23.27 -11.99 16.48
CA VAL C 115 23.24 -11.26 17.75
C VAL C 115 22.94 -12.23 18.89
N LYS C 116 23.73 -12.14 19.95
CA LYS C 116 23.57 -12.98 21.13
C LYS C 116 22.35 -12.56 21.92
N LYS C 117 21.63 -13.56 22.43
CA LYS C 117 20.55 -13.32 23.38
C LYS C 117 20.76 -14.21 24.60
N GLY C 118 20.00 -13.96 25.65
CA GLY C 118 20.14 -14.72 26.89
C GLY C 118 18.81 -15.19 27.44
N LEU C 119 18.83 -16.39 28.02
CA LEU C 119 17.63 -16.98 28.63
C LEU C 119 18.00 -18.09 29.61
N ARG C 120 17.21 -18.18 30.69
CA ARG C 120 17.32 -19.25 31.68
C ARG C 120 18.74 -19.44 32.22
N GLN C 121 19.33 -18.36 32.72
CA GLN C 121 20.65 -18.44 33.33
C GLN C 121 20.58 -19.29 34.60
N GLY C 122 21.48 -20.27 34.70
CA GLY C 122 21.52 -21.17 35.83
C GLY C 122 20.38 -22.18 35.79
N TYR C 123 20.11 -22.71 34.61
CA TYR C 123 19.08 -23.70 34.41
C TYR C 123 19.69 -24.85 33.62
N PHE C 124 19.00 -25.98 33.59
CA PHE C 124 19.45 -27.14 32.82
C PHE C 124 18.26 -27.78 32.12
N VAL C 125 18.42 -28.08 30.83
CA VAL C 125 17.37 -28.81 30.10
C VAL C 125 17.41 -30.27 30.57
N GLU C 126 16.21 -30.83 30.75
CA GLU C 126 16.08 -32.13 31.40
C GLU C 126 16.54 -33.30 30.54
N ALA C 127 16.86 -34.41 31.21
CA ALA C 127 17.32 -35.62 30.55
C ALA C 127 16.15 -36.45 30.00
N GLN C 128 16.48 -37.60 29.44
CA GLN C 128 15.50 -38.59 28.94
C GLN C 128 14.40 -37.96 28.07
N PRO C 129 14.79 -37.30 26.99
CA PRO C 129 13.83 -36.56 26.16
C PRO C 129 13.31 -37.35 24.98
N LYS C 130 12.21 -36.86 24.41
CA LYS C 130 11.69 -37.35 23.14
C LYS C 130 11.98 -36.28 22.09
N ILE C 131 12.83 -36.63 21.12
CA ILE C 131 13.25 -35.68 20.11
C ILE C 131 12.65 -36.00 18.74
N VAL C 132 11.82 -35.09 18.23
CA VAL C 132 11.19 -35.30 16.93
C VAL C 132 11.58 -34.22 15.92
N LEU C 133 11.69 -34.66 14.67
CA LEU C 133 11.95 -33.77 13.54
C LEU C 133 10.79 -33.91 12.58
N GLY C 134 10.26 -32.77 12.11
CA GLY C 134 9.16 -32.78 11.16
C GLY C 134 7.84 -32.29 11.73
N GLN C 135 7.74 -32.26 13.05
CA GLN C 135 6.53 -31.76 13.72
C GLN C 135 6.89 -31.07 15.03
N GLU C 136 5.97 -30.29 15.58
CA GLU C 136 6.18 -29.68 16.89
C GLU C 136 5.35 -30.37 17.97
N GLN C 137 5.99 -30.61 19.11
CA GLN C 137 5.40 -31.38 20.20
C GLN C 137 4.70 -30.50 21.23
N ASP C 138 3.50 -30.91 21.62
CA ASP C 138 2.79 -30.27 22.74
C ASP C 138 2.63 -31.27 23.88
N SER C 139 2.99 -32.52 23.60
CA SER C 139 3.02 -33.57 24.60
C SER C 139 4.40 -34.24 24.60
N TYR C 140 4.58 -35.24 25.45
CA TYR C 140 5.83 -36.00 25.46
C TYR C 140 5.83 -37.09 24.39
N GLY C 141 6.22 -36.69 23.18
CA GLY C 141 6.27 -37.61 22.04
C GLY C 141 5.15 -37.43 21.02
N GLY C 142 4.23 -36.52 21.28
CA GLY C 142 3.08 -36.32 20.40
C GLY C 142 2.41 -34.96 20.48
N LYS C 143 1.12 -34.96 20.15
CA LYS C 143 0.29 -33.76 20.04
C LYS C 143 0.83 -32.76 19.02
N PHE C 144 0.88 -33.19 17.76
CA PHE C 144 1.41 -32.38 16.66
C PHE C 144 0.38 -31.40 16.09
N ASP C 145 0.89 -30.32 15.50
CA ASP C 145 0.06 -29.29 14.87
C ASP C 145 0.42 -29.16 13.41
N ARG C 146 -0.59 -29.23 12.55
CA ARG C 146 -0.44 -29.12 11.09
C ARG C 146 0.28 -27.85 10.66
N SER C 147 -0.11 -26.72 11.22
CA SER C 147 0.46 -25.43 10.84
C SER C 147 1.86 -25.19 11.42
N GLN C 148 2.41 -26.23 12.07
CA GLN C 148 3.75 -26.17 12.64
C GLN C 148 4.66 -27.21 12.00
N SER C 149 4.08 -28.06 11.16
CA SER C 149 4.81 -29.12 10.48
C SER C 149 5.92 -28.58 9.60
N PHE C 150 7.07 -29.25 9.65
CA PHE C 150 8.15 -29.00 8.71
C PHE C 150 7.93 -29.85 7.49
N VAL C 151 8.02 -29.22 6.32
CA VAL C 151 7.97 -29.91 5.04
C VAL C 151 9.12 -29.38 4.19
N GLY C 152 10.02 -30.29 3.84
CA GLY C 152 11.25 -29.93 3.15
C GLY C 152 12.30 -30.98 3.43
N GLU C 153 13.55 -30.55 3.54
CA GLU C 153 14.69 -31.46 3.69
C GLU C 153 15.63 -31.08 4.83
N ILE C 154 15.93 -32.05 5.69
CA ILE C 154 16.90 -31.87 6.77
C ILE C 154 18.03 -32.90 6.68
N GLY C 155 19.26 -32.44 6.94
CA GLY C 155 20.40 -33.33 6.97
C GLY C 155 21.59 -32.76 7.74
N ASP C 156 22.62 -33.58 7.88
CA ASP C 156 23.88 -33.19 8.54
C ASP C 156 23.63 -32.64 9.95
N LEU C 157 22.84 -33.39 10.72
CA LEU C 157 22.46 -33.04 12.10
C LEU C 157 23.45 -33.59 13.11
N TYR C 158 23.96 -32.71 13.97
CA TYR C 158 24.85 -33.11 15.06
C TYR C 158 24.48 -32.34 16.32
N MET C 159 24.73 -32.95 17.48
CA MET C 159 24.51 -32.31 18.76
C MET C 159 25.61 -32.66 19.77
N TRP C 160 26.28 -31.62 20.26
CA TRP C 160 27.34 -31.77 21.25
C TRP C 160 26.83 -31.32 22.62
N ASP C 161 27.49 -31.78 23.68
CA ASP C 161 27.21 -31.31 25.03
C ASP C 161 28.21 -30.23 25.47
N SER C 162 28.73 -29.49 24.48
CA SER C 162 29.64 -28.37 24.73
C SER C 162 29.30 -27.19 23.83
N VAL C 163 29.78 -26.00 24.21
CA VAL C 163 29.65 -24.82 23.35
C VAL C 163 30.82 -24.79 22.38
N LEU C 164 30.56 -25.23 21.16
CA LEU C 164 31.58 -25.30 20.11
C LEU C 164 32.11 -23.91 19.77
N PRO C 165 33.43 -23.73 19.78
CA PRO C 165 34.05 -22.47 19.37
C PRO C 165 33.76 -22.11 17.89
N PRO C 166 33.95 -20.86 17.50
CA PRO C 166 33.67 -20.42 16.11
C PRO C 166 34.31 -21.30 15.05
N GLU C 167 35.57 -21.68 15.24
CA GLU C 167 36.29 -22.53 14.30
C GLU C 167 35.57 -23.85 14.06
N ASN C 168 35.09 -24.47 15.13
CA ASN C 168 34.38 -25.74 15.08
C ASN C 168 33.03 -25.64 14.38
N ILE C 169 32.29 -24.57 14.70
CA ILE C 169 31.01 -24.26 14.05
C ILE C 169 31.23 -24.08 12.54
N LEU C 170 32.34 -23.41 12.19
CA LEU C 170 32.72 -23.20 10.80
C LEU C 170 33.05 -24.52 10.11
N SER C 171 33.74 -25.41 10.82
CA SER C 171 34.11 -26.73 10.31
C SER C 171 32.90 -27.62 9.99
N ALA C 172 31.80 -27.42 10.72
CA ALA C 172 30.57 -28.13 10.44
C ALA C 172 29.92 -27.60 9.18
N TYR C 173 29.95 -26.27 9.03
CA TYR C 173 29.43 -25.60 7.85
C TYR C 173 30.24 -25.96 6.60
N GLN C 174 31.55 -26.03 6.73
CA GLN C 174 32.45 -26.37 5.61
C GLN C 174 32.33 -27.83 5.13
N GLY C 175 31.50 -28.62 5.81
CA GLY C 175 31.25 -30.00 5.43
C GLY C 175 32.05 -31.07 6.16
N THR C 176 32.94 -30.66 7.07
CA THR C 176 33.73 -31.60 7.86
C THR C 176 33.59 -31.35 9.37
N PRO C 177 32.42 -31.69 9.93
CA PRO C 177 32.18 -31.51 11.37
C PRO C 177 32.94 -32.52 12.22
N LEU C 178 33.10 -32.21 13.50
CA LEU C 178 33.78 -33.08 14.46
C LEU C 178 32.75 -34.03 15.07
N PRO C 179 33.11 -35.31 15.22
CA PRO C 179 32.24 -36.30 15.85
C PRO C 179 31.49 -35.76 17.07
N ALA C 180 30.19 -36.03 17.14
CA ALA C 180 29.35 -35.53 18.22
C ALA C 180 28.95 -36.66 19.14
N ASN C 181 28.64 -36.31 20.40
CA ASN C 181 28.37 -37.31 21.43
C ASN C 181 26.89 -37.48 21.80
N ILE C 182 26.05 -36.48 21.51
CA ILE C 182 24.62 -36.60 21.78
C ILE C 182 23.90 -37.15 20.55
N LEU C 183 23.89 -36.35 19.48
CA LEU C 183 23.32 -36.74 18.20
C LEU C 183 24.42 -36.69 17.16
N ASP C 184 24.57 -37.77 16.40
CA ASP C 184 25.54 -37.80 15.32
C ASP C 184 24.89 -38.33 14.04
N TRP C 185 25.05 -37.59 12.94
CA TRP C 185 24.52 -38.01 11.64
C TRP C 185 25.19 -39.26 11.12
N GLN C 186 26.47 -39.44 11.45
CA GLN C 186 27.24 -40.58 10.97
C GLN C 186 26.97 -41.82 11.82
N ALA C 187 26.22 -41.64 12.90
CA ALA C 187 25.77 -42.73 13.75
C ALA C 187 24.45 -42.32 14.41
N LEU C 188 23.38 -42.29 13.61
CA LEU C 188 22.08 -41.86 14.12
C LEU C 188 21.11 -43.00 14.39
N ASN C 189 20.62 -43.04 15.62
CA ASN C 189 19.54 -43.92 16.03
C ASN C 189 18.20 -43.19 15.82
N TYR C 190 17.49 -43.55 14.76
CA TYR C 190 16.27 -42.86 14.39
C TYR C 190 15.09 -43.83 14.17
N GLU C 191 13.88 -43.27 14.17
CA GLU C 191 12.66 -44.03 13.90
C GLU C 191 11.74 -43.22 12.98
N ILE C 192 11.51 -43.72 11.77
CA ILE C 192 10.66 -43.05 10.80
C ILE C 192 9.20 -43.37 11.10
N ARG C 193 8.34 -42.34 11.05
CA ARG C 193 6.90 -42.52 11.20
C ARG C 193 6.17 -41.77 10.09
N GLY C 194 5.24 -42.45 9.45
CA GLY C 194 4.51 -41.86 8.35
C GLY C 194 5.38 -41.74 7.12
N TYR C 195 5.18 -40.65 6.39
CA TYR C 195 5.78 -40.43 5.08
C TYR C 195 7.03 -39.56 5.17
N VAL C 196 8.17 -40.21 5.36
CA VAL C 196 9.47 -39.54 5.24
C VAL C 196 10.45 -40.50 4.56
N ILE C 197 11.11 -40.01 3.53
CA ILE C 197 12.00 -40.81 2.70
C ILE C 197 13.46 -40.37 2.87
N ILE C 198 14.40 -41.30 2.70
CA ILE C 198 15.81 -40.95 2.73
C ILE C 198 16.38 -40.94 1.32
N LYS C 199 16.60 -39.71 0.82
CA LYS C 199 17.22 -39.47 -0.47
C LYS C 199 18.62 -38.91 -0.26
N PRO C 200 19.50 -39.05 -1.24
CA PRO C 200 20.82 -38.37 -1.19
C PRO C 200 20.69 -36.85 -1.16
N LEU C 201 21.56 -36.18 -0.41
CA LEU C 201 21.55 -34.73 -0.30
C LEU C 201 22.17 -34.12 -1.55
N VAL C 202 21.34 -33.39 -2.28
CA VAL C 202 21.69 -32.87 -3.61
C VAL C 202 21.86 -31.34 -3.65
N TRP C 203 21.49 -30.66 -2.56
CA TRP C 203 21.50 -29.20 -2.52
C TRP C 203 22.77 -28.55 -1.96
N VAL C 204 23.86 -29.31 -2.00
CA VAL C 204 25.18 -28.84 -1.56
C VAL C 204 26.25 -29.24 -2.58
N HIS D 1 10.47 -39.26 -37.68
CA HIS D 1 11.07 -38.44 -36.58
C HIS D 1 12.09 -37.44 -37.08
N THR D 2 12.18 -36.30 -36.40
CA THR D 2 12.92 -35.14 -36.87
C THR D 2 14.00 -34.69 -35.89
N ASP D 3 15.10 -34.15 -36.43
CA ASP D 3 16.14 -33.57 -35.60
C ASP D 3 15.91 -32.07 -35.40
N LEU D 4 15.51 -31.74 -34.18
CA LEU D 4 15.15 -30.36 -33.84
C LEU D 4 16.26 -29.63 -33.10
N SER D 5 17.50 -30.07 -33.32
CA SER D 5 18.67 -29.47 -32.68
C SER D 5 18.87 -28.03 -33.13
N GLY D 6 18.93 -27.12 -32.15
CA GLY D 6 19.08 -25.70 -32.42
C GLY D 6 17.79 -24.99 -32.79
N LYS D 7 16.66 -25.66 -32.60
CA LYS D 7 15.36 -25.08 -32.97
C LYS D 7 14.38 -25.08 -31.80
N VAL D 8 13.33 -24.28 -31.93
CA VAL D 8 12.27 -24.17 -30.91
C VAL D 8 10.88 -24.09 -31.53
N PHE D 9 9.88 -24.56 -30.81
CA PHE D 9 8.49 -24.27 -31.19
C PHE D 9 8.17 -22.85 -30.72
N VAL D 10 7.55 -22.05 -31.58
CA VAL D 10 7.09 -20.72 -31.18
C VAL D 10 5.56 -20.65 -31.16
N PHE D 11 5.01 -20.46 -29.96
CA PHE D 11 3.58 -20.28 -29.75
C PHE D 11 3.35 -18.79 -29.63
N PRO D 12 3.00 -18.17 -30.74
CA PRO D 12 3.14 -16.71 -30.90
C PRO D 12 1.98 -15.89 -30.38
N ARG D 13 0.87 -16.53 -30.00
CA ARG D 13 -0.33 -15.83 -29.52
C ARG D 13 -1.17 -16.62 -28.52
N GLU D 14 -1.95 -15.89 -27.72
CA GLU D 14 -2.96 -16.48 -26.83
C GLU D 14 -4.10 -17.05 -27.69
N SER D 15 -4.43 -18.32 -27.47
CA SER D 15 -5.40 -19.05 -28.31
C SER D 15 -5.98 -20.27 -27.62
N VAL D 16 -7.07 -20.80 -28.17
CA VAL D 16 -7.65 -22.06 -27.73
C VAL D 16 -7.30 -23.18 -28.73
N THR D 17 -6.34 -22.91 -29.61
CA THR D 17 -6.24 -23.66 -30.84
C THR D 17 -4.83 -24.17 -31.20
N ASP D 18 -3.82 -23.39 -30.83
CA ASP D 18 -2.44 -23.68 -31.22
C ASP D 18 -1.82 -24.69 -30.29
N HIS D 19 -1.50 -25.86 -30.80
CA HIS D 19 -0.77 -26.85 -30.02
C HIS D 19 0.12 -27.75 -30.87
N VAL D 20 1.10 -28.36 -30.21
CA VAL D 20 1.93 -29.40 -30.79
C VAL D 20 1.64 -30.71 -30.06
N ASN D 21 1.26 -31.74 -30.82
CA ASN D 21 1.03 -33.07 -30.27
C ASN D 21 2.27 -33.93 -30.37
N LEU D 22 2.78 -34.39 -29.23
CA LEU D 22 4.00 -35.20 -29.19
C LEU D 22 3.70 -36.71 -29.22
N ILE D 23 4.20 -37.39 -30.25
CA ILE D 23 3.94 -38.82 -30.45
C ILE D 23 5.05 -39.68 -29.83
N THR D 24 4.63 -40.69 -29.07
CA THR D 24 5.54 -41.56 -28.33
C THR D 24 5.15 -43.03 -28.52
N PRO D 25 6.14 -43.94 -28.53
CA PRO D 25 5.87 -45.37 -28.71
C PRO D 25 5.65 -46.09 -27.36
N LEU D 26 5.27 -45.33 -26.34
CA LEU D 26 5.13 -45.81 -24.97
C LEU D 26 3.86 -46.64 -24.73
N GLU D 27 4.03 -47.96 -24.61
CA GLU D 27 2.93 -48.88 -24.37
C GLU D 27 2.88 -49.36 -22.92
N LYS D 28 3.87 -48.95 -22.13
CA LYS D 28 4.01 -49.40 -20.75
C LYS D 28 3.71 -48.26 -19.78
N PRO D 29 2.97 -48.54 -18.71
CA PRO D 29 2.75 -47.57 -17.64
C PRO D 29 4.08 -47.05 -17.08
N LEU D 30 4.09 -45.79 -16.63
CA LEU D 30 5.30 -45.18 -16.11
C LEU D 30 5.40 -45.24 -14.58
N GLN D 31 6.58 -45.65 -14.12
CA GLN D 31 6.92 -45.79 -12.70
C GLN D 31 7.93 -44.70 -12.34
N ASN D 32 9.01 -44.67 -13.11
CA ASN D 32 10.03 -43.64 -12.98
C ASN D 32 9.99 -42.80 -14.27
N PHE D 33 10.33 -41.51 -14.16
CA PHE D 33 10.55 -40.68 -15.34
C PHE D 33 11.28 -39.37 -15.01
N THR D 34 12.01 -38.86 -15.99
CA THR D 34 12.60 -37.53 -15.93
C THR D 34 12.14 -36.77 -17.17
N LEU D 35 11.79 -35.51 -17.00
CA LEU D 35 11.44 -34.65 -18.13
C LEU D 35 12.24 -33.35 -18.11
N CYS D 36 12.86 -33.04 -19.24
CA CYS D 36 13.64 -31.80 -19.37
C CYS D 36 13.13 -30.97 -20.55
N PHE D 37 13.17 -29.64 -20.39
CA PHE D 37 12.92 -28.74 -21.51
C PHE D 37 13.37 -27.32 -21.20
N ARG D 38 13.31 -26.49 -22.25
CA ARG D 38 13.71 -25.10 -22.17
C ARG D 38 12.52 -24.22 -22.55
N ALA D 39 12.12 -23.34 -21.65
CA ALA D 39 11.00 -22.42 -21.92
C ALA D 39 11.40 -20.95 -21.89
N TYR D 40 10.80 -20.16 -22.76
CA TYR D 40 10.91 -18.70 -22.72
C TYR D 40 9.54 -18.08 -22.95
N SER D 41 9.08 -17.30 -21.97
CA SER D 41 7.76 -16.68 -21.99
C SER D 41 7.67 -15.52 -21.01
N ASP D 42 6.94 -14.49 -21.39
CA ASP D 42 6.74 -13.32 -20.54
C ASP D 42 5.30 -13.22 -19.99
N LEU D 43 4.63 -14.37 -19.95
CA LEU D 43 3.27 -14.48 -19.45
C LEU D 43 3.22 -14.31 -17.95
N SER D 44 2.38 -13.37 -17.50
CA SER D 44 2.19 -13.09 -16.08
C SER D 44 1.32 -14.15 -15.43
N ARG D 45 0.32 -14.63 -16.17
CA ARG D 45 -0.70 -15.54 -15.66
C ARG D 45 -0.23 -16.99 -15.60
N ALA D 46 -1.16 -17.88 -15.20
CA ALA D 46 -0.86 -19.30 -15.10
C ALA D 46 -0.92 -19.94 -16.47
N TYR D 47 0.03 -20.82 -16.75
CA TYR D 47 0.00 -21.58 -17.98
C TYR D 47 0.53 -22.99 -17.77
N SER D 48 0.10 -23.89 -18.66
CA SER D 48 0.59 -25.25 -18.72
C SER D 48 1.85 -25.32 -19.59
N LEU D 49 2.85 -26.06 -19.13
CA LEU D 49 4.08 -26.26 -19.90
C LEU D 49 4.10 -27.58 -20.67
N PHE D 50 3.44 -28.60 -20.13
CA PHE D 50 3.54 -29.97 -20.63
C PHE D 50 2.34 -30.75 -20.09
N SER D 51 1.50 -31.25 -21.00
CA SER D 51 0.23 -31.86 -20.66
C SER D 51 0.13 -33.29 -21.17
N TYR D 52 0.04 -34.23 -20.24
CA TYR D 52 0.09 -35.65 -20.55
C TYR D 52 -1.18 -36.25 -19.98
N ASN D 53 -2.04 -36.75 -20.86
CA ASN D 53 -3.35 -37.22 -20.47
C ASN D 53 -3.66 -38.58 -21.06
N THR D 54 -4.27 -39.44 -20.27
CA THR D 54 -4.74 -40.74 -20.76
C THR D 54 -6.26 -40.77 -20.75
N GLN D 55 -6.84 -41.78 -21.41
CA GLN D 55 -8.28 -41.90 -21.51
C GLN D 55 -8.90 -42.05 -20.13
N GLY D 56 -9.88 -41.20 -19.84
CA GLY D 56 -10.57 -41.23 -18.55
C GLY D 56 -9.82 -40.58 -17.40
N ARG D 57 -8.51 -40.39 -17.54
CA ARG D 57 -7.71 -39.77 -16.49
C ARG D 57 -7.15 -38.41 -16.92
N ASP D 58 -7.75 -37.34 -16.39
CA ASP D 58 -7.30 -35.97 -16.69
C ASP D 58 -6.12 -35.61 -15.78
N ASN D 59 -5.20 -34.80 -16.29
CA ASN D 59 -4.00 -34.40 -15.54
C ASN D 59 -3.21 -35.59 -15.02
N GLU D 60 -2.87 -36.52 -15.90
CA GLU D 60 -2.16 -37.72 -15.47
C GLU D 60 -0.73 -37.37 -15.09
N LEU D 61 -0.10 -36.55 -15.91
CA LEU D 61 1.19 -35.98 -15.58
C LEU D 61 1.23 -34.61 -16.24
N LEU D 62 1.27 -33.57 -15.41
CA LEU D 62 1.22 -32.21 -15.93
C LEU D 62 2.18 -31.26 -15.22
N VAL D 63 3.00 -30.60 -16.02
CA VAL D 63 3.88 -29.54 -15.56
C VAL D 63 3.17 -28.22 -15.80
N TYR D 64 2.92 -27.51 -14.70
CA TYR D 64 2.07 -26.34 -14.72
C TYR D 64 2.76 -25.24 -13.93
N LYS D 65 2.77 -24.04 -14.48
CA LYS D 65 3.36 -22.89 -13.81
C LYS D 65 2.25 -21.96 -13.38
N GLU D 66 1.95 -21.94 -12.09
CA GLU D 66 0.79 -21.22 -11.56
C GLU D 66 1.05 -19.71 -11.49
N ARG D 67 2.29 -19.34 -11.17
CA ARG D 67 2.73 -17.96 -11.12
C ARG D 67 4.25 -17.85 -11.14
N VAL D 68 4.76 -16.63 -11.22
CA VAL D 68 6.20 -16.41 -11.28
C VAL D 68 6.90 -17.09 -10.10
N GLY D 69 7.93 -17.88 -10.42
CA GLY D 69 8.76 -18.52 -9.40
C GLY D 69 8.13 -19.71 -8.72
N GLU D 70 7.02 -20.19 -9.26
CA GLU D 70 6.29 -21.30 -8.67
C GLU D 70 6.05 -22.40 -9.70
N TYR D 71 6.57 -23.59 -9.42
CA TYR D 71 6.46 -24.69 -10.37
C TYR D 71 5.66 -25.84 -9.80
N SER D 72 4.69 -26.31 -10.57
CA SER D 72 3.81 -27.38 -10.14
C SER D 72 3.89 -28.61 -11.03
N LEU D 73 3.96 -29.77 -10.40
CA LEU D 73 3.82 -31.05 -11.11
C LEU D 73 2.57 -31.77 -10.64
N TYR D 74 1.75 -32.20 -11.59
CA TYR D 74 0.55 -32.96 -11.28
C TYR D 74 0.76 -34.41 -11.68
N ILE D 75 0.68 -35.33 -10.72
CA ILE D 75 0.63 -36.75 -11.07
C ILE D 75 -0.75 -37.27 -10.72
N GLY D 76 -1.38 -37.95 -11.68
CA GLY D 76 -2.68 -38.57 -11.47
C GLY D 76 -3.61 -37.72 -10.63
N ARG D 77 -3.86 -36.50 -11.13
CA ARG D 77 -4.74 -35.51 -10.50
C ARG D 77 -4.12 -34.74 -9.32
N HIS D 78 -3.28 -35.43 -8.55
CA HIS D 78 -2.61 -34.84 -7.40
C HIS D 78 -1.48 -33.90 -7.81
N LYS D 79 -1.24 -32.84 -7.01
CA LYS D 79 -0.20 -31.86 -7.32
C LYS D 79 0.83 -31.64 -6.22
N VAL D 80 2.01 -31.19 -6.63
CA VAL D 80 3.03 -30.67 -5.72
C VAL D 80 3.51 -29.34 -6.27
N THR D 81 3.97 -28.46 -5.38
CA THR D 81 4.40 -27.11 -5.77
C THR D 81 5.71 -26.69 -5.10
N SER D 82 6.71 -26.37 -5.90
CA SER D 82 7.98 -25.89 -5.35
C SER D 82 8.33 -24.48 -5.83
N LYS D 83 8.84 -23.66 -4.91
CA LYS D 83 9.18 -22.27 -5.18
C LYS D 83 10.66 -22.08 -5.52
N VAL D 84 10.99 -20.92 -6.07
CA VAL D 84 12.35 -20.59 -6.50
C VAL D 84 12.50 -19.08 -6.78
N ILE D 85 13.67 -18.53 -6.47
CA ILE D 85 14.02 -17.17 -6.87
C ILE D 85 14.30 -17.13 -8.37
N GLU D 86 13.55 -16.32 -9.10
CA GLU D 86 13.80 -16.17 -10.54
C GLU D 86 13.45 -14.79 -11.10
N LYS D 87 14.24 -14.36 -12.08
CA LYS D 87 14.03 -13.10 -12.78
C LYS D 87 12.84 -13.22 -13.72
N PHE D 88 12.06 -12.16 -13.82
CA PHE D 88 10.94 -12.12 -14.76
C PHE D 88 10.99 -10.90 -15.68
N PRO D 89 10.89 -11.13 -16.99
CA PRO D 89 10.87 -12.47 -17.59
C PRO D 89 12.27 -13.01 -17.92
N ALA D 90 12.40 -14.33 -18.02
CA ALA D 90 13.69 -14.97 -18.28
C ALA D 90 13.51 -16.32 -18.95
N PRO D 91 14.50 -16.72 -19.75
CA PRO D 91 14.56 -18.09 -20.28
C PRO D 91 14.89 -19.04 -19.14
N VAL D 92 14.37 -20.27 -19.20
CA VAL D 92 14.51 -21.21 -18.10
C VAL D 92 14.73 -22.64 -18.59
N HIS D 93 15.61 -23.36 -17.89
CA HIS D 93 15.72 -24.80 -18.06
C HIS D 93 14.93 -25.45 -16.95
N ILE D 94 14.06 -26.40 -17.30
CA ILE D 94 13.26 -27.10 -16.32
C ILE D 94 13.46 -28.61 -16.44
N CYS D 95 13.82 -29.26 -15.32
CA CYS D 95 13.82 -30.72 -15.27
C CYS D 95 13.00 -31.19 -14.09
N VAL D 96 11.98 -32.00 -14.38
CA VAL D 96 11.17 -32.60 -13.34
C VAL D 96 11.29 -34.12 -13.41
N SER D 97 11.49 -34.75 -12.27
CA SER D 97 11.49 -36.20 -12.19
C SER D 97 10.56 -36.67 -11.10
N TRP D 98 9.94 -37.82 -11.32
CA TRP D 98 9.05 -38.43 -10.34
C TRP D 98 9.34 -39.92 -10.19
N GLU D 99 9.02 -40.46 -9.02
CA GLU D 99 9.38 -41.84 -8.69
C GLU D 99 8.30 -42.52 -7.85
N SER D 100 7.58 -43.44 -8.49
CA SER D 100 6.48 -44.18 -7.88
C SER D 100 6.83 -44.84 -6.53
N SER D 101 8.05 -45.35 -6.41
CA SER D 101 8.49 -46.04 -5.20
C SER D 101 8.50 -45.11 -3.99
N SER D 102 9.12 -43.95 -4.14
CA SER D 102 9.29 -42.99 -3.05
C SER D 102 8.23 -41.90 -3.04
N GLY D 103 7.56 -41.73 -4.18
CA GLY D 103 6.56 -40.69 -4.35
C GLY D 103 7.19 -39.33 -4.64
N ILE D 104 8.52 -39.30 -4.75
CA ILE D 104 9.29 -38.06 -4.75
C ILE D 104 9.36 -37.31 -6.09
N ALA D 105 8.91 -36.05 -6.06
CA ALA D 105 9.05 -35.14 -7.20
C ALA D 105 10.29 -34.27 -6.99
N GLU D 106 10.98 -34.00 -8.09
CA GLU D 106 12.31 -33.40 -8.08
C GLU D 106 12.42 -32.34 -9.18
N PHE D 107 12.23 -31.08 -8.82
CA PHE D 107 12.33 -30.00 -9.79
C PHE D 107 13.74 -29.46 -9.80
N TRP D 108 14.28 -29.26 -11.00
CA TRP D 108 15.57 -28.58 -11.18
C TRP D 108 15.41 -27.40 -12.13
N ILE D 109 15.64 -26.20 -11.60
CA ILE D 109 15.50 -24.96 -12.36
C ILE D 109 16.89 -24.37 -12.62
N ASN D 110 17.34 -24.49 -13.86
CA ASN D 110 18.67 -24.10 -14.29
C ASN D 110 19.79 -24.84 -13.56
N GLY D 111 19.66 -26.17 -13.50
CA GLY D 111 20.62 -27.01 -12.80
C GLY D 111 20.74 -26.74 -11.31
N THR D 112 19.69 -26.17 -10.74
CA THR D 112 19.59 -25.89 -9.31
C THR D 112 18.43 -26.71 -8.74
N PRO D 113 18.69 -27.50 -7.69
CA PRO D 113 17.65 -28.31 -7.07
C PRO D 113 16.62 -27.46 -6.31
N LEU D 114 15.35 -27.71 -6.59
CA LEU D 114 14.28 -27.15 -5.77
C LEU D 114 14.04 -28.09 -4.60
N VAL D 115 13.21 -27.66 -3.66
CA VAL D 115 12.87 -28.53 -2.53
C VAL D 115 12.05 -29.72 -3.02
N LYS D 116 12.45 -30.93 -2.62
CA LYS D 116 11.77 -32.16 -2.98
C LYS D 116 10.38 -32.22 -2.37
N LYS D 117 9.42 -32.72 -3.13
CA LYS D 117 8.07 -32.95 -2.64
C LYS D 117 7.64 -34.37 -2.97
N GLY D 118 6.45 -34.78 -2.51
CA GLY D 118 6.01 -36.14 -2.71
C GLY D 118 4.51 -36.33 -2.88
N LEU D 119 4.16 -37.19 -3.84
CA LEU D 119 2.77 -37.45 -4.20
C LEU D 119 2.63 -38.80 -4.92
N ARG D 120 1.45 -39.40 -4.75
CA ARG D 120 1.08 -40.63 -5.47
C ARG D 120 2.12 -41.77 -5.41
N GLN D 121 2.55 -42.10 -4.20
CA GLN D 121 3.50 -43.19 -4.03
C GLN D 121 2.81 -44.51 -4.35
N GLY D 122 3.48 -45.32 -5.15
CA GLY D 122 2.94 -46.62 -5.58
C GLY D 122 2.06 -46.50 -6.81
N TYR D 123 1.80 -45.27 -7.25
CA TYR D 123 0.96 -45.02 -8.40
C TYR D 123 1.69 -45.31 -9.71
N PHE D 124 0.99 -45.95 -10.62
CA PHE D 124 1.51 -46.25 -11.95
C PHE D 124 0.81 -45.35 -12.96
N VAL D 125 1.54 -44.38 -13.52
CA VAL D 125 0.95 -43.46 -14.49
C VAL D 125 0.69 -44.17 -15.80
N GLU D 126 -0.56 -44.12 -16.24
CA GLU D 126 -1.05 -44.99 -17.30
C GLU D 126 -0.40 -44.68 -18.65
N ALA D 127 -0.39 -45.67 -19.53
CA ALA D 127 0.28 -45.59 -20.82
C ALA D 127 -0.68 -45.11 -21.89
N GLN D 128 -0.25 -45.20 -23.15
CA GLN D 128 -1.02 -44.73 -24.31
C GLN D 128 -1.53 -43.31 -24.08
N PRO D 129 -0.60 -42.37 -23.95
CA PRO D 129 -0.95 -40.99 -23.62
C PRO D 129 -1.24 -40.13 -24.84
N LYS D 130 -1.69 -38.92 -24.56
CA LYS D 130 -1.78 -37.82 -25.52
C LYS D 130 -0.96 -36.71 -24.87
N ILE D 131 0.21 -36.41 -25.43
CA ILE D 131 1.04 -35.35 -24.87
C ILE D 131 0.93 -34.11 -25.73
N VAL D 132 0.66 -32.97 -25.08
CA VAL D 132 0.58 -31.70 -25.83
C VAL D 132 1.28 -30.50 -25.19
N LEU D 133 1.94 -29.72 -26.05
CA LEU D 133 2.52 -28.42 -25.69
C LEU D 133 1.60 -27.29 -26.17
N GLY D 134 1.64 -26.16 -25.47
CA GLY D 134 0.87 -24.99 -25.88
C GLY D 134 -0.52 -24.88 -25.26
N GLN D 135 -1.08 -26.03 -24.90
CA GLN D 135 -2.42 -26.10 -24.34
C GLN D 135 -2.50 -27.08 -23.18
N GLU D 136 -3.43 -26.85 -22.27
CA GLU D 136 -3.72 -27.79 -21.17
C GLU D 136 -4.95 -28.62 -21.52
N GLN D 137 -4.79 -29.93 -21.52
CA GLN D 137 -5.88 -30.84 -21.81
C GLN D 137 -6.86 -31.00 -20.65
N ASP D 138 -8.15 -31.01 -20.96
CA ASP D 138 -9.14 -31.44 -20.00
C ASP D 138 -9.83 -32.72 -20.48
N SER D 139 -9.62 -33.06 -21.75
CA SER D 139 -10.08 -34.33 -22.30
C SER D 139 -8.89 -35.13 -22.81
N TYR D 140 -9.17 -36.31 -23.36
CA TYR D 140 -8.14 -37.12 -24.00
C TYR D 140 -7.68 -36.46 -25.30
N GLY D 141 -6.75 -35.52 -25.17
CA GLY D 141 -6.20 -34.81 -26.29
C GLY D 141 -6.94 -33.56 -26.70
N GLY D 142 -8.01 -33.22 -25.98
CA GLY D 142 -8.85 -32.08 -26.32
C GLY D 142 -9.26 -31.20 -25.15
N LYS D 143 -10.37 -30.48 -25.33
CA LYS D 143 -10.93 -29.56 -24.33
C LYS D 143 -9.85 -28.60 -23.78
N PHE D 144 -9.37 -27.72 -24.66
CA PHE D 144 -8.37 -26.74 -24.27
C PHE D 144 -9.00 -25.49 -23.64
N ASP D 145 -8.19 -24.75 -22.90
CA ASP D 145 -8.60 -23.56 -22.16
C ASP D 145 -7.66 -22.42 -22.53
N ARG D 146 -8.24 -21.31 -23.01
CA ARG D 146 -7.46 -20.19 -23.51
C ARG D 146 -6.59 -19.56 -22.42
N SER D 147 -7.20 -19.23 -21.29
CA SER D 147 -6.52 -18.59 -20.15
C SER D 147 -5.44 -19.48 -19.51
N GLN D 148 -5.14 -20.60 -20.16
CA GLN D 148 -4.15 -21.55 -19.68
C GLN D 148 -3.10 -21.81 -20.75
N SER D 149 -3.35 -21.29 -21.95
CA SER D 149 -2.48 -21.52 -23.11
C SER D 149 -1.07 -20.96 -22.94
N PHE D 150 -0.09 -21.69 -23.46
CA PHE D 150 1.29 -21.23 -23.43
C PHE D 150 1.53 -20.32 -24.62
N VAL D 151 2.16 -19.18 -24.36
CA VAL D 151 2.66 -18.36 -25.46
C VAL D 151 4.11 -17.99 -25.18
N GLY D 152 4.96 -18.35 -26.14
CA GLY D 152 6.38 -18.21 -26.02
C GLY D 152 7.12 -19.33 -26.73
N GLU D 153 8.29 -19.68 -26.22
CA GLU D 153 9.19 -20.61 -26.90
C GLU D 153 9.53 -21.83 -26.06
N ILE D 154 9.57 -22.99 -26.72
CA ILE D 154 9.89 -24.27 -26.09
C ILE D 154 10.84 -25.06 -26.98
N GLY D 155 11.89 -25.60 -26.39
CA GLY D 155 12.86 -26.43 -27.09
C GLY D 155 13.65 -27.31 -26.16
N ASP D 156 14.56 -28.09 -26.73
CA ASP D 156 15.44 -29.01 -25.99
C ASP D 156 14.68 -29.96 -25.06
N LEU D 157 13.57 -30.50 -25.55
CA LEU D 157 12.68 -31.37 -24.78
C LEU D 157 13.20 -32.80 -24.83
N TYR D 158 13.53 -33.33 -23.65
CA TYR D 158 13.93 -34.72 -23.53
C TYR D 158 13.15 -35.38 -22.39
N MET D 159 12.73 -36.62 -22.62
CA MET D 159 12.01 -37.37 -21.61
C MET D 159 12.58 -38.78 -21.49
N TRP D 160 12.99 -39.15 -20.26
CA TRP D 160 13.50 -40.49 -19.97
C TRP D 160 12.53 -41.29 -19.11
N ASP D 161 12.71 -42.61 -19.08
CA ASP D 161 11.89 -43.54 -18.30
C ASP D 161 12.51 -43.88 -16.95
N SER D 162 13.38 -42.99 -16.46
CA SER D 162 14.12 -43.23 -15.22
C SER D 162 14.50 -41.93 -14.53
N VAL D 163 14.79 -42.00 -13.24
CA VAL D 163 15.20 -40.81 -12.51
C VAL D 163 16.68 -40.50 -12.74
N LEU D 164 16.91 -39.45 -13.51
CA LEU D 164 18.26 -38.97 -13.79
C LEU D 164 18.93 -38.48 -12.51
N PRO D 165 20.22 -38.77 -12.33
CA PRO D 165 20.98 -38.24 -11.20
C PRO D 165 21.37 -36.77 -11.44
N PRO D 166 21.80 -36.05 -10.41
CA PRO D 166 22.16 -34.63 -10.54
C PRO D 166 23.12 -34.30 -11.68
N GLU D 167 24.11 -35.15 -11.91
CA GLU D 167 25.08 -34.96 -13.00
C GLU D 167 24.38 -34.92 -14.35
N ASN D 168 23.60 -35.95 -14.64
CA ASN D 168 22.86 -36.04 -15.89
C ASN D 168 21.86 -34.89 -16.10
N ILE D 169 21.30 -34.37 -15.01
CA ILE D 169 20.45 -33.19 -15.07
C ILE D 169 21.30 -31.99 -15.48
N LEU D 170 22.46 -31.83 -14.84
CA LEU D 170 23.37 -30.75 -15.17
C LEU D 170 23.91 -30.90 -16.59
N SER D 171 23.99 -32.13 -17.08
CA SER D 171 24.40 -32.42 -18.46
C SER D 171 23.39 -31.87 -19.48
N ALA D 172 22.11 -32.05 -19.19
CA ALA D 172 21.03 -31.57 -20.06
C ALA D 172 21.01 -30.06 -20.12
N TYR D 173 21.16 -29.43 -18.96
CA TYR D 173 21.15 -27.98 -18.85
C TYR D 173 22.37 -27.35 -19.51
N GLN D 174 23.52 -28.02 -19.39
CA GLN D 174 24.77 -27.54 -19.98
C GLN D 174 24.85 -27.78 -21.49
N GLY D 175 23.88 -28.54 -22.02
CA GLY D 175 23.69 -28.69 -23.45
C GLY D 175 24.01 -30.05 -24.04
N THR D 176 24.38 -31.01 -23.18
CA THR D 176 24.76 -32.34 -23.64
C THR D 176 23.94 -33.43 -22.93
N PRO D 177 22.71 -33.66 -23.38
CA PRO D 177 21.80 -34.56 -22.67
C PRO D 177 21.92 -36.01 -23.14
N LEU D 178 21.91 -36.93 -22.19
CA LEU D 178 21.90 -38.36 -22.45
C LEU D 178 20.77 -38.75 -23.39
N PRO D 179 21.06 -39.60 -24.39
CA PRO D 179 20.03 -40.05 -25.33
C PRO D 179 18.79 -40.58 -24.59
N ALA D 180 17.66 -39.92 -24.82
CA ALA D 180 16.43 -40.20 -24.09
C ALA D 180 15.54 -41.20 -24.83
N ASN D 181 14.87 -42.07 -24.07
CA ASN D 181 14.17 -43.22 -24.63
C ASN D 181 12.64 -43.14 -24.71
N ILE D 182 12.05 -42.04 -24.26
CA ILE D 182 10.61 -41.83 -24.44
C ILE D 182 10.38 -40.72 -25.43
N LEU D 183 10.91 -39.53 -25.13
CA LEU D 183 10.83 -38.36 -26.02
C LEU D 183 12.20 -37.75 -26.20
N ASP D 184 12.66 -37.69 -27.45
CA ASP D 184 14.00 -37.24 -27.77
C ASP D 184 13.86 -36.08 -28.75
N TRP D 185 14.41 -34.91 -28.39
CA TRP D 185 14.34 -33.72 -29.21
C TRP D 185 15.01 -33.91 -30.57
N GLN D 186 16.18 -34.53 -30.56
CA GLN D 186 16.95 -34.73 -31.79
C GLN D 186 16.39 -35.86 -32.66
N ALA D 187 15.32 -36.51 -32.19
CA ALA D 187 14.58 -37.47 -33.00
C ALA D 187 13.12 -37.48 -32.54
N LEU D 188 12.42 -36.40 -32.87
CA LEU D 188 11.09 -36.13 -32.29
C LEU D 188 9.97 -36.35 -33.29
N ASN D 189 8.89 -36.97 -32.80
CA ASN D 189 7.70 -37.21 -33.60
C ASN D 189 6.60 -36.26 -33.16
N TYR D 190 6.46 -35.14 -33.87
CA TYR D 190 5.50 -34.11 -33.50
C TYR D 190 4.40 -33.95 -34.54
N GLU D 191 3.31 -33.34 -34.13
CA GLU D 191 2.26 -32.90 -35.05
C GLU D 191 1.84 -31.48 -34.69
N ILE D 192 2.05 -30.56 -35.62
CA ILE D 192 1.67 -29.15 -35.42
C ILE D 192 0.20 -28.98 -35.76
N ARG D 193 -0.53 -28.26 -34.91
CA ARG D 193 -1.91 -27.90 -35.18
C ARG D 193 -2.07 -26.42 -34.92
N GLY D 194 -2.58 -25.71 -35.92
CA GLY D 194 -2.74 -24.28 -35.85
C GLY D 194 -1.43 -23.52 -35.89
N TYR D 195 -1.41 -22.37 -35.24
CA TYR D 195 -0.31 -21.40 -35.36
C TYR D 195 0.83 -21.72 -34.42
N VAL D 196 1.77 -22.53 -34.88
CA VAL D 196 3.05 -22.73 -34.19
C VAL D 196 4.17 -22.85 -35.23
N ILE D 197 5.24 -22.10 -35.01
CA ILE D 197 6.33 -21.97 -35.96
C ILE D 197 7.58 -22.61 -35.37
N ILE D 198 8.38 -23.24 -36.23
CA ILE D 198 9.70 -23.72 -35.81
C ILE D 198 10.76 -22.71 -36.20
N LYS D 199 11.52 -22.23 -35.23
CA LYS D 199 12.56 -21.22 -35.46
C LYS D 199 13.83 -21.57 -34.70
N PRO D 200 14.98 -21.04 -35.12
CA PRO D 200 16.23 -21.21 -34.37
C PRO D 200 16.15 -20.73 -32.93
N LEU D 201 16.81 -21.43 -32.03
CA LEU D 201 16.86 -21.05 -30.62
C LEU D 201 18.00 -20.05 -30.45
N VAL D 202 17.66 -18.80 -30.12
CA VAL D 202 18.67 -17.75 -30.02
C VAL D 202 18.89 -17.16 -28.62
N TRP D 203 18.01 -17.53 -27.68
CA TRP D 203 18.15 -17.07 -26.29
C TRP D 203 19.02 -17.99 -25.45
N VAL D 204 19.92 -18.71 -26.11
CA VAL D 204 20.91 -19.58 -25.46
C VAL D 204 22.28 -19.38 -26.12
N HIS E 1 20.86 12.22 -47.78
CA HIS E 1 22.21 11.56 -47.68
C HIS E 1 23.21 12.45 -46.92
N THR E 2 23.12 12.40 -45.59
CA THR E 2 24.09 13.08 -44.72
C THR E 2 24.63 12.12 -43.66
N ASP E 3 25.96 12.11 -43.52
CA ASP E 3 26.66 11.27 -42.54
C ASP E 3 26.38 11.74 -41.12
N LEU E 4 25.44 11.08 -40.45
CA LEU E 4 25.03 11.41 -39.08
C LEU E 4 25.74 10.53 -38.05
N SER E 5 26.91 10.01 -38.44
CA SER E 5 27.68 9.08 -37.61
C SER E 5 28.28 9.79 -36.40
N GLY E 6 27.76 9.45 -35.22
CA GLY E 6 28.21 10.04 -33.98
C GLY E 6 27.38 11.24 -33.55
N LYS E 7 26.18 11.37 -34.13
CA LYS E 7 25.26 12.45 -33.82
C LYS E 7 23.84 11.94 -33.60
N VAL E 8 23.05 12.68 -32.81
CA VAL E 8 21.72 12.24 -32.41
C VAL E 8 20.65 13.33 -32.56
N PHE E 9 19.44 12.92 -32.96
CA PHE E 9 18.27 13.81 -32.97
C PHE E 9 17.83 14.03 -31.53
N VAL E 10 17.89 15.28 -31.06
CA VAL E 10 17.44 15.57 -29.71
C VAL E 10 16.11 16.33 -29.71
N PHE E 11 15.08 15.66 -29.20
CA PHE E 11 13.77 16.25 -29.03
C PHE E 11 13.67 16.77 -27.59
N PRO E 12 13.88 18.09 -27.44
CA PRO E 12 14.21 18.67 -26.14
C PRO E 12 13.01 19.02 -25.24
N ARG E 13 11.81 19.06 -25.80
CA ARG E 13 10.62 19.42 -25.03
C ARG E 13 9.40 18.62 -25.48
N GLU E 14 8.39 18.54 -24.61
CA GLU E 14 7.13 17.90 -24.96
C GLU E 14 6.34 18.84 -25.86
N SER E 15 5.91 18.32 -27.01
CA SER E 15 5.24 19.13 -28.02
C SER E 15 4.28 18.32 -28.86
N VAL E 16 3.39 19.02 -29.57
CA VAL E 16 2.45 18.40 -30.49
C VAL E 16 2.78 18.80 -31.94
N THR E 17 4.01 19.29 -32.12
CA THR E 17 4.41 19.89 -33.40
C THR E 17 5.80 19.47 -33.88
N ASP E 18 6.72 19.24 -32.94
CA ASP E 18 8.12 18.93 -33.28
C ASP E 18 8.32 17.48 -33.68
N HIS E 19 8.79 17.28 -34.91
CA HIS E 19 9.00 15.94 -35.47
C HIS E 19 10.10 15.92 -36.52
N VAL E 20 10.49 14.71 -36.95
CA VAL E 20 11.42 14.55 -38.07
C VAL E 20 10.85 13.56 -39.10
N ASN E 21 10.72 14.00 -40.34
CA ASN E 21 10.24 13.14 -41.43
C ASN E 21 11.39 12.47 -42.18
N LEU E 22 11.35 11.14 -42.24
CA LEU E 22 12.35 10.36 -42.96
C LEU E 22 11.80 9.93 -44.32
N ILE E 23 12.55 10.20 -45.38
CA ILE E 23 12.16 9.81 -46.71
C ILE E 23 12.83 8.48 -47.06
N THR E 24 12.05 7.56 -47.59
CA THR E 24 12.56 6.24 -47.96
C THR E 24 12.37 5.93 -49.44
N PRO E 25 13.39 5.32 -50.05
CA PRO E 25 13.25 4.75 -51.39
C PRO E 25 12.65 3.35 -51.27
N LEU E 26 11.33 3.30 -51.22
CA LEU E 26 10.62 2.05 -51.04
C LEU E 26 9.28 2.08 -51.79
N GLU E 27 9.26 1.47 -52.97
CA GLU E 27 8.00 1.19 -53.67
C GLU E 27 7.96 -0.27 -54.15
N LYS E 28 8.31 -1.13 -53.21
CA LYS E 28 7.91 -2.51 -53.24
C LYS E 28 7.33 -2.73 -51.85
N PRO E 29 6.08 -3.19 -51.76
CA PRO E 29 5.46 -3.49 -50.47
C PRO E 29 6.38 -4.30 -49.56
N LEU E 30 6.40 -3.95 -48.28
CA LEU E 30 7.28 -4.59 -47.31
C LEU E 30 6.79 -5.97 -46.90
N GLN E 31 7.73 -6.90 -46.85
CA GLN E 31 7.47 -8.31 -46.66
C GLN E 31 8.19 -8.77 -45.42
N ASN E 32 9.51 -8.52 -45.41
CA ASN E 32 10.39 -8.77 -44.27
C ASN E 32 11.11 -7.47 -43.93
N PHE E 33 11.40 -7.25 -42.65
CA PHE E 33 12.20 -6.09 -42.25
C PHE E 33 12.93 -6.23 -40.91
N THR E 34 13.94 -5.38 -40.73
CA THR E 34 14.58 -5.14 -39.44
C THR E 34 14.71 -3.62 -39.24
N LEU E 35 14.50 -3.17 -38.01
CA LEU E 35 14.64 -1.78 -37.64
C LEU E 35 15.52 -1.72 -36.40
N CYS E 36 16.55 -0.87 -36.46
CA CYS E 36 17.45 -0.71 -35.32
C CYS E 36 17.66 0.77 -35.04
N PHE E 37 17.63 1.14 -33.75
CA PHE E 37 17.97 2.49 -33.32
C PHE E 37 18.34 2.54 -31.85
N ARG E 38 18.97 3.64 -31.47
CA ARG E 38 19.28 3.93 -30.08
C ARG E 38 18.32 4.99 -29.55
N ALA E 39 17.94 4.85 -28.28
CA ALA E 39 16.99 5.75 -27.66
C ALA E 39 17.34 6.05 -26.21
N TYR E 40 17.48 7.33 -25.89
CA TYR E 40 17.71 7.77 -24.53
C TYR E 40 16.63 8.76 -24.09
N SER E 41 15.84 8.36 -23.09
CA SER E 41 14.71 9.17 -22.61
C SER E 41 14.36 8.84 -21.17
N ASP E 42 13.86 9.86 -20.45
CA ASP E 42 13.42 9.68 -19.07
C ASP E 42 11.89 9.80 -18.92
N LEU E 43 11.17 9.58 -20.01
CA LEU E 43 9.72 9.63 -20.01
C LEU E 43 9.10 8.42 -19.32
N SER E 44 8.18 8.68 -18.39
CA SER E 44 7.47 7.61 -17.68
C SER E 44 6.28 7.11 -18.49
N ARG E 45 5.53 8.06 -19.08
CA ARG E 45 4.35 7.77 -19.89
C ARG E 45 4.64 7.01 -21.18
N ALA E 46 3.59 6.72 -21.93
CA ALA E 46 3.71 6.02 -23.22
C ALA E 46 4.18 6.96 -24.32
N TYR E 47 4.97 6.44 -25.26
CA TYR E 47 5.46 7.22 -26.39
C TYR E 47 5.84 6.35 -27.59
N SER E 48 5.68 6.89 -28.79
CA SER E 48 6.07 6.17 -30.00
C SER E 48 7.54 6.40 -30.33
N LEU E 49 8.25 5.32 -30.66
CA LEU E 49 9.62 5.46 -31.14
C LEU E 49 9.62 5.74 -32.64
N PHE E 50 8.84 4.96 -33.38
CA PHE E 50 8.87 4.96 -34.85
C PHE E 50 7.47 4.83 -35.44
N SER E 51 7.08 5.80 -36.28
CA SER E 51 5.73 5.82 -36.87
C SER E 51 5.73 5.76 -38.40
N TYR E 52 5.11 4.70 -38.91
CA TYR E 52 5.07 4.42 -40.35
C TYR E 52 3.61 4.22 -40.72
N ASN E 53 3.05 5.22 -41.40
CA ASN E 53 1.67 5.18 -41.87
C ASN E 53 1.59 5.33 -43.38
N THR E 54 0.58 4.72 -43.98
CA THR E 54 0.32 4.84 -45.40
C THR E 54 -1.07 5.46 -45.56
N GLN E 55 -1.44 5.83 -46.79
CA GLN E 55 -2.72 6.47 -47.05
C GLN E 55 -3.90 5.58 -46.60
N GLY E 56 -4.75 6.14 -45.73
CA GLY E 56 -5.97 5.51 -45.27
C GLY E 56 -5.76 4.32 -44.34
N ARG E 57 -4.51 4.11 -43.94
CA ARG E 57 -4.12 2.99 -43.11
C ARG E 57 -3.27 3.47 -41.94
N ASP E 58 -3.88 3.47 -40.75
CA ASP E 58 -3.25 3.96 -39.54
C ASP E 58 -2.47 2.85 -38.88
N ASN E 59 -1.36 3.24 -38.23
CA ASN E 59 -0.47 2.28 -37.56
C ASN E 59 -0.15 1.09 -38.44
N GLU E 60 0.35 1.37 -39.65
CA GLU E 60 0.78 0.33 -40.58
C GLU E 60 2.03 -0.35 -40.04
N LEU E 61 3.00 0.45 -39.59
CA LEU E 61 4.17 -0.07 -38.88
C LEU E 61 4.56 0.91 -37.78
N LEU E 62 4.40 0.48 -36.53
CA LEU E 62 4.66 1.34 -35.38
C LEU E 62 5.37 0.61 -34.25
N VAL E 63 6.48 1.20 -33.79
CA VAL E 63 7.17 0.74 -32.60
C VAL E 63 6.79 1.69 -31.47
N TYR E 64 6.17 1.13 -30.44
CA TYR E 64 5.53 1.90 -29.38
C TYR E 64 5.94 1.38 -28.01
N LYS E 65 6.07 2.27 -27.05
CA LYS E 65 6.45 1.91 -25.68
C LYS E 65 5.37 2.28 -24.68
N GLU E 66 4.59 1.29 -24.26
CA GLU E 66 3.50 1.51 -23.29
C GLU E 66 4.05 2.03 -21.95
N ARG E 67 5.04 1.31 -21.42
CA ARG E 67 5.66 1.64 -20.15
C ARG E 67 7.04 0.97 -20.04
N VAL E 68 7.74 1.27 -18.95
CA VAL E 68 9.08 0.72 -18.70
C VAL E 68 9.07 -0.80 -18.80
N GLY E 69 9.86 -1.32 -19.72
CA GLY E 69 10.01 -2.75 -19.89
C GLY E 69 9.00 -3.38 -20.81
N GLU E 70 8.13 -2.56 -21.40
CA GLU E 70 7.11 -3.03 -22.32
C GLU E 70 7.24 -2.37 -23.68
N TYR E 71 7.51 -3.18 -24.70
CA TYR E 71 7.65 -2.69 -26.06
C TYR E 71 6.62 -3.34 -26.98
N SER E 72 5.95 -2.51 -27.78
CA SER E 72 4.93 -3.00 -28.70
C SER E 72 5.31 -2.76 -30.16
N LEU E 73 5.08 -3.78 -31.00
CA LEU E 73 5.15 -3.61 -32.43
C LEU E 73 3.75 -3.67 -33.02
N TYR E 74 3.45 -2.71 -33.88
CA TYR E 74 2.20 -2.70 -34.61
C TYR E 74 2.47 -2.99 -36.07
N ILE E 75 1.76 -3.98 -36.61
CA ILE E 75 1.74 -4.22 -38.05
C ILE E 75 0.30 -4.26 -38.52
N GLY E 76 -0.05 -3.36 -39.44
CA GLY E 76 -1.36 -3.34 -40.03
C GLY E 76 -2.48 -3.16 -39.02
N ARG E 77 -2.27 -2.22 -38.08
CA ARG E 77 -3.20 -1.94 -36.99
C ARG E 77 -3.11 -2.94 -35.85
N HIS E 78 -2.73 -4.18 -36.16
CA HIS E 78 -2.63 -5.25 -35.16
C HIS E 78 -1.41 -5.08 -34.28
N LYS E 79 -1.43 -5.72 -33.12
CA LYS E 79 -0.45 -5.46 -32.08
C LYS E 79 0.14 -6.72 -31.48
N VAL E 80 1.45 -6.68 -31.20
CA VAL E 80 2.07 -7.58 -30.22
C VAL E 80 2.91 -6.82 -29.19
N THR E 81 3.05 -7.40 -27.99
CA THR E 81 3.76 -6.77 -26.89
C THR E 81 4.67 -7.77 -26.19
N SER E 82 5.94 -7.41 -26.05
CA SER E 82 6.90 -8.24 -25.30
C SER E 82 7.57 -7.48 -24.17
N LYS E 83 7.94 -8.21 -23.11
CA LYS E 83 8.45 -7.62 -21.86
C LYS E 83 9.94 -7.84 -21.61
N VAL E 84 10.58 -6.86 -20.97
CA VAL E 84 11.99 -6.95 -20.60
C VAL E 84 12.27 -6.38 -19.21
N ILE E 85 13.34 -6.86 -18.58
CA ILE E 85 13.91 -6.22 -17.38
C ILE E 85 14.80 -5.08 -17.85
N GLU E 86 14.47 -3.86 -17.45
CA GLU E 86 15.32 -2.70 -17.78
C GLU E 86 15.33 -1.60 -16.73
N LYS E 87 16.50 -0.99 -16.55
CA LYS E 87 16.68 0.15 -15.65
C LYS E 87 16.00 1.40 -16.24
N PHE E 88 15.55 2.29 -15.37
CA PHE E 88 14.97 3.55 -15.80
C PHE E 88 15.43 4.70 -14.91
N PRO E 89 15.96 5.77 -15.53
CA PRO E 89 16.15 5.85 -16.98
C PRO E 89 17.46 5.23 -17.45
N ALA E 90 17.46 4.73 -18.69
CA ALA E 90 18.63 4.09 -19.28
C ALA E 90 18.64 4.16 -20.81
N PRO E 91 19.81 4.43 -21.39
CA PRO E 91 20.00 4.35 -22.85
C PRO E 91 19.74 2.94 -23.36
N VAL E 92 18.92 2.83 -24.39
CA VAL E 92 18.49 1.52 -24.88
C VAL E 92 18.80 1.34 -26.36
N HIS E 93 19.09 0.10 -26.75
CA HIS E 93 19.25 -0.23 -28.17
C HIS E 93 18.13 -1.17 -28.59
N ILE E 94 17.47 -0.83 -29.69
CA ILE E 94 16.32 -1.62 -30.14
C ILE E 94 16.48 -2.09 -31.57
N CYS E 95 16.19 -3.37 -31.79
CA CYS E 95 15.98 -3.93 -33.11
C CYS E 95 14.67 -4.70 -33.08
N VAL E 96 13.85 -4.49 -34.10
CA VAL E 96 12.67 -5.33 -34.29
C VAL E 96 12.63 -5.91 -35.70
N SER E 97 12.32 -7.19 -35.80
CA SER E 97 12.18 -7.83 -37.10
C SER E 97 10.74 -8.29 -37.29
N TRP E 98 10.35 -8.48 -38.53
CA TRP E 98 9.07 -9.07 -38.85
C TRP E 98 9.14 -9.77 -40.21
N GLU E 99 8.31 -10.79 -40.40
CA GLU E 99 8.48 -11.71 -41.50
C GLU E 99 7.12 -12.29 -41.86
N SER E 100 6.41 -11.64 -42.78
CA SER E 100 5.07 -12.06 -43.19
C SER E 100 4.86 -13.58 -43.31
N SER E 101 5.81 -14.27 -43.94
CA SER E 101 5.70 -15.71 -44.20
C SER E 101 5.46 -16.57 -42.95
N SER E 102 6.03 -16.16 -41.82
CA SER E 102 5.79 -16.79 -40.52
C SER E 102 4.95 -15.90 -39.59
N GLY E 103 5.10 -14.60 -39.75
CA GLY E 103 4.38 -13.63 -38.93
C GLY E 103 5.11 -13.28 -37.66
N ILE E 104 6.27 -13.92 -37.47
CA ILE E 104 7.03 -13.76 -36.24
C ILE E 104 7.64 -12.36 -36.11
N ALA E 105 7.44 -11.75 -34.94
CA ALA E 105 7.97 -10.45 -34.61
C ALA E 105 9.04 -10.63 -33.54
N GLU E 106 10.23 -10.11 -33.82
CA GLU E 106 11.44 -10.46 -33.07
C GLU E 106 12.11 -9.21 -32.47
N PHE E 107 11.82 -8.95 -31.19
CA PHE E 107 12.34 -7.78 -30.47
C PHE E 107 13.68 -8.09 -29.82
N TRP E 108 14.65 -7.20 -29.99
CA TRP E 108 15.93 -7.29 -29.30
C TRP E 108 16.20 -6.01 -28.53
N ILE E 109 16.51 -6.13 -27.23
CA ILE E 109 16.77 -4.99 -26.38
C ILE E 109 18.18 -5.11 -25.83
N ASN E 110 19.02 -4.13 -26.16
CA ASN E 110 20.44 -4.14 -25.78
C ASN E 110 21.11 -5.50 -26.06
N GLY E 111 20.79 -6.09 -27.21
CA GLY E 111 21.39 -7.35 -27.63
C GLY E 111 20.71 -8.59 -27.09
N THR E 112 19.66 -8.39 -26.31
CA THR E 112 18.94 -9.48 -25.65
C THR E 112 17.64 -9.76 -26.39
N PRO E 113 17.41 -11.02 -26.76
CA PRO E 113 16.16 -11.38 -27.45
C PRO E 113 14.99 -11.45 -26.47
N LEU E 114 13.90 -10.75 -26.79
CA LEU E 114 12.69 -10.91 -26.02
C LEU E 114 11.93 -12.12 -26.56
N VAL E 115 10.75 -12.37 -26.01
CA VAL E 115 9.94 -13.49 -26.46
C VAL E 115 9.34 -13.18 -27.84
N LYS E 116 9.56 -14.10 -28.78
CA LYS E 116 9.02 -13.99 -30.12
C LYS E 116 7.50 -13.98 -30.09
N LYS E 117 6.91 -13.04 -30.80
CA LYS E 117 5.45 -13.00 -30.96
C LYS E 117 5.08 -13.16 -32.44
N GLY E 118 3.78 -13.18 -32.73
CA GLY E 118 3.33 -13.35 -34.10
C GLY E 118 2.09 -12.56 -34.44
N LEU E 119 2.15 -11.84 -35.55
CA LEU E 119 1.01 -11.09 -36.03
C LEU E 119 1.01 -10.99 -37.57
N ARG E 120 -0.20 -10.95 -38.14
CA ARG E 120 -0.42 -10.69 -39.57
C ARG E 120 0.42 -11.58 -40.52
N GLN E 121 0.11 -12.88 -40.52
CA GLN E 121 0.78 -13.79 -41.43
C GLN E 121 0.10 -13.75 -42.79
N GLY E 122 0.88 -13.46 -43.83
CA GLY E 122 0.37 -13.36 -45.18
C GLY E 122 0.08 -11.92 -45.53
N TYR E 123 0.30 -11.03 -44.57
CA TYR E 123 0.10 -9.60 -44.75
C TYR E 123 1.41 -8.92 -45.16
N PHE E 124 1.31 -7.92 -46.02
CA PHE E 124 2.48 -7.14 -46.44
C PHE E 124 2.22 -5.68 -46.10
N VAL E 125 3.22 -5.02 -45.50
CA VAL E 125 3.05 -3.63 -45.08
C VAL E 125 3.12 -2.72 -46.31
N GLU E 126 2.10 -1.88 -46.46
CA GLU E 126 1.93 -1.05 -47.64
C GLU E 126 3.15 -0.17 -47.91
N ALA E 127 3.43 0.08 -49.19
CA ALA E 127 4.51 0.98 -49.57
C ALA E 127 4.03 2.43 -49.52
N GLN E 128 4.75 3.34 -50.19
CA GLN E 128 4.40 4.77 -50.20
C GLN E 128 4.13 5.32 -48.78
N PRO E 129 5.04 5.07 -47.84
CA PRO E 129 4.84 5.52 -46.47
C PRO E 129 5.30 6.94 -46.20
N LYS E 130 4.81 7.49 -45.10
CA LYS E 130 5.33 8.71 -44.52
C LYS E 130 5.84 8.30 -43.14
N ILE E 131 7.14 8.43 -42.95
CA ILE E 131 7.77 7.97 -41.71
C ILE E 131 8.15 9.17 -40.84
N VAL E 132 7.68 9.16 -39.59
CA VAL E 132 8.02 10.23 -38.65
C VAL E 132 8.69 9.74 -37.37
N LEU E 133 9.48 10.62 -36.78
CA LEU E 133 10.04 10.42 -35.45
C LEU E 133 9.47 11.52 -34.54
N GLY E 134 9.60 11.33 -33.23
CA GLY E 134 9.18 12.34 -32.27
C GLY E 134 7.68 12.55 -32.15
N GLN E 135 6.93 11.97 -33.07
CA GLN E 135 5.47 12.07 -33.05
C GLN E 135 4.80 10.77 -33.45
N GLU E 136 3.50 10.68 -33.18
CA GLU E 136 2.70 9.50 -33.51
C GLU E 136 1.57 9.89 -34.45
N GLN E 137 1.51 9.22 -35.59
CA GLN E 137 0.55 9.57 -36.64
C GLN E 137 -0.80 8.89 -36.48
N ASP E 138 -1.85 9.67 -36.73
CA ASP E 138 -3.22 9.15 -36.78
C ASP E 138 -3.84 9.43 -38.15
N SER E 139 -3.05 10.05 -39.03
CA SER E 139 -3.42 10.25 -40.42
C SER E 139 -2.17 10.10 -41.28
N TYR E 140 -2.28 10.44 -42.56
CA TYR E 140 -1.14 10.31 -43.47
C TYR E 140 -0.16 11.46 -43.31
N GLY E 141 0.78 11.30 -42.38
CA GLY E 141 1.80 12.30 -42.12
C GLY E 141 1.52 13.28 -40.97
N GLY E 142 0.28 13.32 -40.49
CA GLY E 142 -0.12 14.24 -39.44
C GLY E 142 -0.92 13.64 -38.29
N LYS E 143 -1.79 14.46 -37.71
CA LYS E 143 -2.61 14.13 -36.52
C LYS E 143 -1.76 13.65 -35.33
N PHE E 144 -0.99 14.57 -34.77
CA PHE E 144 -0.08 14.27 -33.66
C PHE E 144 -0.78 14.32 -32.30
N ASP E 145 -0.19 13.61 -31.34
CA ASP E 145 -0.71 13.55 -29.99
C ASP E 145 0.38 13.96 -29.00
N ARG E 146 0.04 14.87 -28.11
CA ARG E 146 1.00 15.46 -27.17
C ARG E 146 1.36 14.49 -26.04
N SER E 147 0.44 13.59 -25.72
CA SER E 147 0.69 12.55 -24.72
C SER E 147 1.49 11.37 -25.28
N GLN E 148 1.60 11.33 -26.61
CA GLN E 148 2.30 10.27 -27.32
C GLN E 148 3.66 10.74 -27.82
N SER E 149 3.90 12.05 -27.73
CA SER E 149 5.14 12.65 -28.21
C SER E 149 6.36 12.06 -27.53
N PHE E 150 7.44 11.91 -28.28
CA PHE E 150 8.70 11.43 -27.74
C PHE E 150 9.65 12.59 -27.44
N VAL E 151 10.09 12.69 -26.20
CA VAL E 151 11.13 13.62 -25.82
C VAL E 151 12.35 12.82 -25.41
N GLY E 152 13.50 13.17 -25.97
CA GLY E 152 14.73 12.45 -25.67
C GLY E 152 15.75 12.49 -26.78
N GLU E 153 16.50 11.39 -26.92
CA GLU E 153 17.60 11.32 -27.87
C GLU E 153 17.53 10.04 -28.69
N ILE E 154 17.49 10.18 -30.01
CA ILE E 154 17.48 9.05 -30.93
C ILE E 154 18.64 9.15 -31.91
N GLY E 155 19.38 8.06 -32.04
CA GLY E 155 20.49 7.99 -32.97
C GLY E 155 20.72 6.59 -33.51
N ASP E 156 21.66 6.48 -34.45
CA ASP E 156 22.04 5.21 -35.08
C ASP E 156 20.82 4.40 -35.59
N LEU E 157 19.94 5.08 -36.30
CA LEU E 157 18.75 4.48 -36.89
C LEU E 157 19.12 3.77 -38.18
N TYR E 158 18.72 2.50 -38.31
CA TYR E 158 18.92 1.76 -39.56
C TYR E 158 17.67 0.94 -39.86
N MET E 159 17.47 0.63 -41.15
CA MET E 159 16.37 -0.24 -41.57
C MET E 159 16.74 -1.09 -42.77
N TRP E 160 16.50 -2.39 -42.64
CA TRP E 160 16.75 -3.36 -43.72
C TRP E 160 15.44 -3.97 -44.19
N ASP E 161 15.42 -4.47 -45.43
CA ASP E 161 14.25 -5.17 -45.95
C ASP E 161 14.37 -6.68 -45.79
N SER E 162 15.13 -7.10 -44.79
CA SER E 162 15.34 -8.52 -44.49
C SER E 162 15.35 -8.75 -42.98
N VAL E 163 15.03 -9.97 -42.55
CA VAL E 163 15.23 -10.35 -41.15
C VAL E 163 16.71 -10.58 -40.92
N LEU E 164 17.27 -9.85 -39.95
CA LEU E 164 18.67 -9.99 -39.61
C LEU E 164 18.89 -11.16 -38.65
N PRO E 165 19.87 -12.00 -38.95
CA PRO E 165 20.25 -13.07 -38.04
C PRO E 165 20.71 -12.49 -36.69
N PRO E 166 20.63 -13.27 -35.61
CA PRO E 166 21.13 -12.82 -34.30
C PRO E 166 22.48 -12.13 -34.38
N GLU E 167 23.39 -12.68 -35.17
CA GLU E 167 24.73 -12.12 -35.34
C GLU E 167 24.68 -10.65 -35.75
N ASN E 168 24.03 -10.39 -36.88
CA ASN E 168 23.94 -9.05 -37.46
C ASN E 168 23.28 -8.02 -36.54
N ILE E 169 22.36 -8.50 -35.70
CA ILE E 169 21.73 -7.66 -34.68
C ILE E 169 22.77 -7.18 -33.68
N LEU E 170 23.64 -8.10 -33.24
CA LEU E 170 24.71 -7.77 -32.31
C LEU E 170 25.77 -6.89 -32.98
N SER E 171 25.95 -7.11 -34.29
CA SER E 171 26.84 -6.28 -35.08
C SER E 171 26.38 -4.82 -35.04
N ALA E 172 25.06 -4.64 -35.05
CA ALA E 172 24.44 -3.32 -34.98
C ALA E 172 24.57 -2.73 -33.58
N TYR E 173 24.38 -3.59 -32.59
CA TYR E 173 24.44 -3.20 -31.18
C TYR E 173 25.80 -2.64 -30.80
N GLN E 174 26.86 -3.31 -31.24
CA GLN E 174 28.22 -2.93 -30.85
C GLN E 174 28.86 -1.86 -31.76
N GLY E 175 28.01 -1.16 -32.52
CA GLY E 175 28.42 0.03 -33.25
C GLY E 175 29.14 -0.15 -34.58
N THR E 176 29.02 -1.34 -35.17
CA THR E 176 29.55 -1.61 -36.51
C THR E 176 28.48 -2.33 -37.34
N PRO E 177 27.44 -1.60 -37.74
CA PRO E 177 26.25 -2.21 -38.32
C PRO E 177 26.45 -2.59 -39.78
N LEU E 178 25.56 -3.44 -40.31
CA LEU E 178 25.59 -3.82 -41.71
C LEU E 178 24.98 -2.72 -42.59
N PRO E 179 25.33 -2.71 -43.89
CA PRO E 179 24.77 -1.71 -44.82
C PRO E 179 23.27 -1.91 -45.00
N ALA E 180 22.49 -0.87 -44.70
CA ALA E 180 21.03 -0.92 -44.81
C ALA E 180 20.54 -0.21 -46.07
N ASN E 181 19.40 -0.67 -46.59
CA ASN E 181 18.89 -0.20 -47.89
C ASN E 181 17.62 0.64 -47.82
N ILE E 182 16.81 0.44 -46.78
CA ILE E 182 15.63 1.28 -46.58
C ILE E 182 16.02 2.59 -45.90
N LEU E 183 16.63 2.49 -44.73
CA LEU E 183 17.05 3.65 -43.94
C LEU E 183 18.50 3.50 -43.47
N ASP E 184 19.33 4.47 -43.83
CA ASP E 184 20.74 4.48 -43.47
C ASP E 184 21.08 5.76 -42.69
N TRP E 185 21.53 5.60 -41.46
CA TRP E 185 21.90 6.75 -40.62
C TRP E 185 23.15 7.46 -41.12
N GLN E 186 23.93 6.78 -41.94
CA GLN E 186 25.14 7.34 -42.55
C GLN E 186 24.82 8.06 -43.87
N ALA E 187 23.57 7.95 -44.30
CA ALA E 187 23.09 8.50 -45.56
C ALA E 187 21.58 8.69 -45.49
N LEU E 188 21.13 9.36 -44.42
CA LEU E 188 19.70 9.55 -44.16
C LEU E 188 19.19 10.84 -44.77
N ASN E 189 18.11 10.74 -45.54
CA ASN E 189 17.39 11.92 -45.98
C ASN E 189 16.28 12.21 -44.97
N TYR E 190 16.28 13.43 -44.46
CA TYR E 190 15.43 13.79 -43.33
C TYR E 190 15.00 15.25 -43.41
N GLU E 191 13.87 15.56 -42.80
CA GLU E 191 13.39 16.92 -42.70
C GLU E 191 13.06 17.23 -41.24
N ILE E 192 13.77 18.20 -40.68
CA ILE E 192 13.47 18.71 -39.35
C ILE E 192 12.33 19.72 -39.45
N ARG E 193 11.31 19.50 -38.62
CA ARG E 193 10.19 20.41 -38.53
C ARG E 193 9.95 20.73 -37.07
N GLY E 194 9.86 22.02 -36.76
CA GLY E 194 9.74 22.49 -35.39
C GLY E 194 11.07 22.43 -34.64
N TYR E 195 10.99 22.17 -33.34
CA TYR E 195 12.15 22.15 -32.46
C TYR E 195 12.78 20.75 -32.29
N VAL E 196 13.87 20.53 -33.01
CA VAL E 196 14.68 19.31 -32.88
C VAL E 196 16.10 19.58 -33.36
N ILE E 197 17.08 19.31 -32.49
CA ILE E 197 18.48 19.65 -32.76
C ILE E 197 19.32 18.42 -33.04
N ILE E 198 20.44 18.62 -33.73
CA ILE E 198 21.45 17.58 -33.90
C ILE E 198 22.67 17.92 -33.05
N LYS E 199 23.05 16.99 -32.17
CA LYS E 199 24.20 17.15 -31.29
C LYS E 199 24.96 15.83 -31.22
N PRO E 200 26.22 15.85 -30.75
CA PRO E 200 27.03 14.63 -30.68
C PRO E 200 26.48 13.59 -29.71
N LEU E 201 26.53 12.31 -30.12
CA LEU E 201 26.10 11.21 -29.28
C LEU E 201 27.17 10.92 -28.23
N VAL E 202 26.83 11.18 -26.96
CA VAL E 202 27.81 11.11 -25.88
C VAL E 202 27.49 10.10 -24.77
N TRP E 203 26.38 9.38 -24.92
CA TRP E 203 25.99 8.38 -23.92
C TRP E 203 26.31 6.95 -24.36
N VAL E 204 27.19 6.83 -25.36
CA VAL E 204 27.77 5.56 -25.76
C VAL E 204 29.30 5.69 -25.88
N HIS F 1 -6.90 40.69 32.43
CA HIS F 1 -8.34 40.98 32.66
C HIS F 1 -9.00 41.55 31.41
N THR F 2 -9.44 40.66 30.53
CA THR F 2 -10.05 41.04 29.25
C THR F 2 -11.11 40.02 28.80
N ASP F 3 -12.34 40.52 28.62
CA ASP F 3 -13.49 39.68 28.27
C ASP F 3 -13.40 39.14 26.84
N LEU F 4 -13.18 37.83 26.73
CA LEU F 4 -12.95 37.20 25.43
C LEU F 4 -14.11 36.30 24.96
N SER F 5 -15.31 36.62 25.44
CA SER F 5 -16.52 35.89 25.05
C SER F 5 -16.87 36.16 23.58
N GLY F 6 -16.95 35.07 22.81
CA GLY F 6 -17.20 35.15 21.37
C GLY F 6 -15.98 35.58 20.59
N LYS F 7 -14.80 35.31 21.15
CA LYS F 7 -13.53 35.68 20.55
C LYS F 7 -12.55 34.51 20.59
N VAL F 8 -11.63 34.46 19.62
CA VAL F 8 -10.60 33.41 19.58
C VAL F 8 -9.20 34.00 19.41
N PHE F 9 -8.19 33.15 19.62
CA PHE F 9 -6.79 33.52 19.39
C PHE F 9 -6.25 32.83 18.14
N VAL F 10 -6.54 33.38 16.96
CA VAL F 10 -6.10 32.76 15.72
C VAL F 10 -4.57 32.85 15.54
N PHE F 11 -3.95 31.69 15.42
CA PHE F 11 -2.53 31.58 15.05
C PHE F 11 -2.55 31.30 13.55
N PRO F 12 -2.32 32.34 12.75
CA PRO F 12 -2.64 32.34 11.32
C PRO F 12 -1.59 31.69 10.40
N ARG F 13 -0.32 31.72 10.80
CA ARG F 13 0.73 31.06 10.03
C ARG F 13 1.55 30.09 10.88
N GLU F 14 2.01 29.01 10.25
CA GLU F 14 3.01 28.13 10.85
C GLU F 14 4.29 28.94 11.10
N SER F 15 4.82 28.85 12.31
CA SER F 15 6.01 29.62 12.69
C SER F 15 6.79 28.98 13.84
N VAL F 16 7.84 29.67 14.27
CA VAL F 16 8.64 29.27 15.43
C VAL F 16 8.61 30.35 16.51
N THR F 17 8.08 31.53 16.16
CA THR F 17 8.15 32.72 17.02
C THR F 17 6.83 33.07 17.73
N ASP F 18 5.71 32.93 17.02
CA ASP F 18 4.40 33.37 17.53
C ASP F 18 3.83 32.49 18.65
N HIS F 19 3.76 33.08 19.84
CA HIS F 19 3.31 32.39 21.05
C HIS F 19 2.51 33.32 21.97
N VAL F 20 1.47 32.77 22.59
CA VAL F 20 0.69 33.51 23.59
C VAL F 20 1.00 33.03 25.00
N ASN F 21 1.63 33.90 25.80
CA ASN F 21 1.96 33.58 27.19
C ASN F 21 0.75 33.74 28.12
N LEU F 22 0.27 32.58 28.63
CA LEU F 22 -0.78 32.55 29.64
C LEU F 22 -0.21 32.64 31.06
N ILE F 23 -0.47 33.75 31.75
CA ILE F 23 -0.01 33.95 33.13
C ILE F 23 -1.15 33.73 34.14
N THR F 24 -0.84 32.95 35.19
CA THR F 24 -1.76 32.72 36.31
C THR F 24 -1.09 33.03 37.64
N PRO F 25 -1.83 33.62 38.58
CA PRO F 25 -1.28 33.94 39.91
C PRO F 25 -1.38 32.80 40.94
N LEU F 26 -1.66 31.58 40.48
CA LEU F 26 -1.76 30.41 41.37
C LEU F 26 -0.36 29.91 41.76
N GLU F 27 0.01 30.17 43.02
CA GLU F 27 1.32 29.79 43.56
C GLU F 27 1.26 28.50 44.37
N LYS F 28 0.14 27.78 44.27
CA LYS F 28 -0.05 26.54 44.99
C LYS F 28 0.34 25.34 44.13
N PRO F 29 1.04 24.37 44.72
CA PRO F 29 1.33 23.09 44.05
C PRO F 29 0.05 22.37 43.68
N LEU F 30 -0.20 22.22 42.38
CA LEU F 30 -1.49 21.75 41.89
C LEU F 30 -1.82 20.31 42.31
N GLN F 31 -2.87 20.20 43.12
CA GLN F 31 -3.41 18.93 43.56
C GLN F 31 -4.23 18.33 42.43
N ASN F 32 -5.50 18.73 42.38
CA ASN F 32 -6.42 18.33 41.32
C ASN F 32 -6.63 19.50 40.33
N PHE F 33 -6.92 19.18 39.07
CA PHE F 33 -7.20 20.22 38.08
C PHE F 33 -8.11 19.76 36.95
N THR F 34 -8.79 20.72 36.34
CA THR F 34 -9.49 20.52 35.07
C THR F 34 -9.20 21.68 34.12
N LEU F 35 -9.12 21.37 32.82
CA LEU F 35 -8.82 22.37 31.79
C LEU F 35 -9.71 22.19 30.56
N CYS F 36 -10.37 23.29 30.17
CA CYS F 36 -11.25 23.29 29.00
C CYS F 36 -10.75 24.25 27.93
N PHE F 37 -11.08 23.92 26.68
CA PHE F 37 -10.94 24.83 25.54
C PHE F 37 -11.54 24.26 24.25
N ARG F 38 -11.86 25.17 23.32
CA ARG F 38 -12.20 24.82 21.96
C ARG F 38 -10.99 25.07 21.06
N ALA F 39 -10.92 24.32 19.97
CA ALA F 39 -9.83 24.45 19.01
C ALA F 39 -10.30 24.14 17.60
N TYR F 40 -9.63 24.74 16.62
CA TYR F 40 -9.89 24.49 15.20
C TYR F 40 -8.57 24.51 14.43
N SER F 41 -8.17 23.35 13.90
CA SER F 41 -6.86 23.21 13.26
C SER F 41 -6.86 22.08 12.25
N ASP F 42 -6.55 22.39 10.99
CA ASP F 42 -6.43 21.34 9.95
C ASP F 42 -5.00 20.85 9.76
N LEU F 43 -4.25 20.79 10.87
CA LEU F 43 -2.92 20.19 10.89
C LEU F 43 -3.03 18.67 11.01
N SER F 44 -2.36 17.97 10.11
CA SER F 44 -2.28 16.51 10.16
C SER F 44 -1.11 16.07 11.03
N ARG F 45 -0.06 16.89 11.06
CA ARG F 45 1.11 16.64 11.90
C ARG F 45 0.80 16.92 13.38
N ALA F 46 1.68 16.46 14.26
CA ALA F 46 1.55 16.67 15.70
C ALA F 46 1.76 18.13 16.09
N TYR F 47 1.15 18.53 17.21
CA TYR F 47 1.26 19.89 17.74
C TYR F 47 0.92 19.96 19.23
N SER F 48 1.18 21.12 19.84
CA SER F 48 0.85 21.34 21.24
C SER F 48 -0.39 22.22 21.41
N LEU F 49 -1.36 21.72 22.18
CA LEU F 49 -2.55 22.50 22.53
C LEU F 49 -2.25 23.46 23.67
N PHE F 50 -1.67 22.92 24.75
CA PHE F 50 -1.48 23.64 26.00
C PHE F 50 -0.19 23.19 26.69
N SER F 51 0.76 24.11 26.82
CA SER F 51 2.07 23.79 27.41
C SER F 51 2.28 24.41 28.79
N TYR F 52 2.75 23.58 29.71
CA TYR F 52 3.03 23.99 31.08
C TYR F 52 4.41 23.49 31.47
N ASN F 53 5.30 24.43 31.81
CA ASN F 53 6.68 24.13 32.16
C ASN F 53 7.12 24.95 33.37
N THR F 54 7.89 24.33 34.25
CA THR F 54 8.42 25.02 35.44
C THR F 54 9.94 25.01 35.49
N GLN F 55 10.47 25.46 36.63
CA GLN F 55 11.91 25.60 36.85
C GLN F 55 12.65 24.26 36.83
N GLY F 56 13.55 24.10 35.86
CA GLY F 56 14.38 22.92 35.72
C GLY F 56 13.64 21.63 35.37
N ARG F 57 12.41 21.76 34.89
CA ARG F 57 11.58 20.59 34.61
C ARG F 57 10.76 20.74 33.33
N ASP F 58 10.73 19.67 32.53
CA ASP F 58 10.12 19.72 31.21
C ASP F 58 8.77 18.99 31.14
N ASN F 59 7.81 19.63 30.49
CA ASN F 59 6.45 19.10 30.32
C ASN F 59 5.86 18.57 31.62
N GLU F 60 5.77 19.47 32.61
CA GLU F 60 5.16 19.15 33.90
C GLU F 60 3.66 18.94 33.72
N LEU F 61 3.06 19.77 32.87
CA LEU F 61 1.70 19.53 32.39
C LEU F 61 1.62 19.89 30.91
N LEU F 62 1.12 18.97 30.09
CA LEU F 62 1.07 19.19 28.65
C LEU F 62 -0.11 18.49 27.99
N VAL F 63 -0.85 19.25 27.18
CA VAL F 63 -1.90 18.67 26.36
C VAL F 63 -1.42 18.69 24.91
N TYR F 64 -1.09 17.50 24.41
CA TYR F 64 -0.42 17.33 23.13
C TYR F 64 -1.23 16.37 22.28
N LYS F 65 -1.25 16.62 20.97
CA LYS F 65 -1.97 15.78 20.01
C LYS F 65 -0.98 15.23 18.98
N GLU F 66 -0.81 13.92 18.97
CA GLU F 66 0.15 13.26 18.07
C GLU F 66 -0.39 13.22 16.66
N ARG F 67 -1.63 12.76 16.52
CA ARG F 67 -2.27 12.53 15.22
C ARG F 67 -3.77 12.74 15.36
N VAL F 68 -4.47 12.87 14.24
CA VAL F 68 -5.93 12.97 14.22
C VAL F 68 -6.54 11.92 15.15
N GLY F 69 -7.43 12.37 16.04
CA GLY F 69 -8.15 11.48 16.93
C GLY F 69 -7.36 10.89 18.06
N GLU F 70 -6.16 11.42 18.29
CA GLU F 70 -5.29 10.96 19.38
C GLU F 70 -4.89 12.16 20.23
N TYR F 71 -5.33 12.15 21.49
CA TYR F 71 -4.92 13.19 22.46
C TYR F 71 -4.15 12.57 23.61
N SER F 72 -3.14 13.29 24.08
CA SER F 72 -2.24 12.77 25.10
C SER F 72 -1.96 13.80 26.18
N LEU F 73 -1.78 13.31 27.41
CA LEU F 73 -1.38 14.16 28.52
C LEU F 73 0.00 13.79 29.06
N TYR F 74 0.77 14.81 29.46
CA TYR F 74 2.05 14.65 30.13
C TYR F 74 1.94 15.27 31.51
N ILE F 75 2.40 14.55 32.53
CA ILE F 75 2.56 15.12 33.88
C ILE F 75 3.94 14.76 34.46
N GLY F 76 4.78 15.78 34.65
CA GLY F 76 6.13 15.61 35.19
C GLY F 76 6.99 14.63 34.40
N ARG F 77 7.00 14.79 33.08
CA ARG F 77 7.78 13.97 32.13
C ARG F 77 7.17 12.61 31.74
N HIS F 78 6.14 12.17 32.47
CA HIS F 78 5.46 10.91 32.17
C HIS F 78 4.27 11.12 31.24
N LYS F 79 3.95 10.09 30.46
CA LYS F 79 2.98 10.20 29.37
C LYS F 79 1.72 9.37 29.60
N VAL F 80 0.59 9.84 29.06
CA VAL F 80 -0.64 9.04 28.90
C VAL F 80 -1.30 9.37 27.55
N THR F 81 -1.94 8.38 26.94
CA THR F 81 -2.48 8.54 25.58
C THR F 81 -3.84 7.83 25.41
N SER F 82 -4.84 8.60 24.99
CA SER F 82 -6.18 8.06 24.72
C SER F 82 -6.71 8.47 23.34
N LYS F 83 -7.37 7.53 22.66
CA LYS F 83 -7.86 7.74 21.31
C LYS F 83 -9.36 8.09 21.26
N VAL F 84 -9.81 8.64 20.13
CA VAL F 84 -11.22 8.94 19.88
C VAL F 84 -11.57 9.05 18.38
N ILE F 85 -12.81 8.73 18.04
CA ILE F 85 -13.31 8.83 16.66
C ILE F 85 -13.76 10.25 16.35
N GLU F 86 -13.05 10.91 15.45
CA GLU F 86 -13.40 12.27 15.03
C GLU F 86 -13.29 12.53 13.51
N LYS F 87 -13.78 13.68 13.09
CA LYS F 87 -13.70 14.11 11.70
C LYS F 87 -12.39 14.87 11.51
N PHE F 88 -12.03 15.15 10.27
CA PHE F 88 -10.91 16.05 9.98
C PHE F 88 -11.16 16.79 8.66
N PRO F 89 -11.08 18.12 8.68
CA PRO F 89 -10.89 18.91 9.91
C PRO F 89 -12.16 18.94 10.76
N ALA F 90 -12.02 19.22 12.05
CA ALA F 90 -13.15 19.25 12.95
C ALA F 90 -12.95 20.25 14.09
N PRO F 91 -13.88 21.19 14.25
CA PRO F 91 -13.86 22.09 15.42
C PRO F 91 -14.05 21.23 16.66
N VAL F 92 -13.07 21.27 17.57
CA VAL F 92 -13.04 20.36 18.69
C VAL F 92 -13.08 21.08 20.04
N HIS F 93 -13.80 20.48 20.98
CA HIS F 93 -13.81 20.94 22.35
C HIS F 93 -13.11 19.88 23.21
N ILE F 94 -12.10 20.30 23.97
CA ILE F 94 -11.28 19.38 24.77
C ILE F 94 -11.23 19.80 26.23
N CYS F 95 -11.54 18.87 27.12
CA CYS F 95 -11.34 19.08 28.56
C CYS F 95 -10.66 17.88 29.20
N VAL F 96 -9.81 18.16 30.19
CA VAL F 96 -8.99 17.13 30.82
C VAL F 96 -8.89 17.30 32.33
N SER F 97 -9.05 16.19 33.06
CA SER F 97 -8.92 16.21 34.53
C SER F 97 -7.80 15.30 35.02
N TRP F 98 -7.22 15.69 36.17
CA TRP F 98 -6.20 14.88 36.83
C TRP F 98 -6.28 14.98 38.35
N GLU F 99 -6.79 13.90 38.96
CA GLU F 99 -6.89 13.76 40.41
C GLU F 99 -5.60 13.15 40.92
N SER F 100 -4.81 13.95 41.64
CA SER F 100 -3.49 13.54 42.13
C SER F 100 -3.44 12.18 42.81
N SER F 101 -4.31 11.97 43.79
CA SER F 101 -4.33 10.75 44.60
C SER F 101 -4.67 9.49 43.78
N SER F 102 -5.75 9.56 43.01
CA SER F 102 -6.15 8.45 42.14
C SER F 102 -5.28 8.38 40.88
N GLY F 103 -4.53 9.46 40.63
CA GLY F 103 -3.65 9.58 39.47
C GLY F 103 -4.38 9.53 38.14
N ILE F 104 -5.69 9.80 38.17
CA ILE F 104 -6.55 9.56 37.03
C ILE F 104 -6.59 10.70 36.02
N ALA F 105 -6.46 10.33 34.75
CA ALA F 105 -6.54 11.25 33.63
C ALA F 105 -7.90 11.14 32.95
N GLU F 106 -8.61 12.25 32.86
CA GLU F 106 -9.98 12.25 32.32
C GLU F 106 -10.14 13.13 31.07
N PHE F 107 -10.04 12.53 29.90
CA PHE F 107 -10.23 13.25 28.63
C PHE F 107 -11.72 13.31 28.24
N TRP F 108 -12.22 14.51 27.94
CA TRP F 108 -13.64 14.69 27.61
C TRP F 108 -13.84 15.40 26.26
N ILE F 109 -13.57 14.67 25.17
CA ILE F 109 -13.69 15.22 23.83
C ILE F 109 -15.15 15.35 23.39
N ASN F 110 -15.52 16.56 22.95
CA ASN F 110 -16.85 16.84 22.40
C ASN F 110 -18.03 16.35 23.27
N GLY F 111 -17.89 16.52 24.58
CA GLY F 111 -18.92 16.12 25.52
C GLY F 111 -19.03 14.62 25.72
N THR F 112 -18.05 13.88 25.17
CA THR F 112 -18.04 12.42 25.27
C THR F 112 -16.78 11.94 26.00
N PRO F 113 -16.95 11.03 26.97
CA PRO F 113 -15.83 10.57 27.80
C PRO F 113 -14.90 9.60 27.06
N LEU F 114 -13.61 9.73 27.34
CA LEU F 114 -12.59 8.82 26.79
C LEU F 114 -12.19 7.78 27.83
N VAL F 115 -11.35 6.84 27.43
CA VAL F 115 -10.86 5.79 28.32
C VAL F 115 -9.89 6.41 29.33
N LYS F 116 -10.20 6.24 30.61
CA LYS F 116 -9.39 6.82 31.68
C LYS F 116 -7.99 6.22 31.71
N LYS F 117 -7.00 7.04 32.08
CA LYS F 117 -5.61 6.60 32.18
C LYS F 117 -5.00 7.08 33.50
N GLY F 118 -3.82 6.55 33.84
CA GLY F 118 -3.21 6.83 35.12
C GLY F 118 -1.73 7.15 35.07
N LEU F 119 -1.32 8.18 35.81
CA LEU F 119 0.06 8.66 35.80
C LEU F 119 0.44 9.41 37.07
N ARG F 120 1.66 9.17 37.52
CA ARG F 120 2.28 9.87 38.68
C ARG F 120 1.40 9.92 39.93
N GLN F 121 1.18 8.76 40.55
CA GLN F 121 0.44 8.68 41.81
C GLN F 121 1.20 9.39 42.94
N GLY F 122 0.46 10.11 43.78
CA GLY F 122 1.03 10.81 44.92
C GLY F 122 1.95 11.96 44.53
N TYR F 123 1.58 12.63 43.43
CA TYR F 123 2.39 13.70 42.86
C TYR F 123 1.60 14.99 42.82
N PHE F 124 2.28 16.11 43.03
CA PHE F 124 1.67 17.42 42.86
C PHE F 124 2.48 18.21 41.83
N VAL F 125 1.78 18.69 40.80
CA VAL F 125 2.40 19.55 39.78
C VAL F 125 2.88 20.86 40.40
N GLU F 126 3.99 21.39 39.89
CA GLU F 126 4.70 22.51 40.51
C GLU F 126 3.95 23.85 40.44
N ALA F 127 4.62 24.93 40.86
CA ALA F 127 4.05 26.27 40.86
C ALA F 127 4.93 27.25 40.07
N GLN F 128 4.60 28.55 40.15
CA GLN F 128 5.27 29.62 39.39
C GLN F 128 5.67 29.21 37.96
N PRO F 129 4.68 28.80 37.15
CA PRO F 129 4.94 28.21 35.84
C PRO F 129 4.82 29.17 34.65
N LYS F 130 5.38 28.79 33.52
CA LYS F 130 5.22 29.53 32.27
C LYS F 130 4.38 28.73 31.30
N ILE F 131 3.15 29.18 31.07
CA ILE F 131 2.20 28.46 30.23
C ILE F 131 2.04 29.14 28.88
N VAL F 132 2.26 28.38 27.81
CA VAL F 132 2.18 28.94 26.46
C VAL F 132 1.06 28.37 25.58
N LEU F 133 0.32 29.29 24.97
CA LEU F 133 -0.64 28.98 23.93
C LEU F 133 0.05 29.28 22.60
N GLY F 134 0.05 28.31 21.68
CA GLY F 134 0.63 28.54 20.37
C GLY F 134 1.99 27.92 20.07
N GLN F 135 2.72 27.49 21.14
CA GLN F 135 3.98 26.78 20.94
C GLN F 135 4.17 25.58 21.90
N GLU F 136 5.21 24.78 21.65
CA GLU F 136 5.61 23.71 22.57
C GLU F 136 6.94 24.03 23.26
N GLN F 137 6.92 24.07 24.60
CA GLN F 137 8.10 24.42 25.38
C GLN F 137 8.98 23.21 25.67
N ASP F 138 10.29 23.43 25.64
CA ASP F 138 11.27 22.46 26.14
C ASP F 138 12.29 23.19 27.02
N SER F 139 11.85 24.34 27.53
CA SER F 139 12.62 25.19 28.44
C SER F 139 11.64 26.05 29.22
N TYR F 140 12.15 26.86 30.15
CA TYR F 140 11.31 27.77 30.92
C TYR F 140 10.95 29.02 30.11
N GLY F 141 9.90 28.88 29.29
CA GLY F 141 9.44 29.97 28.44
C GLY F 141 10.07 30.01 27.07
N GLY F 142 10.89 29.00 26.75
CA GLY F 142 11.64 28.97 25.51
C GLY F 142 11.79 27.61 24.87
N LYS F 143 12.72 27.52 23.92
CA LYS F 143 13.00 26.32 23.11
C LYS F 143 11.75 25.78 22.42
N PHE F 144 11.44 26.35 21.25
CA PHE F 144 10.24 25.99 20.50
C PHE F 144 10.59 25.26 19.21
N ASP F 145 9.83 24.21 18.90
CA ASP F 145 10.01 23.45 17.68
C ASP F 145 8.88 23.75 16.69
N ARG F 146 9.25 24.16 15.48
CA ARG F 146 8.32 24.48 14.41
C ARG F 146 7.38 23.32 14.09
N SER F 147 7.92 22.10 14.09
CA SER F 147 7.13 20.89 13.82
C SER F 147 6.24 20.49 15.01
N GLN F 148 6.28 21.30 16.06
CA GLN F 148 5.43 21.13 17.25
C GLN F 148 4.52 22.34 17.46
N SER F 149 4.66 23.34 16.58
CA SER F 149 3.86 24.56 16.60
C SER F 149 2.39 24.32 16.29
N PHE F 150 1.51 25.11 16.90
CA PHE F 150 0.08 25.06 16.62
C PHE F 150 -0.30 26.23 15.70
N VAL F 151 -1.11 25.93 14.70
CA VAL F 151 -1.65 26.95 13.79
C VAL F 151 -3.14 26.69 13.55
N GLY F 152 -3.95 27.72 13.78
CA GLY F 152 -5.39 27.62 13.68
C GLY F 152 -6.07 28.45 14.75
N GLU F 153 -7.26 28.02 15.15
CA GLU F 153 -8.05 28.76 16.13
C GLU F 153 -8.16 28.05 17.47
N ILE F 154 -8.01 28.81 18.55
CA ILE F 154 -8.21 28.33 19.91
C ILE F 154 -9.17 29.28 20.61
N GLY F 155 -10.12 28.74 21.37
CA GLY F 155 -11.11 29.57 22.05
C GLY F 155 -11.75 28.97 23.29
N ASP F 156 -12.19 29.84 24.19
CA ASP F 156 -12.91 29.48 25.43
C ASP F 156 -12.07 28.61 26.38
N LEU F 157 -10.92 29.14 26.79
CA LEU F 157 -9.99 28.44 27.67
C LEU F 157 -10.36 28.68 29.14
N TYR F 158 -10.85 27.62 29.80
CA TYR F 158 -11.19 27.69 31.22
C TYR F 158 -10.43 26.62 32.01
N MET F 159 -10.06 26.95 33.26
CA MET F 159 -9.25 26.06 34.08
C MET F 159 -9.56 26.17 35.59
N TRP F 160 -9.95 25.04 36.19
CA TRP F 160 -10.36 25.00 37.60
C TRP F 160 -9.34 24.26 38.48
N ASP F 161 -9.43 24.48 39.79
CA ASP F 161 -8.53 23.84 40.75
C ASP F 161 -9.08 22.55 41.37
N SER F 162 -10.17 22.04 40.79
CA SER F 162 -10.78 20.79 41.24
C SER F 162 -11.19 19.94 40.04
N VAL F 163 -11.31 18.63 40.25
CA VAL F 163 -11.72 17.70 39.20
C VAL F 163 -13.23 17.88 38.93
N LEU F 164 -13.56 18.31 37.72
CA LEU F 164 -14.95 18.61 37.36
C LEU F 164 -15.76 17.33 37.11
N PRO F 165 -16.97 17.28 37.65
CA PRO F 165 -17.88 16.16 37.44
C PRO F 165 -18.45 16.15 36.01
N PRO F 166 -18.88 14.99 35.52
CA PRO F 166 -19.49 14.87 34.19
C PRO F 166 -20.48 15.99 33.84
N GLU F 167 -21.40 16.30 34.75
CA GLU F 167 -22.43 17.32 34.51
C GLU F 167 -21.83 18.70 34.21
N ASN F 168 -20.77 19.04 34.92
CA ASN F 168 -20.08 20.32 34.75
C ASN F 168 -19.33 20.44 33.43
N ILE F 169 -18.80 19.31 32.95
CA ILE F 169 -18.09 19.27 31.67
C ILE F 169 -19.05 19.51 30.50
N LEU F 170 -20.23 18.89 30.59
CA LEU F 170 -21.29 19.07 29.59
C LEU F 170 -21.72 20.53 29.47
N SER F 171 -21.79 21.22 30.61
CA SER F 171 -22.15 22.63 30.66
C SER F 171 -21.16 23.46 29.85
N ALA F 172 -19.87 23.15 30.01
CA ALA F 172 -18.80 23.84 29.31
C ALA F 172 -18.87 23.61 27.80
N TYR F 173 -19.30 22.42 27.42
CA TYR F 173 -19.43 22.03 26.02
C TYR F 173 -20.52 22.83 25.31
N GLN F 174 -21.58 23.16 26.05
CA GLN F 174 -22.70 23.92 25.49
C GLN F 174 -22.34 25.36 25.20
N GLY F 175 -21.40 25.90 25.97
CA GLY F 175 -21.00 27.30 25.84
C GLY F 175 -21.34 28.11 27.08
N THR F 176 -21.68 27.41 28.15
CA THR F 176 -21.95 28.05 29.45
C THR F 176 -21.24 27.31 30.59
N PRO F 177 -19.92 27.52 30.71
CA PRO F 177 -19.14 26.87 31.75
C PRO F 177 -19.24 27.61 33.09
N LEU F 178 -18.75 26.97 34.15
CA LEU F 178 -18.76 27.57 35.48
C LEU F 178 -17.49 28.40 35.70
N PRO F 179 -17.58 29.44 36.53
CA PRO F 179 -16.46 30.35 36.77
C PRO F 179 -15.18 29.66 37.23
N ALA F 180 -14.11 29.87 36.47
CA ALA F 180 -12.81 29.27 36.74
C ALA F 180 -11.96 30.13 37.67
N ASN F 181 -11.28 29.48 38.62
CA ASN F 181 -10.46 30.17 39.62
C ASN F 181 -8.99 30.35 39.23
N ILE F 182 -8.54 29.60 38.21
CA ILE F 182 -7.17 29.69 37.73
C ILE F 182 -7.10 30.47 36.41
N LEU F 183 -7.79 29.95 35.39
CA LEU F 183 -7.75 30.53 34.06
C LEU F 183 -9.17 30.75 33.52
N ASP F 184 -9.65 31.99 33.61
CA ASP F 184 -10.96 32.35 33.09
C ASP F 184 -10.83 33.03 31.73
N TRP F 185 -11.61 32.54 30.76
CA TRP F 185 -11.66 33.13 29.42
C TRP F 185 -12.33 34.50 29.43
N GLN F 186 -13.27 34.67 30.35
CA GLN F 186 -13.95 35.95 30.52
C GLN F 186 -13.11 36.89 31.39
N ALA F 187 -11.91 36.43 31.76
CA ALA F 187 -10.96 37.21 32.56
C ALA F 187 -9.54 36.63 32.47
N LEU F 188 -8.94 36.69 31.28
CA LEU F 188 -7.64 36.08 31.03
C LEU F 188 -6.49 37.08 30.93
N ASN F 189 -5.55 36.98 31.88
CA ASN F 189 -4.32 37.75 31.86
C ASN F 189 -3.33 37.10 30.90
N TYR F 190 -3.36 37.54 29.64
CA TYR F 190 -2.58 36.93 28.57
C TYR F 190 -1.47 37.87 28.05
N GLU F 191 -0.66 37.32 27.12
CA GLU F 191 0.42 38.10 26.50
C GLU F 191 0.62 37.66 25.05
N ILE F 192 0.50 38.62 24.14
CA ILE F 192 0.66 38.33 22.71
C ILE F 192 2.07 38.70 22.20
N ARG F 193 2.66 37.76 21.46
CA ARG F 193 3.95 37.99 20.81
C ARG F 193 3.93 37.48 19.37
N GLY F 194 4.34 38.35 18.45
CA GLY F 194 4.38 38.02 17.03
C GLY F 194 3.01 37.98 16.38
N TYR F 195 2.89 37.11 15.37
CA TYR F 195 1.65 37.00 14.62
C TYR F 195 0.63 36.09 15.30
N VAL F 196 -0.26 36.71 16.07
CA VAL F 196 -1.45 36.05 16.61
C VAL F 196 -2.55 37.10 16.79
N ILE F 197 -3.67 36.88 16.11
CA ILE F 197 -4.74 37.88 16.00
C ILE F 197 -6.00 37.46 16.77
N ILE F 198 -6.80 38.45 17.16
CA ILE F 198 -8.10 38.22 17.78
C ILE F 198 -9.21 38.39 16.74
N LYS F 199 -10.11 37.40 16.67
CA LYS F 199 -11.27 37.46 15.78
C LYS F 199 -12.49 36.81 16.46
N PRO F 200 -13.70 37.23 16.08
CA PRO F 200 -14.92 36.63 16.62
C PRO F 200 -15.09 35.17 16.22
N LEU F 201 -15.59 34.36 17.15
CA LEU F 201 -15.91 32.96 16.90
C LEU F 201 -17.06 32.85 15.90
N VAL F 202 -16.85 32.10 14.83
CA VAL F 202 -17.88 31.91 13.80
C VAL F 202 -18.27 30.45 13.59
N TRP F 203 -17.41 29.53 14.06
CA TRP F 203 -17.56 28.11 13.78
C TRP F 203 -18.60 27.37 14.64
N VAL F 204 -18.65 27.70 15.93
CA VAL F 204 -19.59 27.05 16.85
C VAL F 204 -21.03 27.51 16.58
N HIS G 1 -23.72 45.05 -19.62
CA HIS G 1 -24.32 44.31 -18.47
C HIS G 1 -25.55 43.51 -18.89
N THR G 2 -25.60 42.25 -18.46
CA THR G 2 -26.71 41.36 -18.80
C THR G 2 -27.12 40.50 -17.60
N ASP G 3 -28.38 40.07 -17.59
CA ASP G 3 -28.92 39.25 -16.50
C ASP G 3 -28.52 37.80 -16.67
N LEU G 4 -27.76 37.28 -15.71
CA LEU G 4 -27.28 35.90 -15.73
C LEU G 4 -27.86 35.05 -14.59
N SER G 5 -28.94 35.55 -13.98
CA SER G 5 -29.60 34.86 -12.87
C SER G 5 -30.26 33.54 -13.29
N GLY G 6 -29.80 32.46 -12.68
CA GLY G 6 -30.24 31.13 -13.06
C GLY G 6 -29.58 30.65 -14.34
N LYS G 7 -28.42 31.24 -14.65
CA LYS G 7 -27.64 30.90 -15.84
C LYS G 7 -26.16 30.76 -15.50
N VAL G 8 -25.43 29.97 -16.29
CA VAL G 8 -24.01 29.69 -16.02
C VAL G 8 -23.12 29.78 -17.27
N PHE G 9 -21.84 30.07 -17.04
CA PHE G 9 -20.82 29.90 -18.07
C PHE G 9 -20.31 28.48 -17.97
N VAL G 10 -20.40 27.72 -19.06
CA VAL G 10 -19.82 26.38 -19.10
C VAL G 10 -18.53 26.33 -19.91
N PHE G 11 -17.49 25.74 -19.31
CA PHE G 11 -16.22 25.52 -19.96
C PHE G 11 -16.13 24.05 -20.33
N PRO G 12 -16.55 23.72 -21.55
CA PRO G 12 -16.88 22.33 -21.92
C PRO G 12 -15.69 21.39 -22.15
N ARG G 13 -14.47 21.92 -22.20
CA ARG G 13 -13.28 21.11 -22.53
C ARG G 13 -11.97 21.72 -22.06
N GLU G 14 -11.03 20.85 -21.69
CA GLU G 14 -9.67 21.25 -21.35
C GLU G 14 -9.01 21.87 -22.57
N SER G 15 -8.46 23.08 -22.39
CA SER G 15 -7.84 23.82 -23.46
C SER G 15 -6.79 24.77 -22.94
N VAL G 16 -6.07 25.40 -23.86
CA VAL G 16 -5.09 26.42 -23.52
C VAL G 16 -5.60 27.79 -24.00
N THR G 17 -6.85 27.80 -24.48
CA THR G 17 -7.42 28.95 -25.17
C THR G 17 -8.74 29.48 -24.56
N ASP G 18 -9.64 28.57 -24.16
CA ASP G 18 -10.97 28.96 -23.67
C ASP G 18 -10.92 29.69 -22.34
N HIS G 19 -11.43 30.92 -22.32
CA HIS G 19 -11.51 31.71 -21.10
C HIS G 19 -12.62 32.75 -21.16
N VAL G 20 -12.92 33.35 -20.01
CA VAL G 20 -13.91 34.41 -19.91
C VAL G 20 -13.27 35.60 -19.21
N ASN G 21 -13.14 36.70 -19.96
CA ASN G 21 -12.66 37.96 -19.43
C ASN G 21 -13.75 38.68 -18.66
N LEU G 22 -13.41 39.12 -17.45
CA LEU G 22 -14.33 39.86 -16.59
C LEU G 22 -13.79 41.25 -16.31
N ILE G 23 -14.52 42.26 -16.78
CA ILE G 23 -14.14 43.67 -16.62
C ILE G 23 -15.00 44.35 -15.56
N THR G 24 -14.33 45.12 -14.70
CA THR G 24 -14.98 45.76 -13.55
C THR G 24 -14.72 47.26 -13.53
N PRO G 25 -15.72 48.04 -13.10
CA PRO G 25 -15.53 49.49 -12.91
C PRO G 25 -14.83 49.81 -11.59
N LEU G 26 -13.65 49.22 -11.38
CA LEU G 26 -12.91 49.38 -10.14
C LEU G 26 -11.51 49.96 -10.37
N GLU G 27 -11.35 51.23 -10.01
CA GLU G 27 -10.06 51.91 -10.07
C GLU G 27 -9.50 52.05 -8.66
N LYS G 28 -10.26 51.58 -7.68
CA LYS G 28 -9.86 51.62 -6.28
C LYS G 28 -9.11 50.35 -5.89
N PRO G 29 -7.93 50.50 -5.29
CA PRO G 29 -7.15 49.35 -4.80
C PRO G 29 -7.87 48.63 -3.66
N LEU G 30 -7.96 47.31 -3.75
CA LEU G 30 -8.68 46.50 -2.79
C LEU G 30 -8.01 46.50 -1.41
N GLN G 31 -8.81 46.83 -0.40
CA GLN G 31 -8.35 46.83 0.99
C GLN G 31 -8.96 45.64 1.71
N ASN G 32 -10.25 45.76 2.03
CA ASN G 32 -11.05 44.62 2.49
C ASN G 32 -11.91 44.15 1.32
N PHE G 33 -12.09 42.83 1.19
CA PHE G 33 -12.85 42.27 0.06
C PHE G 33 -13.37 40.86 0.29
N THR G 34 -14.49 40.54 -0.35
CA THR G 34 -15.12 39.22 -0.26
C THR G 34 -15.62 38.77 -1.64
N LEU G 35 -15.23 37.56 -2.04
CA LEU G 35 -15.62 37.01 -3.33
C LEU G 35 -16.36 35.67 -3.19
N CYS G 36 -17.51 35.57 -3.87
CA CYS G 36 -18.34 34.37 -3.81
C CYS G 36 -18.74 33.89 -5.19
N PHE G 37 -18.87 32.57 -5.34
CA PHE G 37 -19.28 31.93 -6.59
C PHE G 37 -19.59 30.45 -6.41
N ARG G 38 -20.36 29.90 -7.35
CA ARG G 38 -20.67 28.47 -7.40
C ARG G 38 -19.86 27.77 -8.49
N ALA G 39 -19.42 26.56 -8.18
CA ALA G 39 -18.64 25.76 -9.14
C ALA G 39 -19.14 24.34 -9.25
N TYR G 40 -19.15 23.82 -10.47
CA TYR G 40 -19.47 22.42 -10.72
C TYR G 40 -18.45 21.84 -11.70
N SER G 41 -17.50 21.07 -11.17
CA SER G 41 -16.42 20.51 -11.96
C SER G 41 -15.95 19.18 -11.37
N ASP G 42 -15.67 18.22 -12.25
CA ASP G 42 -15.24 16.90 -11.84
C ASP G 42 -13.73 16.70 -12.04
N LEU G 43 -12.99 17.80 -12.02
CA LEU G 43 -11.55 17.75 -12.25
C LEU G 43 -10.81 17.27 -11.00
N SER G 44 -10.00 16.23 -11.17
CA SER G 44 -9.18 15.71 -10.09
C SER G 44 -7.90 16.55 -9.90
N ARG G 45 -7.21 16.81 -11.02
CA ARG G 45 -5.99 17.61 -11.03
C ARG G 45 -6.24 19.03 -10.56
N ALA G 46 -5.16 19.71 -10.16
CA ALA G 46 -5.23 21.09 -9.70
C ALA G 46 -5.74 22.02 -10.80
N TYR G 47 -6.52 23.03 -10.41
CA TYR G 47 -7.06 24.02 -11.34
C TYR G 47 -7.33 25.35 -10.66
N SER G 48 -7.45 26.41 -11.46
CA SER G 48 -7.71 27.76 -10.95
C SER G 48 -9.17 28.17 -11.12
N LEU G 49 -9.74 28.70 -10.05
CA LEU G 49 -11.11 29.19 -10.06
C LEU G 49 -11.19 30.68 -10.43
N PHE G 50 -10.29 31.50 -9.86
CA PHE G 50 -10.39 32.96 -9.98
C PHE G 50 -9.03 33.68 -10.06
N SER G 51 -8.55 33.90 -11.28
CA SER G 51 -7.27 34.58 -11.48
C SER G 51 -7.46 36.08 -11.58
N TYR G 52 -6.65 36.82 -10.83
CA TYR G 52 -6.71 38.29 -10.77
C TYR G 52 -5.28 38.82 -10.87
N ASN G 53 -4.93 39.34 -12.04
CA ASN G 53 -3.58 39.77 -12.34
C ASN G 53 -3.50 41.25 -12.72
N THR G 54 -2.49 41.95 -12.21
CA THR G 54 -2.25 43.36 -12.52
C THR G 54 -0.93 43.56 -13.25
N GLN G 55 -0.80 44.68 -13.94
CA GLN G 55 0.38 44.94 -14.77
C GLN G 55 1.69 44.73 -14.02
N GLY G 56 2.50 43.80 -14.53
CA GLY G 56 3.80 43.49 -13.95
C GLY G 56 3.73 42.74 -12.64
N ARG G 57 2.58 42.15 -12.36
CA ARG G 57 2.35 41.47 -11.09
C ARG G 57 1.60 40.14 -11.28
N ASP G 58 2.28 39.06 -10.97
CA ASP G 58 1.69 37.73 -11.05
C ASP G 58 0.90 37.42 -9.78
N ASN G 59 -0.25 36.77 -9.96
CA ASN G 59 -1.10 36.28 -8.87
C ASN G 59 -1.29 37.25 -7.71
N GLU G 60 -1.84 38.42 -8.02
CA GLU G 60 -2.16 39.45 -7.02
C GLU G 60 -3.26 38.97 -6.06
N LEU G 61 -4.23 38.24 -6.62
CA LEU G 61 -5.29 37.60 -5.86
C LEU G 61 -5.80 36.43 -6.71
N LEU G 62 -5.69 35.22 -6.18
CA LEU G 62 -5.99 34.03 -6.96
C LEU G 62 -6.54 32.90 -6.10
N VAL G 63 -7.70 32.38 -6.50
CA VAL G 63 -8.29 31.21 -5.85
C VAL G 63 -7.90 29.98 -6.66
N TYR G 64 -7.11 29.10 -6.04
CA TYR G 64 -6.55 27.94 -6.72
C TYR G 64 -6.87 26.66 -5.94
N LYS G 65 -7.63 25.77 -6.57
CA LYS G 65 -7.93 24.47 -5.98
C LYS G 65 -6.75 23.53 -6.17
N GLU G 66 -6.01 23.30 -5.09
CA GLU G 66 -4.84 22.41 -5.10
C GLU G 66 -5.30 20.99 -5.40
N ARG G 67 -6.21 20.48 -4.56
CA ARG G 67 -6.81 19.16 -4.73
C ARG G 67 -8.17 19.11 -4.04
N VAL G 68 -8.82 17.95 -4.09
CA VAL G 68 -10.13 17.78 -3.45
C VAL G 68 -10.09 18.18 -1.98
N GLY G 69 -11.05 19.00 -1.58
CA GLY G 69 -11.16 19.49 -0.21
C GLY G 69 -9.94 20.29 0.21
N GLU G 70 -9.60 21.29 -0.60
CA GLU G 70 -8.41 22.11 -0.39
C GLU G 70 -8.53 23.37 -1.25
N TYR G 71 -8.77 24.51 -0.59
CA TYR G 71 -8.91 25.77 -1.29
C TYR G 71 -7.82 26.72 -0.83
N SER G 72 -7.12 27.30 -1.80
CA SER G 72 -6.02 28.22 -1.52
C SER G 72 -6.35 29.60 -2.04
N LEU G 73 -5.93 30.61 -1.27
CA LEU G 73 -6.04 31.99 -1.71
C LEU G 73 -4.65 32.62 -1.79
N TYR G 74 -4.28 33.02 -3.00
CA TYR G 74 -3.05 33.74 -3.24
C TYR G 74 -3.36 35.23 -3.10
N ILE G 75 -2.49 35.95 -2.40
CA ILE G 75 -2.58 37.40 -2.29
C ILE G 75 -1.16 37.94 -2.42
N GLY G 76 -0.92 38.75 -3.46
CA GLY G 76 0.38 39.32 -3.75
C GLY G 76 1.51 38.31 -3.81
N ARG G 77 1.26 37.19 -4.51
CA ARG G 77 2.23 36.08 -4.70
C ARG G 77 2.26 35.08 -3.55
N HIS G 78 1.93 35.53 -2.34
CA HIS G 78 2.04 34.70 -1.14
C HIS G 78 0.88 33.71 -1.02
N LYS G 79 1.06 32.67 -0.22
CA LYS G 79 0.16 31.51 -0.22
C LYS G 79 -0.37 31.15 1.18
N VAL G 80 -1.69 30.88 1.25
CA VAL G 80 -2.30 30.22 2.42
C VAL G 80 -3.18 29.08 1.92
N THR G 81 -3.37 28.07 2.77
CA THR G 81 -4.16 26.89 2.39
C THR G 81 -5.07 26.41 3.52
N SER G 82 -6.24 25.90 3.16
CA SER G 82 -7.16 25.33 4.14
C SER G 82 -7.83 24.10 3.54
N LYS G 83 -8.12 23.11 4.38
CA LYS G 83 -8.74 21.87 3.95
C LYS G 83 -10.16 21.73 4.52
N VAL G 84 -10.99 20.92 3.87
CA VAL G 84 -12.40 20.79 4.25
C VAL G 84 -12.96 19.45 3.78
N ILE G 85 -13.87 18.88 4.57
CA ILE G 85 -14.62 17.70 4.18
C ILE G 85 -15.57 18.05 3.03
N GLU G 86 -15.53 17.27 1.94
CA GLU G 86 -16.45 17.46 0.82
C GLU G 86 -16.55 16.24 -0.08
N LYS G 87 -17.65 16.15 -0.82
CA LYS G 87 -17.91 15.04 -1.74
C LYS G 87 -17.34 15.35 -3.12
N PHE G 88 -16.83 14.33 -3.79
CA PHE G 88 -16.29 14.51 -5.14
C PHE G 88 -16.85 13.48 -6.12
N PRO G 89 -17.40 13.96 -7.25
CA PRO G 89 -17.58 15.39 -7.49
C PRO G 89 -18.96 15.89 -7.06
N ALA G 90 -19.03 17.18 -6.73
CA ALA G 90 -20.24 17.81 -6.22
C ALA G 90 -20.25 19.33 -6.45
N PRO G 91 -21.43 19.90 -6.75
CA PRO G 91 -21.58 21.36 -6.85
C PRO G 91 -21.16 22.02 -5.55
N VAL G 92 -20.36 23.08 -5.66
CA VAL G 92 -19.80 23.75 -4.48
C VAL G 92 -20.05 25.26 -4.55
N HIS G 93 -20.24 25.86 -3.38
CA HIS G 93 -20.31 27.31 -3.24
C HIS G 93 -19.14 27.76 -2.38
N ILE G 94 -18.32 28.66 -2.93
CA ILE G 94 -17.13 29.12 -2.24
C ILE G 94 -17.19 30.63 -2.03
N CYS G 95 -17.09 31.03 -0.77
CA CYS G 95 -16.92 32.43 -0.40
C CYS G 95 -15.54 32.62 0.20
N VAL G 96 -14.88 33.70 -0.18
CA VAL G 96 -13.57 34.03 0.37
C VAL G 96 -13.51 35.49 0.79
N SER G 97 -13.20 35.73 2.06
CA SER G 97 -12.97 37.08 2.55
C SER G 97 -11.49 37.26 2.92
N TRP G 98 -11.06 38.51 2.97
CA TRP G 98 -9.70 38.86 3.35
C TRP G 98 -9.71 40.28 3.88
N GLU G 99 -9.04 40.48 5.01
CA GLU G 99 -8.92 41.81 5.63
C GLU G 99 -7.46 42.25 5.58
N SER G 100 -7.24 43.44 5.03
CA SER G 100 -5.89 44.01 4.88
C SER G 100 -5.19 44.13 6.24
N SER G 101 -5.86 44.83 7.17
CA SER G 101 -5.33 45.07 8.52
C SER G 101 -5.05 43.79 9.31
N SER G 102 -5.71 42.70 8.95
CA SER G 102 -5.54 41.41 9.62
C SER G 102 -4.65 40.42 8.85
N GLY G 103 -4.78 40.45 7.50
CA GLY G 103 -4.16 39.44 6.65
C GLY G 103 -5.01 38.19 6.68
N ILE G 104 -6.03 38.23 7.55
CA ILE G 104 -6.91 37.11 7.78
C ILE G 104 -7.80 36.89 6.56
N ALA G 105 -7.57 35.76 5.90
CA ALA G 105 -8.44 35.26 4.85
C ALA G 105 -9.37 34.22 5.44
N GLU G 106 -10.66 34.34 5.17
CA GLU G 106 -11.66 33.38 5.65
C GLU G 106 -12.26 32.63 4.47
N PHE G 107 -12.35 31.31 4.61
CA PHE G 107 -12.99 30.47 3.58
C PHE G 107 -14.36 29.97 4.04
N TRP G 108 -15.33 30.04 3.14
CA TRP G 108 -16.68 29.55 3.42
C TRP G 108 -17.16 28.62 2.32
N ILE G 109 -17.04 27.32 2.57
CA ILE G 109 -17.41 26.30 1.59
C ILE G 109 -18.81 25.76 1.91
N ASN G 110 -19.73 25.99 0.99
CA ASN G 110 -21.15 25.60 1.12
C ASN G 110 -21.91 26.27 2.28
N GLY G 111 -21.22 27.12 3.04
CA GLY G 111 -21.82 27.78 4.19
C GLY G 111 -21.10 27.49 5.51
N THR G 112 -20.12 26.59 5.47
CA THR G 112 -19.33 26.23 6.64
C THR G 112 -18.04 27.05 6.66
N PRO G 113 -17.70 27.63 7.81
CA PRO G 113 -16.43 28.35 7.94
C PRO G 113 -15.23 27.41 8.00
N LEU G 114 -14.15 27.80 7.33
CA LEU G 114 -12.91 27.05 7.40
C LEU G 114 -11.91 27.70 8.34
N VAL G 115 -10.83 26.98 8.61
CA VAL G 115 -9.76 27.45 9.48
C VAL G 115 -9.22 28.77 8.94
N LYS G 116 -9.31 29.80 9.76
CA LYS G 116 -8.74 31.10 9.42
C LYS G 116 -7.24 30.97 9.15
N LYS G 117 -6.75 31.79 8.20
CA LYS G 117 -5.33 31.83 7.85
C LYS G 117 -4.90 33.28 7.60
N GLY G 118 -3.60 33.54 7.73
CA GLY G 118 -3.09 34.90 7.60
C GLY G 118 -1.92 35.06 6.64
N LEU G 119 -1.98 36.17 5.89
CA LEU G 119 -0.91 36.53 4.95
C LEU G 119 -0.96 38.01 4.56
N ARG G 120 0.24 38.58 4.36
CA ARG G 120 0.39 39.94 3.83
C ARG G 120 -0.30 41.05 4.67
N GLN G 121 -0.30 40.86 5.99
CA GLN G 121 -0.99 41.75 6.91
C GLN G 121 -0.41 43.18 6.79
N GLY G 122 -1.20 44.05 6.14
CA GLY G 122 -0.78 45.42 5.87
C GLY G 122 -0.53 45.68 4.40
N TYR G 123 -1.30 45.00 3.55
CA TYR G 123 -1.13 45.03 2.10
C TYR G 123 -2.43 45.40 1.39
N PHE G 124 -2.33 46.19 0.32
CA PHE G 124 -3.47 46.46 -0.55
C PHE G 124 -3.18 46.01 -1.97
N VAL G 125 -4.08 45.18 -2.52
CA VAL G 125 -3.97 44.70 -3.90
C VAL G 125 -4.12 45.86 -4.90
N GLU G 126 -3.47 45.74 -6.04
CA GLU G 126 -3.46 46.81 -7.05
C GLU G 126 -4.76 46.87 -7.85
N ALA G 127 -5.03 48.05 -8.40
CA ALA G 127 -6.20 48.26 -9.26
C ALA G 127 -5.80 48.11 -10.73
N GLN G 128 -6.77 48.33 -11.63
CA GLN G 128 -6.60 48.13 -13.08
C GLN G 128 -6.23 46.67 -13.41
N PRO G 129 -7.17 45.74 -13.18
CA PRO G 129 -6.90 44.32 -13.28
C PRO G 129 -7.28 43.68 -14.60
N LYS G 130 -7.15 42.35 -14.65
CA LYS G 130 -7.65 41.53 -15.75
C LYS G 130 -8.10 40.20 -15.14
N ILE G 131 -9.39 40.12 -14.83
CA ILE G 131 -9.96 38.94 -14.19
C ILE G 131 -10.36 37.93 -15.27
N VAL G 132 -9.79 36.73 -15.20
CA VAL G 132 -10.17 35.68 -16.14
C VAL G 132 -10.79 34.47 -15.44
N LEU G 133 -11.84 33.93 -16.05
CA LEU G 133 -12.49 32.74 -15.54
C LEU G 133 -12.22 31.57 -16.49
N GLY G 134 -11.74 30.47 -15.93
CA GLY G 134 -11.41 29.31 -16.72
C GLY G 134 -9.92 29.11 -16.93
N GLN G 135 -9.12 30.16 -16.67
CA GLN G 135 -7.68 30.09 -16.91
C GLN G 135 -6.81 30.73 -15.81
N GLU G 136 -5.56 30.28 -15.73
CA GLU G 136 -4.57 30.81 -14.80
C GLU G 136 -3.62 31.75 -15.53
N GLN G 137 -3.47 32.97 -15.02
CA GLN G 137 -2.66 33.97 -15.68
C GLN G 137 -1.21 33.94 -15.19
N ASP G 138 -0.27 34.04 -16.12
CA ASP G 138 1.15 34.12 -15.81
C ASP G 138 1.70 35.51 -16.22
N SER G 139 0.92 36.21 -17.04
CA SER G 139 1.22 37.57 -17.46
C SER G 139 -0.04 38.42 -17.41
N TYR G 140 0.08 39.69 -17.78
CA TYR G 140 -1.07 40.61 -17.77
C TYR G 140 -2.09 40.28 -18.86
N GLY G 141 -2.91 39.27 -18.59
CA GLY G 141 -4.00 38.89 -19.48
C GLY G 141 -3.76 37.68 -20.37
N GLY G 142 -2.65 36.97 -20.16
CA GLY G 142 -2.30 35.83 -20.99
C GLY G 142 -1.35 34.81 -20.38
N LYS G 143 -0.63 34.10 -21.25
CA LYS G 143 0.31 33.04 -20.88
C LYS G 143 -0.35 31.94 -20.05
N PHE G 144 -1.31 31.26 -20.65
CA PHE G 144 -2.11 30.25 -19.97
C PHE G 144 -1.38 28.90 -19.83
N ASP G 145 -1.73 28.15 -18.78
CA ASP G 145 -1.20 26.81 -18.55
C ASP G 145 -2.34 25.83 -18.68
N ARG G 146 -2.22 24.90 -19.63
CA ARG G 146 -3.26 23.92 -19.91
C ARG G 146 -3.58 23.01 -18.71
N SER G 147 -2.55 22.73 -17.91
CA SER G 147 -2.68 21.90 -16.72
C SER G 147 -3.44 22.61 -15.58
N GLN G 148 -3.88 23.84 -15.82
CA GLN G 148 -4.58 24.61 -14.81
C GLN G 148 -5.91 25.18 -15.28
N SER G 149 -6.20 25.00 -16.57
CA SER G 149 -7.48 25.36 -17.15
C SER G 149 -8.64 24.78 -16.35
N PHE G 150 -9.62 25.63 -16.03
CA PHE G 150 -10.82 25.18 -15.34
C PHE G 150 -11.85 24.69 -16.36
N VAL G 151 -12.17 23.41 -16.30
CA VAL G 151 -13.24 22.86 -17.13
C VAL G 151 -14.42 22.47 -16.25
N GLY G 152 -15.57 23.08 -16.51
CA GLY G 152 -16.76 22.86 -15.72
C GLY G 152 -17.75 24.00 -15.82
N GLU G 153 -18.44 24.27 -14.71
CA GLU G 153 -19.52 25.24 -14.69
C GLU G 153 -19.39 26.24 -13.55
N ILE G 154 -19.55 27.53 -13.87
CA ILE G 154 -19.48 28.60 -12.89
C ILE G 154 -20.70 29.49 -12.96
N GLY G 155 -21.37 29.64 -11.83
CA GLY G 155 -22.55 30.50 -11.71
C GLY G 155 -22.49 31.41 -10.49
N ASP G 156 -23.43 32.34 -10.45
CA ASP G 156 -23.60 33.29 -9.34
C ASP G 156 -22.29 33.84 -8.75
N LEU G 157 -21.48 34.43 -9.62
CA LEU G 157 -20.21 35.04 -9.25
C LEU G 157 -20.46 36.43 -8.69
N TYR G 158 -20.02 36.66 -7.46
CA TYR G 158 -20.14 37.96 -6.81
C TYR G 158 -18.86 38.40 -6.12
N MET G 159 -18.67 39.73 -6.03
CA MET G 159 -17.51 40.31 -5.38
C MET G 159 -17.87 41.66 -4.74
N TRP G 160 -17.63 41.77 -3.44
CA TRP G 160 -17.81 43.03 -2.70
C TRP G 160 -16.46 43.54 -2.20
N ASP G 161 -16.37 44.85 -1.98
CA ASP G 161 -15.17 45.46 -1.40
C ASP G 161 -15.29 45.66 0.11
N SER G 162 -15.94 44.71 0.77
CA SER G 162 -16.08 44.71 2.22
C SER G 162 -16.16 43.29 2.75
N VAL G 163 -15.63 43.07 3.96
CA VAL G 163 -15.66 41.74 4.60
C VAL G 163 -17.08 41.40 5.05
N LEU G 164 -17.71 40.50 4.31
CA LEU G 164 -19.08 40.10 4.58
C LEU G 164 -19.19 39.34 5.90
N PRO G 165 -20.18 39.70 6.71
CA PRO G 165 -20.45 39.00 7.97
C PRO G 165 -20.99 37.60 7.71
N PRO G 166 -20.93 36.69 8.69
CA PRO G 166 -21.38 35.31 8.51
C PRO G 166 -22.81 35.19 7.97
N GLU G 167 -23.71 36.06 8.45
CA GLU G 167 -25.12 36.03 8.05
C GLU G 167 -25.34 36.40 6.57
N ASN G 168 -24.49 37.29 6.07
CA ASN G 168 -24.53 37.70 4.67
C ASN G 168 -23.87 36.69 3.75
N ILE G 169 -22.92 35.93 4.31
CA ILE G 169 -22.30 34.80 3.60
C ILE G 169 -23.35 33.70 3.40
N LEU G 170 -24.06 33.38 4.48
CA LEU G 170 -25.10 32.36 4.45
C LEU G 170 -26.29 32.77 3.59
N SER G 171 -26.54 34.08 3.49
CA SER G 171 -27.53 34.62 2.56
C SER G 171 -27.09 34.39 1.11
N ALA G 172 -25.80 34.60 0.85
CA ALA G 172 -25.23 34.48 -0.49
C ALA G 172 -25.29 33.05 -1.00
N TYR G 173 -25.06 32.09 -0.10
CA TYR G 173 -25.13 30.67 -0.43
C TYR G 173 -26.55 30.30 -0.86
N GLN G 174 -27.55 30.76 -0.12
CA GLN G 174 -28.96 30.40 -0.34
C GLN G 174 -29.56 30.93 -1.64
N GLY G 175 -28.80 31.76 -2.35
CA GLY G 175 -29.25 32.35 -3.60
C GLY G 175 -29.86 33.74 -3.43
N THR G 176 -29.63 34.34 -2.27
CA THR G 176 -30.09 35.70 -1.98
C THR G 176 -28.87 36.63 -1.89
N PRO G 177 -28.41 37.14 -3.03
CA PRO G 177 -27.14 37.89 -3.08
C PRO G 177 -27.34 39.36 -2.77
N LEU G 178 -26.52 39.88 -1.85
CA LEU G 178 -26.49 41.31 -1.56
C LEU G 178 -25.97 42.05 -2.79
N PRO G 179 -26.56 43.20 -3.11
CA PRO G 179 -26.13 43.98 -4.28
C PRO G 179 -24.61 44.15 -4.31
N ALA G 180 -23.97 43.63 -5.34
CA ALA G 180 -22.52 43.67 -5.47
C ALA G 180 -22.02 45.02 -5.97
N ASN G 181 -20.88 45.44 -5.44
CA ASN G 181 -20.29 46.74 -5.78
C ASN G 181 -19.18 46.67 -6.82
N ILE G 182 -18.54 45.50 -6.92
CA ILE G 182 -17.47 45.29 -7.89
C ILE G 182 -17.93 44.40 -9.04
N LEU G 183 -18.32 43.17 -8.71
CA LEU G 183 -18.73 42.21 -9.73
C LEU G 183 -20.09 41.62 -9.41
N ASP G 184 -21.08 42.00 -10.22
CA ASP G 184 -22.46 41.56 -10.03
C ASP G 184 -22.90 40.60 -11.14
N TRP G 185 -23.45 39.45 -10.75
CA TRP G 185 -23.89 38.41 -11.70
C TRP G 185 -25.18 38.80 -12.46
N GLN G 186 -26.05 39.57 -11.81
CA GLN G 186 -27.28 40.04 -12.45
C GLN G 186 -27.00 41.19 -13.44
N ALA G 187 -25.78 41.71 -13.40
CA ALA G 187 -25.35 42.76 -14.31
C ALA G 187 -23.83 42.70 -14.48
N LEU G 188 -23.38 41.78 -15.33
CA LEU G 188 -21.95 41.58 -15.55
C LEU G 188 -21.51 42.02 -16.95
N ASN G 189 -20.41 42.75 -16.99
CA ASN G 189 -19.71 43.03 -18.25
C ASN G 189 -18.64 41.95 -18.46
N TYR G 190 -18.74 41.24 -19.58
CA TYR G 190 -17.86 40.10 -19.85
C TYR G 190 -17.47 39.97 -21.32
N GLU G 191 -16.32 39.33 -21.56
CA GLU G 191 -15.85 39.01 -22.90
C GLU G 191 -15.55 37.53 -23.01
N ILE G 192 -16.25 36.84 -23.90
CA ILE G 192 -16.03 35.42 -24.12
C ILE G 192 -15.09 35.19 -25.30
N ARG G 193 -13.92 34.60 -25.01
CA ARG G 193 -12.95 34.26 -26.03
C ARG G 193 -12.66 32.77 -26.01
N GLY G 194 -12.89 32.11 -27.13
CA GLY G 194 -12.71 30.67 -27.24
C GLY G 194 -14.00 29.89 -27.14
N TYR G 195 -13.89 28.64 -26.73
CA TYR G 195 -15.06 27.76 -26.63
C TYR G 195 -15.64 27.75 -25.22
N VAL G 196 -16.65 28.58 -25.01
CA VAL G 196 -17.38 28.66 -23.74
C VAL G 196 -18.83 29.06 -24.00
N ILE G 197 -19.77 28.31 -23.43
CA ILE G 197 -21.20 28.46 -23.71
C ILE G 197 -21.99 28.93 -22.49
N ILE G 198 -23.09 29.64 -22.75
CA ILE G 198 -24.03 30.05 -21.71
C ILE G 198 -25.19 29.08 -21.64
N LYS G 199 -25.42 28.52 -20.45
CA LYS G 199 -26.52 27.58 -20.23
C LYS G 199 -27.30 27.96 -18.97
N PRO G 200 -28.56 27.52 -18.86
CA PRO G 200 -29.32 27.68 -17.62
C PRO G 200 -28.75 26.82 -16.48
N LEU G 201 -28.75 27.37 -15.27
CA LEU G 201 -28.29 26.67 -14.08
C LEU G 201 -29.28 25.60 -13.65
N VAL G 202 -28.86 24.35 -13.74
CA VAL G 202 -29.75 23.21 -13.47
C VAL G 202 -29.30 22.39 -12.27
N TRP G 203 -28.12 22.67 -11.74
CA TRP G 203 -27.55 21.89 -10.64
C TRP G 203 -27.69 22.57 -9.27
N VAL G 204 -28.76 23.35 -9.11
CA VAL G 204 -29.14 23.90 -7.81
C VAL G 204 -30.57 23.47 -7.47
N HIS H 1 -43.67 -3.67 -34.51
CA HIS H 1 -43.19 -3.03 -33.23
C HIS H 1 -43.80 -3.68 -32.02
N THR H 2 -43.01 -3.79 -30.96
CA THR H 2 -43.40 -4.54 -29.77
C THR H 2 -43.40 -3.67 -28.52
N ASP H 3 -44.48 -3.78 -27.74
CA ASP H 3 -44.60 -3.05 -26.47
C ASP H 3 -43.82 -3.78 -25.37
N LEU H 4 -42.60 -3.32 -25.13
CA LEU H 4 -41.73 -3.93 -24.12
C LEU H 4 -41.93 -3.29 -22.73
N SER H 5 -43.16 -2.85 -22.46
CA SER H 5 -43.49 -2.19 -21.19
C SER H 5 -43.31 -3.10 -19.99
N GLY H 6 -42.46 -2.68 -19.05
CA GLY H 6 -42.21 -3.43 -17.84
C GLY H 6 -41.28 -4.61 -18.03
N LYS H 7 -40.62 -4.67 -19.19
CA LYS H 7 -39.69 -5.75 -19.49
C LYS H 7 -38.27 -5.21 -19.71
N VAL H 8 -37.30 -6.12 -19.59
CA VAL H 8 -35.89 -5.80 -19.87
C VAL H 8 -35.27 -6.80 -20.83
N PHE H 9 -34.20 -6.38 -21.50
CA PHE H 9 -33.30 -7.30 -22.18
C PHE H 9 -32.32 -7.78 -21.12
N VAL H 10 -32.28 -9.09 -20.90
CA VAL H 10 -31.20 -9.63 -20.08
C VAL H 10 -30.17 -10.29 -20.98
N PHE H 11 -28.98 -9.71 -20.95
CA PHE H 11 -27.80 -10.28 -21.57
C PHE H 11 -27.14 -11.00 -20.41
N PRO H 12 -27.31 -12.31 -20.38
CA PRO H 12 -27.01 -13.10 -19.18
C PRO H 12 -25.57 -13.64 -19.09
N ARG H 13 -24.72 -13.36 -20.08
CA ARG H 13 -23.33 -13.85 -20.07
C ARG H 13 -22.38 -12.98 -20.87
N GLU H 14 -21.09 -13.07 -20.53
CA GLU H 14 -20.06 -12.41 -21.30
C GLU H 14 -19.78 -13.20 -22.57
N SER H 15 -19.98 -12.55 -23.72
CA SER H 15 -19.77 -13.19 -25.00
C SER H 15 -19.26 -12.17 -26.02
N VAL H 16 -18.90 -12.66 -27.19
CA VAL H 16 -18.56 -11.79 -28.31
C VAL H 16 -19.65 -11.92 -29.37
N THR H 17 -20.76 -12.53 -28.94
CA THR H 17 -21.81 -13.04 -29.82
C THR H 17 -23.17 -12.36 -29.58
N ASP H 18 -23.57 -12.27 -28.30
CA ASP H 18 -24.93 -11.84 -27.95
C ASP H 18 -25.10 -10.34 -28.02
N HIS H 19 -26.08 -9.90 -28.81
CA HIS H 19 -26.39 -8.48 -28.98
C HIS H 19 -27.82 -8.31 -29.48
N VAL H 20 -28.40 -7.15 -29.18
CA VAL H 20 -29.71 -6.76 -29.71
C VAL H 20 -29.52 -5.63 -30.72
N ASN H 21 -30.02 -5.84 -31.94
CA ASN H 21 -30.04 -4.78 -32.95
C ASN H 21 -31.29 -3.93 -32.84
N LEU H 22 -31.12 -2.62 -32.86
CA LEU H 22 -32.24 -1.68 -32.81
C LEU H 22 -32.49 -1.04 -34.18
N ILE H 23 -33.72 -1.15 -34.66
CA ILE H 23 -34.07 -0.70 -36.00
C ILE H 23 -35.02 0.50 -35.98
N THR H 24 -34.52 1.63 -36.47
CA THR H 24 -35.31 2.86 -36.58
C THR H 24 -35.33 3.36 -38.03
N PRO H 25 -36.44 3.96 -38.46
CA PRO H 25 -36.54 4.52 -39.82
C PRO H 25 -35.85 5.87 -39.96
N LEU H 26 -34.67 6.02 -39.37
CA LEU H 26 -33.92 7.26 -39.44
C LEU H 26 -33.18 7.37 -40.77
N GLU H 27 -33.40 8.49 -41.46
CA GLU H 27 -32.83 8.70 -42.78
C GLU H 27 -32.25 10.11 -42.92
N LYS H 28 -32.39 10.91 -41.86
CA LYS H 28 -31.86 12.27 -41.85
C LYS H 28 -30.85 12.46 -40.73
N PRO H 29 -29.70 13.05 -41.04
CA PRO H 29 -28.66 13.36 -40.05
C PRO H 29 -29.20 14.02 -38.79
N LEU H 30 -28.76 13.52 -37.63
CA LEU H 30 -29.22 14.03 -36.33
C LEU H 30 -28.43 15.26 -35.92
N GLN H 31 -29.14 16.38 -35.78
CA GLN H 31 -28.55 17.61 -35.28
C GLN H 31 -28.52 17.54 -33.75
N ASN H 32 -29.65 17.16 -33.17
CA ASN H 32 -29.80 17.05 -31.72
C ASN H 32 -30.46 15.73 -31.36
N PHE H 33 -30.23 15.27 -30.14
CA PHE H 33 -30.88 14.06 -29.62
C PHE H 33 -30.86 13.98 -28.11
N THR H 34 -31.73 13.11 -27.57
CA THR H 34 -31.68 12.70 -26.17
C THR H 34 -31.91 11.21 -26.11
N LEU H 35 -31.04 10.51 -25.38
CA LEU H 35 -31.15 9.08 -25.21
C LEU H 35 -31.20 8.74 -23.72
N CYS H 36 -32.15 7.88 -23.36
CA CYS H 36 -32.37 7.51 -21.96
C CYS H 36 -32.70 6.03 -21.83
N PHE H 37 -32.14 5.40 -20.80
CA PHE H 37 -32.43 4.00 -20.50
C PHE H 37 -32.09 3.64 -19.05
N ARG H 38 -32.57 2.48 -18.62
CA ARG H 38 -32.24 1.91 -17.33
C ARG H 38 -31.28 0.75 -17.51
N ALA H 39 -30.19 0.75 -16.74
CA ALA H 39 -29.20 -0.31 -16.83
C ALA H 39 -28.86 -0.88 -15.46
N TYR H 40 -28.77 -2.20 -15.38
CA TYR H 40 -28.35 -2.88 -14.15
C TYR H 40 -27.28 -3.91 -14.48
N SER H 41 -26.10 -3.72 -13.92
CA SER H 41 -24.98 -4.63 -14.16
C SER H 41 -23.96 -4.60 -13.02
N ASP H 42 -23.32 -5.74 -12.77
CA ASP H 42 -22.26 -5.82 -11.77
C ASP H 42 -20.86 -5.91 -12.42
N LEU H 43 -20.81 -5.66 -13.72
CA LEU H 43 -19.56 -5.63 -14.47
C LEU H 43 -18.64 -4.57 -13.89
N SER H 44 -17.40 -4.98 -13.60
CA SER H 44 -16.41 -4.11 -12.96
C SER H 44 -15.60 -3.41 -14.03
N ARG H 45 -15.29 -4.17 -15.08
CA ARG H 45 -14.52 -3.69 -16.23
C ARG H 45 -15.32 -2.68 -17.04
N ALA H 46 -14.69 -2.13 -18.07
CA ALA H 46 -15.36 -1.19 -18.98
C ALA H 46 -16.36 -1.93 -19.88
N TYR H 47 -17.37 -1.21 -20.34
CA TYR H 47 -18.32 -1.76 -21.30
C TYR H 47 -19.11 -0.70 -22.05
N SER H 48 -19.60 -1.07 -23.23
CA SER H 48 -20.47 -0.21 -24.01
C SER H 48 -21.88 -0.36 -23.51
N LEU H 49 -22.64 0.72 -23.61
CA LEU H 49 -24.05 0.73 -23.25
C LEU H 49 -24.92 0.82 -24.52
N PHE H 50 -24.37 1.44 -25.56
CA PHE H 50 -25.16 1.83 -26.73
C PHE H 50 -24.21 2.22 -27.86
N SER H 51 -24.04 1.33 -28.83
CA SER H 51 -23.14 1.58 -29.96
C SER H 51 -23.93 1.89 -31.23
N TYR H 52 -23.55 2.97 -31.88
CA TYR H 52 -24.25 3.53 -33.02
C TYR H 52 -23.21 3.78 -34.10
N ASN H 53 -23.17 2.89 -35.09
CA ASN H 53 -22.19 2.95 -36.16
C ASN H 53 -22.82 3.10 -37.53
N THR H 54 -22.31 4.04 -38.32
CA THR H 54 -22.73 4.20 -39.71
C THR H 54 -21.69 3.57 -40.64
N GLN H 55 -22.02 3.44 -41.92
CA GLN H 55 -21.09 2.88 -42.90
C GLN H 55 -19.81 3.72 -42.96
N GLY H 56 -18.66 3.04 -42.77
CA GLY H 56 -17.36 3.68 -42.79
C GLY H 56 -17.04 4.49 -41.55
N ARG H 57 -18.02 4.64 -40.67
CA ARG H 57 -17.91 5.48 -39.48
C ARG H 57 -18.04 4.65 -38.20
N ASP H 58 -17.03 4.73 -37.35
CA ASP H 58 -16.97 3.95 -36.12
C ASP H 58 -17.12 4.85 -34.90
N ASN H 59 -17.85 4.36 -33.90
CA ASN H 59 -18.18 5.11 -32.70
C ASN H 59 -18.79 6.47 -33.01
N GLU H 60 -19.83 6.48 -33.84
CA GLU H 60 -20.46 7.73 -34.27
C GLU H 60 -21.26 8.35 -33.13
N LEU H 61 -21.99 7.51 -32.42
CA LEU H 61 -22.80 7.96 -31.29
C LEU H 61 -22.79 6.84 -30.25
N LEU H 62 -21.78 6.85 -29.39
CA LEU H 62 -21.56 5.75 -28.45
C LEU H 62 -21.62 6.20 -27.00
N VAL H 63 -22.43 5.50 -26.21
CA VAL H 63 -22.43 5.65 -24.75
C VAL H 63 -21.64 4.48 -24.15
N TYR H 64 -20.57 4.80 -23.44
CA TYR H 64 -19.58 3.80 -23.02
C TYR H 64 -19.13 4.10 -21.60
N LYS H 65 -19.20 3.08 -20.75
CA LYS H 65 -18.75 3.22 -19.36
C LYS H 65 -17.32 2.72 -19.22
N GLU H 66 -16.42 3.61 -18.82
CA GLU H 66 -15.01 3.26 -18.68
C GLU H 66 -14.76 2.51 -17.37
N ARG H 67 -15.47 2.93 -16.31
CA ARG H 67 -15.34 2.36 -14.97
C ARG H 67 -16.43 2.92 -14.06
N VAL H 68 -16.40 2.53 -12.79
CA VAL H 68 -17.40 2.98 -11.82
C VAL H 68 -17.38 4.50 -11.71
N GLY H 69 -18.56 5.11 -11.82
CA GLY H 69 -18.72 6.54 -11.64
C GLY H 69 -18.07 7.38 -12.71
N GLU H 70 -18.09 6.89 -13.95
CA GLU H 70 -17.46 7.58 -15.06
C GLU H 70 -18.23 7.24 -16.33
N TYR H 71 -19.02 8.19 -16.82
CA TYR H 71 -19.82 7.97 -18.02
C TYR H 71 -19.30 8.79 -19.21
N SER H 72 -19.25 8.16 -20.38
CA SER H 72 -18.71 8.80 -21.58
C SER H 72 -19.68 8.81 -22.75
N LEU H 73 -19.58 9.85 -23.57
CA LEU H 73 -20.31 9.94 -24.82
C LEU H 73 -19.34 10.17 -25.98
N TYR H 74 -19.49 9.40 -27.05
CA TYR H 74 -18.73 9.58 -28.26
C TYR H 74 -19.60 10.16 -29.38
N ILE H 75 -19.12 11.21 -30.04
CA ILE H 75 -19.77 11.71 -31.25
C ILE H 75 -18.72 11.80 -32.35
N GLY H 76 -18.91 11.04 -33.41
CA GLY H 76 -17.99 11.02 -34.54
C GLY H 76 -16.55 10.77 -34.15
N ARG H 77 -16.34 9.81 -33.25
CA ARG H 77 -15.02 9.41 -32.74
C ARG H 77 -14.51 10.26 -31.56
N HIS H 78 -15.02 11.48 -31.44
CA HIS H 78 -14.65 12.40 -30.36
C HIS H 78 -15.42 12.08 -29.09
N LYS H 79 -14.79 12.32 -27.93
CA LYS H 79 -15.39 11.89 -26.66
C LYS H 79 -15.41 12.95 -25.55
N VAL H 80 -16.33 12.74 -24.59
CA VAL H 80 -16.39 13.50 -23.35
C VAL H 80 -16.62 12.52 -22.19
N THR H 81 -16.13 12.87 -21.00
CA THR H 81 -16.31 11.99 -19.84
C THR H 81 -16.71 12.79 -18.60
N SER H 82 -17.81 12.39 -17.97
CA SER H 82 -18.28 13.05 -16.75
C SER H 82 -18.44 12.06 -15.61
N LYS H 83 -17.99 12.46 -14.42
CA LYS H 83 -17.92 11.56 -13.27
C LYS H 83 -19.08 11.74 -12.31
N VAL H 84 -19.34 10.72 -11.49
CA VAL H 84 -20.47 10.72 -10.57
C VAL H 84 -20.25 9.78 -9.39
N ILE H 85 -20.61 10.25 -8.20
CA ILE H 85 -20.71 9.39 -7.02
C ILE H 85 -21.83 8.36 -7.25
N GLU H 86 -21.47 7.08 -7.17
CA GLU H 86 -22.46 5.98 -7.28
C GLU H 86 -22.03 4.71 -6.57
N LYS H 87 -23.01 3.96 -6.08
CA LYS H 87 -22.77 2.67 -5.42
C LYS H 87 -22.60 1.57 -6.47
N PHE H 88 -21.76 0.59 -6.17
CA PHE H 88 -21.54 -0.55 -7.07
C PHE H 88 -21.72 -1.90 -6.36
N PRO H 89 -22.53 -2.79 -6.92
CA PRO H 89 -23.36 -2.50 -8.09
C PRO H 89 -24.70 -1.87 -7.72
N ALA H 90 -25.32 -1.20 -8.67
CA ALA H 90 -26.61 -0.56 -8.48
C ALA H 90 -27.31 -0.34 -9.82
N PRO H 91 -28.64 -0.52 -9.85
CA PRO H 91 -29.41 -0.16 -11.04
C PRO H 91 -29.26 1.34 -11.26
N VAL H 92 -29.46 1.79 -12.49
CA VAL H 92 -29.25 3.19 -12.84
C VAL H 92 -30.06 3.62 -14.06
N HIS H 93 -30.57 4.84 -14.00
CA HIS H 93 -31.21 5.48 -15.15
C HIS H 93 -30.21 6.42 -15.78
N ILE H 94 -29.94 6.25 -17.06
CA ILE H 94 -28.99 7.10 -17.77
C ILE H 94 -29.71 7.93 -18.83
N CYS H 95 -29.47 9.24 -18.82
CA CYS H 95 -29.98 10.17 -19.83
C CYS H 95 -28.83 10.98 -20.37
N VAL H 96 -28.58 10.87 -21.67
CA VAL H 96 -27.59 11.71 -22.31
C VAL H 96 -28.23 12.49 -23.45
N SER H 97 -27.93 13.79 -23.50
CA SER H 97 -28.44 14.67 -24.54
C SER H 97 -27.31 15.51 -25.13
N TRP H 98 -27.22 15.55 -26.46
CA TRP H 98 -26.21 16.35 -27.14
C TRP H 98 -26.84 17.40 -28.04
N GLU H 99 -26.26 18.60 -28.02
CA GLU H 99 -26.74 19.75 -28.78
C GLU H 99 -25.67 20.25 -29.73
N SER H 100 -25.94 20.17 -31.04
CA SER H 100 -24.97 20.53 -32.07
C SER H 100 -24.58 22.00 -32.08
N SER H 101 -25.56 22.88 -31.91
CA SER H 101 -25.34 24.33 -31.90
C SER H 101 -24.30 24.75 -30.88
N SER H 102 -24.41 24.19 -29.67
CA SER H 102 -23.51 24.52 -28.57
C SER H 102 -22.39 23.49 -28.42
N GLY H 103 -22.67 22.24 -28.75
CA GLY H 103 -21.74 21.13 -28.55
C GLY H 103 -21.93 20.45 -27.21
N ILE H 104 -22.93 20.92 -26.46
CA ILE H 104 -23.15 20.51 -25.07
C ILE H 104 -23.63 19.06 -24.91
N ALA H 105 -22.78 18.23 -24.31
CA ALA H 105 -23.18 16.90 -23.84
C ALA H 105 -23.63 17.02 -22.39
N GLU H 106 -24.88 16.63 -22.15
CA GLU H 106 -25.51 16.71 -20.84
C GLU H 106 -25.83 15.30 -20.34
N PHE H 107 -25.21 14.91 -19.23
CA PHE H 107 -25.41 13.56 -18.68
C PHE H 107 -26.24 13.62 -17.41
N TRP H 108 -27.26 12.78 -17.34
CA TRP H 108 -28.12 12.67 -16.16
C TRP H 108 -28.09 11.27 -15.57
N ILE H 109 -27.75 11.17 -14.30
CA ILE H 109 -27.70 9.88 -13.61
C ILE H 109 -28.67 9.91 -12.43
N ASN H 110 -29.71 9.08 -12.52
CA ASN H 110 -30.77 8.99 -11.53
C ASN H 110 -31.48 10.32 -11.22
N GLY H 111 -31.63 11.15 -12.25
CA GLY H 111 -32.29 12.43 -12.11
C GLY H 111 -31.36 13.60 -11.81
N THR H 112 -30.12 13.29 -11.48
CA THR H 112 -29.11 14.29 -11.11
C THR H 112 -28.20 14.61 -12.29
N PRO H 113 -27.98 15.90 -12.55
CA PRO H 113 -27.14 16.32 -13.67
C PRO H 113 -25.65 16.30 -13.35
N LEU H 114 -24.85 15.74 -14.25
CA LEU H 114 -23.40 15.76 -14.13
C LEU H 114 -22.85 16.99 -14.83
N VAL H 115 -21.58 17.29 -14.57
CA VAL H 115 -20.91 18.44 -15.17
C VAL H 115 -21.03 18.42 -16.70
N LYS H 116 -21.64 19.48 -17.25
CA LYS H 116 -21.85 19.62 -18.68
C LYS H 116 -20.53 19.59 -19.45
N LYS H 117 -20.52 18.90 -20.58
CA LYS H 117 -19.35 18.81 -21.43
C LYS H 117 -19.69 19.22 -22.85
N GLY H 118 -18.69 19.36 -23.70
CA GLY H 118 -18.90 19.85 -25.05
C GLY H 118 -17.99 19.24 -26.10
N LEU H 119 -18.58 18.91 -27.25
CA LEU H 119 -17.85 18.28 -28.35
C LEU H 119 -18.54 18.46 -29.68
N ARG H 120 -17.75 18.51 -30.74
CA ARG H 120 -18.22 18.52 -32.14
C ARG H 120 -19.32 19.55 -32.42
N GLN H 121 -19.03 20.81 -32.05
CA GLN H 121 -19.94 21.92 -32.28
C GLN H 121 -20.23 22.07 -33.77
N GLY H 122 -21.49 21.94 -34.14
CA GLY H 122 -21.92 22.10 -35.53
C GLY H 122 -21.93 20.82 -36.33
N TYR H 123 -21.52 19.71 -35.70
CA TYR H 123 -21.51 18.40 -36.34
C TYR H 123 -22.93 17.87 -36.51
N PHE H 124 -23.09 16.96 -37.47
CA PHE H 124 -24.35 16.27 -37.69
C PHE H 124 -24.06 14.77 -37.65
N VAL H 125 -24.66 14.03 -36.72
CA VAL H 125 -24.43 12.58 -36.67
C VAL H 125 -25.18 11.89 -37.81
N GLU H 126 -24.46 11.00 -38.49
CA GLU H 126 -24.93 10.42 -39.75
C GLU H 126 -26.17 9.54 -39.60
N ALA H 127 -26.99 9.50 -40.64
CA ALA H 127 -28.17 8.63 -40.70
C ALA H 127 -27.80 7.25 -41.27
N GLN H 128 -28.80 6.39 -41.42
CA GLN H 128 -28.60 4.98 -41.79
C GLN H 128 -27.55 4.29 -40.91
N PRO H 129 -27.84 4.19 -39.60
CA PRO H 129 -26.90 3.61 -38.64
C PRO H 129 -27.11 2.12 -38.41
N LYS H 130 -26.40 1.60 -37.41
CA LYS H 130 -26.57 0.23 -36.95
C LYS H 130 -26.47 0.27 -35.42
N ILE H 131 -27.61 0.18 -34.76
CA ILE H 131 -27.66 0.38 -33.32
C ILE H 131 -27.68 -0.96 -32.59
N VAL H 132 -26.70 -1.19 -31.71
CA VAL H 132 -26.62 -2.46 -30.97
C VAL H 132 -26.54 -2.30 -29.47
N LEU H 133 -27.09 -3.29 -28.77
CA LEU H 133 -27.05 -3.38 -27.31
C LEU H 133 -26.32 -4.66 -26.93
N GLY H 134 -25.51 -4.63 -25.89
CA GLY H 134 -24.80 -5.81 -25.46
C GLY H 134 -23.40 -5.97 -26.02
N GLN H 135 -23.11 -5.29 -27.14
CA GLN H 135 -21.76 -5.30 -27.72
C GLN H 135 -21.32 -3.92 -28.18
N GLU H 136 -20.08 -3.84 -28.66
CA GLU H 136 -19.49 -2.59 -29.14
C GLU H 136 -18.89 -2.75 -30.54
N GLN H 137 -19.49 -2.05 -31.50
CA GLN H 137 -19.10 -2.17 -32.91
C GLN H 137 -17.74 -1.56 -33.21
N ASP H 138 -16.94 -2.28 -34.01
CA ASP H 138 -15.76 -1.71 -34.66
C ASP H 138 -16.05 -1.54 -36.14
N SER H 139 -17.12 -2.19 -36.62
CA SER H 139 -17.54 -2.06 -38.00
C SER H 139 -19.04 -1.71 -38.10
N TYR H 140 -19.55 -1.71 -39.32
CA TYR H 140 -20.97 -1.48 -39.56
C TYR H 140 -21.76 -2.75 -39.25
N GLY H 141 -22.07 -2.92 -37.97
CA GLY H 141 -22.91 -4.03 -37.54
C GLY H 141 -22.20 -5.08 -36.71
N GLY H 142 -20.88 -5.19 -36.87
CA GLY H 142 -20.09 -6.23 -36.23
C GLY H 142 -18.75 -5.81 -35.66
N LYS H 143 -17.78 -6.72 -35.73
CA LYS H 143 -16.44 -6.55 -35.16
C LYS H 143 -16.51 -6.26 -33.66
N PHE H 144 -17.05 -7.23 -32.92
CA PHE H 144 -17.28 -7.06 -31.49
C PHE H 144 -16.06 -7.37 -30.64
N ASP H 145 -15.98 -6.70 -29.50
CA ASP H 145 -14.95 -6.92 -28.49
C ASP H 145 -15.65 -7.51 -27.27
N ARG H 146 -15.25 -8.73 -26.91
CA ARG H 146 -15.75 -9.41 -25.72
C ARG H 146 -15.40 -8.60 -24.46
N SER H 147 -14.16 -8.15 -24.39
CA SER H 147 -13.67 -7.35 -23.25
C SER H 147 -14.40 -6.01 -23.12
N GLN H 148 -15.40 -5.81 -23.98
CA GLN H 148 -16.20 -4.61 -23.97
C GLN H 148 -17.69 -4.93 -23.94
N SER H 149 -18.02 -6.21 -23.89
CA SER H 149 -19.41 -6.66 -23.93
C SER H 149 -20.20 -6.21 -22.71
N PHE H 150 -21.48 -5.95 -22.92
CA PHE H 150 -22.38 -5.69 -21.80
C PHE H 150 -22.97 -6.98 -21.31
N VAL H 151 -22.97 -7.17 -19.99
CA VAL H 151 -23.78 -8.23 -19.38
C VAL H 151 -24.51 -7.69 -18.14
N GLY H 152 -25.83 -7.74 -18.22
CA GLY H 152 -26.71 -7.23 -17.19
C GLY H 152 -28.09 -7.11 -17.77
N GLU H 153 -28.92 -6.30 -17.13
CA GLU H 153 -30.27 -6.03 -17.60
C GLU H 153 -30.32 -4.61 -18.16
N ILE H 154 -31.12 -4.39 -19.20
CA ILE H 154 -31.32 -3.07 -19.79
C ILE H 154 -32.80 -2.85 -20.12
N GLY H 155 -33.32 -1.67 -19.80
CA GLY H 155 -34.72 -1.39 -20.03
C GLY H 155 -35.09 0.07 -20.18
N ASP H 156 -36.38 0.34 -20.40
CA ASP H 156 -36.94 1.68 -20.48
C ASP H 156 -36.10 2.61 -21.38
N LEU H 157 -35.78 2.12 -22.58
CA LEU H 157 -34.94 2.83 -23.57
C LEU H 157 -35.82 3.73 -24.45
N TYR H 158 -35.49 5.01 -24.49
CA TYR H 158 -36.21 5.99 -25.31
C TYR H 158 -35.25 7.00 -25.91
N MET H 159 -35.38 7.27 -27.20
CA MET H 159 -34.51 8.22 -27.88
C MET H 159 -35.25 9.27 -28.72
N TRP H 160 -35.06 10.53 -28.36
CA TRP H 160 -35.68 11.66 -29.05
C TRP H 160 -34.70 12.36 -29.98
N ASP H 161 -35.23 13.10 -30.96
CA ASP H 161 -34.42 13.89 -31.87
C ASP H 161 -34.28 15.34 -31.39
N SER H 162 -34.55 15.54 -30.10
CA SER H 162 -34.52 16.86 -29.49
C SER H 162 -33.71 16.82 -28.21
N VAL H 163 -33.33 17.99 -27.70
CA VAL H 163 -32.67 18.08 -26.41
C VAL H 163 -33.72 18.39 -25.34
N LEU H 164 -33.97 17.41 -24.48
CA LEU H 164 -34.98 17.47 -23.44
C LEU H 164 -34.66 18.48 -22.34
N PRO H 165 -35.66 19.26 -21.92
CA PRO H 165 -35.53 20.12 -20.74
C PRO H 165 -35.55 19.29 -19.46
N PRO H 166 -35.09 19.85 -18.33
CA PRO H 166 -34.95 19.10 -17.07
C PRO H 166 -36.24 18.39 -16.62
N GLU H 167 -37.39 19.04 -16.82
CA GLU H 167 -38.67 18.49 -16.39
C GLU H 167 -39.04 17.20 -17.12
N ASN H 168 -38.55 17.02 -18.34
CA ASN H 168 -38.86 15.85 -19.15
C ASN H 168 -37.88 14.71 -18.91
N ILE H 169 -36.67 15.07 -18.51
CA ILE H 169 -35.66 14.10 -18.07
C ILE H 169 -36.11 13.49 -16.76
N LEU H 170 -36.52 14.36 -15.83
CA LEU H 170 -37.03 13.95 -14.53
C LEU H 170 -38.24 13.04 -14.69
N SER H 171 -39.14 13.41 -15.60
CA SER H 171 -40.36 12.65 -15.85
C SER H 171 -40.08 11.29 -16.46
N ALA H 172 -38.99 11.20 -17.22
CA ALA H 172 -38.52 9.93 -17.78
C ALA H 172 -38.08 8.99 -16.66
N TYR H 173 -37.23 9.51 -15.77
CA TYR H 173 -36.68 8.77 -14.64
C TYR H 173 -37.77 8.36 -13.66
N GLN H 174 -38.77 9.23 -13.50
CA GLN H 174 -39.92 8.97 -12.64
C GLN H 174 -40.83 7.88 -13.19
N GLY H 175 -40.63 7.53 -14.46
CA GLY H 175 -41.30 6.39 -15.05
C GLY H 175 -42.35 6.68 -16.12
N THR H 176 -42.61 7.96 -16.39
CA THR H 176 -43.53 8.36 -17.45
C THR H 176 -42.83 9.19 -18.53
N PRO H 177 -42.27 8.49 -19.52
CA PRO H 177 -41.48 9.14 -20.58
C PRO H 177 -42.33 9.86 -21.62
N LEU H 178 -41.79 10.95 -22.14
CA LEU H 178 -42.40 11.66 -23.26
C LEU H 178 -42.22 10.82 -24.52
N PRO H 179 -43.26 10.72 -25.34
CA PRO H 179 -43.21 9.89 -26.56
C PRO H 179 -42.01 10.24 -27.43
N ALA H 180 -41.29 9.21 -27.88
CA ALA H 180 -40.04 9.40 -28.62
C ALA H 180 -40.17 9.10 -30.12
N ASN H 181 -39.49 9.92 -30.92
CA ASN H 181 -39.57 9.88 -32.38
C ASN H 181 -38.59 8.95 -33.09
N ILE H 182 -37.47 8.62 -32.44
CA ILE H 182 -36.50 7.69 -33.01
C ILE H 182 -36.61 6.28 -32.43
N LEU H 183 -36.38 6.14 -31.13
CA LEU H 183 -36.43 4.84 -30.48
C LEU H 183 -37.44 4.86 -29.34
N ASP H 184 -38.44 3.96 -29.41
CA ASP H 184 -39.47 3.83 -28.37
C ASP H 184 -39.52 2.43 -27.79
N TRP H 185 -39.44 2.34 -26.47
CA TRP H 185 -39.54 1.06 -25.75
C TRP H 185 -40.95 0.49 -25.83
N GLN H 186 -41.95 1.36 -25.89
CA GLN H 186 -43.36 0.96 -25.97
C GLN H 186 -43.77 0.54 -27.38
N ALA H 187 -42.84 0.66 -28.32
CA ALA H 187 -43.00 0.17 -29.69
C ALA H 187 -41.61 0.06 -30.32
N LEU H 188 -40.90 -1.03 -29.98
CA LEU H 188 -39.52 -1.21 -30.41
C LEU H 188 -39.37 -2.27 -31.50
N ASN H 189 -38.65 -1.92 -32.55
CA ASN H 189 -38.22 -2.89 -33.57
C ASN H 189 -36.80 -3.36 -33.23
N TYR H 190 -36.71 -4.62 -32.81
CA TYR H 190 -35.42 -5.19 -32.41
C TYR H 190 -35.10 -6.52 -33.10
N GLU H 191 -33.83 -6.88 -33.08
CA GLU H 191 -33.33 -8.15 -33.61
C GLU H 191 -32.41 -8.80 -32.58
N ILE H 192 -32.88 -9.90 -31.98
CA ILE H 192 -32.05 -10.64 -31.02
C ILE H 192 -31.16 -11.63 -31.76
N ARG H 193 -29.85 -11.54 -31.49
CA ARG H 193 -28.89 -12.49 -32.01
C ARG H 193 -28.11 -13.08 -30.83
N GLY H 194 -28.22 -14.40 -30.69
CA GLY H 194 -27.47 -15.13 -29.70
C GLY H 194 -28.26 -15.48 -28.44
N TYR H 195 -27.71 -15.08 -27.31
CA TYR H 195 -28.29 -15.40 -26.02
C TYR H 195 -28.67 -14.11 -25.30
N VAL H 196 -29.89 -13.67 -25.56
CA VAL H 196 -30.49 -12.57 -24.81
C VAL H 196 -31.96 -12.90 -24.61
N ILE H 197 -32.39 -12.86 -23.35
CA ILE H 197 -33.75 -13.22 -22.93
C ILE H 197 -34.50 -11.95 -22.54
N ILE H 198 -35.79 -11.92 -22.78
CA ILE H 198 -36.65 -10.86 -22.27
C ILE H 198 -37.27 -11.29 -20.94
N LYS H 199 -37.05 -10.51 -19.90
CA LYS H 199 -37.61 -10.79 -18.58
C LYS H 199 -38.32 -9.55 -18.04
N PRO H 200 -39.29 -9.74 -17.15
CA PRO H 200 -39.97 -8.61 -16.50
C PRO H 200 -39.02 -7.81 -15.63
N LEU H 201 -39.07 -6.48 -15.77
CA LEU H 201 -38.24 -5.56 -14.99
C LEU H 201 -38.63 -5.58 -13.52
N VAL H 202 -37.70 -6.01 -12.67
CA VAL H 202 -37.98 -6.22 -11.24
C VAL H 202 -37.20 -5.28 -10.30
N TRP H 203 -36.19 -4.60 -10.82
CA TRP H 203 -35.28 -3.80 -10.01
C TRP H 203 -35.65 -2.33 -9.88
N VAL H 204 -36.90 -1.99 -10.21
CA VAL H 204 -37.41 -0.62 -10.06
C VAL H 204 -38.64 -0.61 -9.16
N HIS I 1 -41.43 -36.29 9.17
CA HIS I 1 -41.11 -34.83 9.00
C HIS I 1 -41.12 -34.06 10.32
N THR I 2 -40.22 -33.09 10.42
CA THR I 2 -40.00 -32.34 11.66
C THR I 2 -40.24 -30.84 11.47
N ASP I 3 -40.95 -30.23 12.42
CA ASP I 3 -41.26 -28.81 12.36
C ASP I 3 -40.13 -27.97 12.96
N LEU I 4 -39.41 -27.28 12.09
CA LEU I 4 -38.22 -26.56 12.52
C LEU I 4 -38.43 -25.04 12.67
N SER I 5 -39.68 -24.65 12.88
CA SER I 5 -40.08 -23.25 13.08
C SER I 5 -39.38 -22.57 14.27
N GLY I 6 -38.66 -21.48 13.98
CA GLY I 6 -37.96 -20.71 14.99
C GLY I 6 -36.66 -21.34 15.50
N LYS I 7 -36.13 -22.30 14.76
CA LYS I 7 -34.88 -22.98 15.13
C LYS I 7 -33.89 -22.98 13.97
N VAL I 8 -32.61 -23.16 14.28
CA VAL I 8 -31.54 -23.19 13.29
C VAL I 8 -30.62 -24.38 13.51
N PHE I 9 -29.98 -24.82 12.44
CA PHE I 9 -28.90 -25.80 12.51
C PHE I 9 -27.63 -25.01 12.77
N VAL I 10 -26.94 -25.29 13.88
CA VAL I 10 -25.65 -24.63 14.10
C VAL I 10 -24.46 -25.55 13.83
N PHE I 11 -23.59 -25.10 12.94
CA PHE I 11 -22.35 -25.79 12.59
C PHE I 11 -21.20 -25.11 13.36
N PRO I 12 -20.90 -25.66 14.51
CA PRO I 12 -20.10 -24.96 15.53
C PRO I 12 -18.60 -24.82 15.22
N ARG I 13 -18.08 -25.62 14.28
CA ARG I 13 -16.62 -25.66 14.05
C ARG I 13 -16.22 -26.07 12.64
N GLU I 14 -15.09 -25.54 12.20
CA GLU I 14 -14.46 -25.95 10.95
C GLU I 14 -14.11 -27.44 11.00
N SER I 15 -14.69 -28.22 10.08
CA SER I 15 -14.54 -29.66 10.09
C SER I 15 -14.58 -30.26 8.69
N VAL I 16 -14.26 -31.56 8.59
CA VAL I 16 -14.50 -32.32 7.37
C VAL I 16 -15.48 -33.48 7.69
N THR I 17 -16.29 -33.25 8.72
CA THR I 17 -17.12 -34.30 9.32
C THR I 17 -18.58 -33.87 9.40
N ASP I 18 -18.79 -32.68 9.96
CA ASP I 18 -20.12 -32.20 10.33
C ASP I 18 -20.98 -31.84 9.13
N HIS I 19 -22.02 -32.63 8.91
CA HIS I 19 -22.95 -32.35 7.82
C HIS I 19 -24.40 -32.75 8.15
N VAL I 20 -25.33 -32.02 7.55
CA VAL I 20 -26.73 -32.40 7.58
C VAL I 20 -27.09 -32.95 6.21
N ASN I 21 -27.52 -34.20 6.16
CA ASN I 21 -28.11 -34.75 4.95
C ASN I 21 -29.59 -34.36 4.91
N LEU I 22 -30.00 -33.73 3.80
CA LEU I 22 -31.39 -33.38 3.57
C LEU I 22 -32.03 -34.39 2.61
N ILE I 23 -33.25 -34.79 2.91
CA ILE I 23 -33.94 -35.79 2.07
C ILE I 23 -35.30 -35.30 1.60
N THR I 24 -35.64 -35.65 0.35
CA THR I 24 -36.72 -34.99 -0.39
C THR I 24 -37.50 -35.93 -1.33
N PRO I 25 -38.81 -35.71 -1.47
CA PRO I 25 -39.64 -36.55 -2.34
C PRO I 25 -39.47 -36.29 -3.86
N LEU I 26 -38.30 -35.79 -4.26
CA LEU I 26 -38.03 -35.52 -5.68
C LEU I 26 -37.57 -36.76 -6.45
N GLU I 27 -38.41 -37.22 -7.38
CA GLU I 27 -38.00 -38.25 -8.34
C GLU I 27 -38.23 -37.82 -9.79
N LYS I 28 -38.81 -36.63 -9.97
CA LYS I 28 -38.84 -35.96 -11.26
C LYS I 28 -37.63 -35.02 -11.37
N PRO I 29 -36.88 -35.09 -12.47
CA PRO I 29 -35.74 -34.18 -12.69
C PRO I 29 -36.19 -32.72 -12.69
N LEU I 30 -35.38 -31.84 -12.12
CA LEU I 30 -35.77 -30.46 -11.94
C LEU I 30 -35.66 -29.68 -13.25
N GLN I 31 -36.68 -28.86 -13.49
CA GLN I 31 -36.71 -27.96 -14.63
C GLN I 31 -36.69 -26.51 -14.12
N ASN I 32 -37.58 -26.23 -13.19
CA ASN I 32 -37.68 -24.94 -12.53
C ASN I 32 -37.52 -25.17 -11.03
N PHE I 33 -36.93 -24.21 -10.32
CA PHE I 33 -36.86 -24.26 -8.86
C PHE I 33 -36.54 -22.91 -8.22
N THR I 34 -37.06 -22.69 -7.01
CA THR I 34 -36.61 -21.58 -6.16
C THR I 34 -36.14 -22.12 -4.82
N LEU I 35 -35.05 -21.56 -4.32
CA LEU I 35 -34.47 -21.99 -3.06
C LEU I 35 -34.20 -20.78 -2.19
N CYS I 36 -34.61 -20.87 -0.93
CA CYS I 36 -34.43 -19.78 0.04
C CYS I 36 -33.99 -20.32 1.38
N PHE I 37 -33.11 -19.58 2.05
CA PHE I 37 -32.73 -19.89 3.41
C PHE I 37 -32.14 -18.65 4.07
N ARG I 38 -31.91 -18.76 5.37
CA ARG I 38 -31.24 -17.73 6.14
C ARG I 38 -29.90 -18.30 6.59
N ALA I 39 -28.84 -17.54 6.41
CA ALA I 39 -27.53 -17.93 6.90
C ALA I 39 -26.92 -16.82 7.73
N TYR I 40 -26.21 -17.22 8.78
CA TYR I 40 -25.43 -16.33 9.61
C TYR I 40 -24.07 -16.99 9.82
N SER I 41 -23.03 -16.38 9.25
CA SER I 41 -21.66 -16.87 9.37
C SER I 41 -20.64 -15.74 9.27
N ASP I 42 -19.58 -15.85 10.07
CA ASP I 42 -18.49 -14.88 10.02
C ASP I 42 -17.28 -15.39 9.22
N LEU I 43 -17.45 -16.53 8.57
CA LEU I 43 -16.38 -17.14 7.80
C LEU I 43 -15.92 -16.25 6.65
N SER I 44 -14.65 -15.88 6.67
CA SER I 44 -14.04 -14.97 5.70
C SER I 44 -13.83 -15.62 4.33
N ARG I 45 -13.45 -16.90 4.36
CA ARG I 45 -13.08 -17.69 3.18
C ARG I 45 -14.28 -18.15 2.37
N ALA I 46 -14.01 -19.01 1.38
CA ALA I 46 -15.05 -19.57 0.53
C ALA I 46 -15.69 -20.76 1.23
N TYR I 47 -17.02 -20.89 1.06
CA TYR I 47 -17.78 -22.01 1.62
C TYR I 47 -19.07 -22.28 0.85
N SER I 48 -19.59 -23.49 0.99
CA SER I 48 -20.87 -23.86 0.38
C SER I 48 -22.06 -23.66 1.33
N LEU I 49 -23.10 -23.02 0.81
CA LEU I 49 -24.35 -22.92 1.54
C LEU I 49 -25.17 -24.18 1.33
N PHE I 50 -25.34 -24.59 0.06
CA PHE I 50 -26.25 -25.68 -0.33
C PHE I 50 -25.65 -26.58 -1.43
N SER I 51 -25.44 -27.86 -1.12
CA SER I 51 -24.79 -28.80 -2.02
C SER I 51 -25.70 -29.93 -2.47
N TYR I 52 -25.81 -30.13 -3.78
CA TYR I 52 -26.79 -31.03 -4.37
C TYR I 52 -26.10 -31.81 -5.50
N ASN I 53 -25.88 -33.10 -5.27
CA ASN I 53 -25.10 -33.94 -6.18
C ASN I 53 -25.85 -35.22 -6.57
N THR I 54 -25.67 -35.65 -7.81
CA THR I 54 -26.30 -36.89 -8.27
C THR I 54 -25.23 -37.89 -8.69
N GLN I 55 -25.63 -39.15 -8.85
CA GLN I 55 -24.72 -40.21 -9.26
C GLN I 55 -23.88 -39.79 -10.47
N GLY I 56 -22.57 -39.67 -10.25
CA GLY I 56 -21.64 -39.35 -11.32
C GLY I 56 -21.68 -37.92 -11.84
N ARG I 57 -22.49 -37.08 -11.19
CA ARG I 57 -22.54 -35.65 -11.51
C ARG I 57 -22.23 -34.83 -10.26
N ASP I 58 -21.10 -34.13 -10.27
CA ASP I 58 -20.72 -33.26 -9.17
C ASP I 58 -21.19 -31.83 -9.43
N ASN I 59 -21.52 -31.12 -8.34
CA ASN I 59 -22.01 -29.76 -8.44
C ASN I 59 -23.19 -29.66 -9.41
N GLU I 60 -24.13 -30.61 -9.30
CA GLU I 60 -25.29 -30.60 -10.17
C GLU I 60 -26.07 -29.33 -9.92
N LEU I 61 -26.38 -29.07 -8.65
CA LEU I 61 -26.95 -27.79 -8.23
C LEU I 61 -26.28 -27.35 -6.93
N LEU I 62 -25.62 -26.19 -6.96
CA LEU I 62 -24.83 -25.71 -5.82
C LEU I 62 -24.82 -24.19 -5.64
N VAL I 63 -25.11 -23.75 -4.41
CA VAL I 63 -24.99 -22.34 -4.03
C VAL I 63 -23.72 -22.22 -3.22
N TYR I 64 -22.75 -21.51 -3.77
CA TYR I 64 -21.43 -21.41 -3.19
C TYR I 64 -21.08 -19.94 -3.03
N LYS I 65 -20.46 -19.60 -1.91
CA LYS I 65 -20.00 -18.24 -1.70
C LYS I 65 -18.50 -18.17 -1.79
N GLU I 66 -18.00 -17.45 -2.78
CA GLU I 66 -16.56 -17.39 -3.04
C GLU I 66 -15.89 -16.41 -2.08
N ARG I 67 -16.53 -15.25 -1.89
CA ARG I 67 -16.03 -14.21 -0.98
C ARG I 67 -17.16 -13.29 -0.56
N VAL I 68 -16.82 -12.19 0.09
CA VAL I 68 -17.82 -11.25 0.61
C VAL I 68 -18.54 -10.52 -0.53
N GLY I 69 -19.87 -10.49 -0.45
CA GLY I 69 -20.69 -9.84 -1.45
C GLY I 69 -20.66 -10.51 -2.82
N GLU I 70 -20.40 -11.81 -2.83
CA GLU I 70 -20.33 -12.55 -4.08
C GLU I 70 -20.99 -13.91 -3.97
N TYR I 71 -22.05 -14.11 -4.75
CA TYR I 71 -22.85 -15.33 -4.68
C TYR I 71 -22.86 -16.05 -6.02
N SER I 72 -22.69 -17.36 -5.94
CA SER I 72 -22.54 -18.19 -7.13
C SER I 72 -23.52 -19.32 -7.09
N LEU I 73 -24.19 -19.52 -8.22
CA LEU I 73 -24.99 -20.71 -8.43
C LEU I 73 -24.36 -21.57 -9.51
N TYR I 74 -24.20 -22.86 -9.19
CA TYR I 74 -23.69 -23.85 -10.13
C TYR I 74 -24.84 -24.72 -10.61
N ILE I 75 -25.09 -24.73 -11.91
CA ILE I 75 -26.01 -25.72 -12.49
C ILE I 75 -25.25 -26.64 -13.45
N GLY I 76 -25.27 -27.93 -13.16
CA GLY I 76 -24.65 -28.94 -14.01
C GLY I 76 -23.17 -28.72 -14.26
N ARG I 77 -22.47 -28.23 -13.25
CA ARG I 77 -21.01 -27.95 -13.30
C ARG I 77 -20.67 -26.53 -13.74
N HIS I 78 -21.50 -25.95 -14.61
CA HIS I 78 -21.37 -24.55 -15.02
C HIS I 78 -21.84 -23.63 -13.89
N LYS I 79 -21.37 -22.38 -13.86
CA LYS I 79 -21.74 -21.43 -12.81
C LYS I 79 -22.01 -20.01 -13.27
N VAL I 80 -22.77 -19.28 -12.46
CA VAL I 80 -22.97 -17.85 -12.65
C VAL I 80 -22.71 -17.13 -11.32
N THR I 81 -22.30 -15.87 -11.39
CA THR I 81 -21.90 -15.12 -10.22
C THR I 81 -22.48 -13.72 -10.25
N SER I 82 -23.15 -13.34 -9.17
CA SER I 82 -23.65 -11.97 -9.06
C SER I 82 -23.16 -11.32 -7.77
N LYS I 83 -22.87 -10.02 -7.84
CA LYS I 83 -22.32 -9.25 -6.74
C LYS I 83 -23.40 -8.47 -5.99
N VAL I 84 -23.18 -8.23 -4.70
CA VAL I 84 -24.08 -7.42 -3.88
C VAL I 84 -23.32 -6.64 -2.77
N ILE I 85 -23.83 -5.46 -2.42
CA ILE I 85 -23.29 -4.69 -1.28
C ILE I 85 -23.84 -5.26 0.02
N GLU I 86 -22.94 -5.69 0.90
CA GLU I 86 -23.34 -6.28 2.18
C GLU I 86 -22.34 -6.10 3.31
N LYS I 87 -22.87 -5.90 4.52
CA LYS I 87 -22.07 -5.77 5.72
C LYS I 87 -21.62 -7.16 6.16
N PHE I 88 -20.39 -7.23 6.67
CA PHE I 88 -19.82 -8.49 7.13
C PHE I 88 -19.20 -8.32 8.52
N PRO I 89 -19.52 -9.22 9.44
CA PRO I 89 -20.50 -10.28 9.22
C PRO I 89 -21.92 -9.85 9.58
N ALA I 90 -22.90 -10.38 8.85
CA ALA I 90 -24.31 -10.04 9.06
C ALA I 90 -25.22 -11.17 8.60
N PRO I 91 -26.39 -11.30 9.23
CA PRO I 91 -27.37 -12.30 8.81
C PRO I 91 -27.88 -12.01 7.41
N VAL I 92 -28.03 -13.05 6.60
CA VAL I 92 -28.43 -12.89 5.21
C VAL I 92 -29.64 -13.78 4.90
N HIS I 93 -30.54 -13.28 4.08
CA HIS I 93 -31.59 -14.10 3.54
C HIS I 93 -31.28 -14.28 2.07
N ILE I 94 -31.03 -15.53 1.68
CA ILE I 94 -30.78 -15.82 0.27
C ILE I 94 -31.98 -16.50 -0.41
N CYS I 95 -32.34 -16.01 -1.60
CA CYS I 95 -33.17 -16.77 -2.54
C CYS I 95 -32.41 -16.88 -3.85
N VAL I 96 -32.58 -18.02 -4.50
CA VAL I 96 -32.01 -18.23 -5.82
C VAL I 96 -33.02 -19.05 -6.63
N SER I 97 -33.31 -18.60 -7.85
CA SER I 97 -34.16 -19.38 -8.73
C SER I 97 -33.46 -19.69 -10.05
N TRP I 98 -33.95 -20.71 -10.75
CA TRP I 98 -33.42 -21.09 -12.06
C TRP I 98 -34.55 -21.61 -12.94
N GLU I 99 -34.55 -21.18 -14.20
CA GLU I 99 -35.62 -21.50 -15.13
C GLU I 99 -34.97 -22.03 -16.41
N SER I 100 -35.23 -23.31 -16.72
CA SER I 100 -34.53 -24.01 -17.80
C SER I 100 -34.74 -23.46 -19.21
N SER I 101 -35.96 -23.00 -19.50
CA SER I 101 -36.30 -22.49 -20.82
C SER I 101 -35.49 -21.25 -21.19
N SER I 102 -35.26 -20.40 -20.19
CA SER I 102 -34.50 -19.17 -20.38
C SER I 102 -33.04 -19.34 -19.96
N GLY I 103 -32.82 -20.22 -18.99
CA GLY I 103 -31.50 -20.45 -18.45
C GLY I 103 -31.13 -19.40 -17.42
N ILE I 104 -32.13 -18.61 -17.02
CA ILE I 104 -31.88 -17.49 -16.11
C ILE I 104 -31.75 -17.92 -14.65
N ALA I 105 -30.66 -17.51 -14.02
CA ALA I 105 -30.52 -17.58 -12.56
C ALA I 105 -30.93 -16.24 -11.98
N GLU I 106 -31.74 -16.29 -10.92
CA GLU I 106 -32.14 -15.10 -10.21
C GLU I 106 -31.72 -15.19 -8.74
N PHE I 107 -30.90 -14.24 -8.29
CA PHE I 107 -30.49 -14.19 -6.88
C PHE I 107 -31.23 -13.10 -6.16
N TRP I 108 -31.62 -13.37 -4.93
CA TRP I 108 -32.23 -12.36 -4.09
C TRP I 108 -31.58 -12.37 -2.72
N ILE I 109 -31.00 -11.24 -2.33
CA ILE I 109 -30.31 -11.13 -1.07
C ILE I 109 -31.04 -10.07 -0.27
N ASN I 110 -31.56 -10.50 0.87
CA ASN I 110 -32.39 -9.65 1.77
C ASN I 110 -33.50 -8.92 1.03
N GLY I 111 -34.26 -9.67 0.21
CA GLY I 111 -35.41 -9.14 -0.50
C GLY I 111 -35.08 -8.22 -1.65
N THR I 112 -33.81 -8.16 -2.02
CA THR I 112 -33.32 -7.29 -3.08
C THR I 112 -32.84 -8.13 -4.25
N PRO I 113 -33.26 -7.80 -5.47
CA PRO I 113 -32.85 -8.57 -6.65
C PRO I 113 -31.45 -8.19 -7.09
N LEU I 114 -30.62 -9.17 -7.42
CA LEU I 114 -29.34 -8.90 -8.03
C LEU I 114 -29.44 -9.02 -9.54
N VAL I 115 -28.30 -8.86 -10.20
CA VAL I 115 -28.21 -8.99 -11.65
C VAL I 115 -28.57 -10.40 -12.09
N LYS I 116 -29.53 -10.50 -13.01
CA LYS I 116 -29.87 -11.76 -13.67
C LYS I 116 -28.68 -12.31 -14.47
N LYS I 117 -28.49 -13.62 -14.38
CA LYS I 117 -27.46 -14.33 -15.10
C LYS I 117 -28.07 -15.56 -15.75
N GLY I 118 -27.40 -16.10 -16.76
CA GLY I 118 -27.93 -17.24 -17.48
C GLY I 118 -26.92 -18.35 -17.65
N LEU I 119 -27.40 -19.58 -17.54
CA LEU I 119 -26.58 -20.76 -17.72
C LEU I 119 -27.43 -22.00 -18.02
N ARG I 120 -26.84 -22.97 -18.69
CA ARG I 120 -27.46 -24.25 -19.01
C ARG I 120 -28.93 -24.15 -19.47
N GLN I 121 -29.16 -23.34 -20.51
CA GLN I 121 -30.48 -23.24 -21.12
C GLN I 121 -30.89 -24.60 -21.69
N GLY I 122 -32.11 -25.02 -21.36
CA GLY I 122 -32.63 -26.29 -21.84
C GLY I 122 -32.22 -27.51 -21.04
N TYR I 123 -31.32 -27.31 -20.07
CA TYR I 123 -30.81 -28.41 -19.25
C TYR I 123 -31.80 -28.83 -18.17
N PHE I 124 -31.73 -30.10 -17.78
CA PHE I 124 -32.52 -30.62 -16.67
C PHE I 124 -31.57 -31.05 -15.58
N VAL I 125 -31.74 -30.54 -14.37
CA VAL I 125 -30.95 -31.03 -13.25
C VAL I 125 -31.46 -32.39 -12.79
N GLU I 126 -30.52 -33.32 -12.63
CA GLU I 126 -30.81 -34.71 -12.39
C GLU I 126 -31.50 -34.97 -11.05
N ALA I 127 -32.41 -35.95 -11.05
CA ALA I 127 -33.19 -36.31 -9.88
C ALA I 127 -32.43 -37.31 -9.01
N GLN I 128 -33.09 -37.77 -7.93
CA GLN I 128 -32.50 -38.69 -6.95
C GLN I 128 -31.15 -38.15 -6.45
N PRO I 129 -31.20 -37.03 -5.73
CA PRO I 129 -29.99 -36.34 -5.29
C PRO I 129 -29.54 -36.69 -3.87
N LYS I 130 -28.37 -36.17 -3.53
CA LYS I 130 -27.88 -36.12 -2.17
C LYS I 130 -27.68 -34.64 -1.85
N ILE I 131 -28.40 -34.14 -0.85
CA ILE I 131 -28.28 -32.75 -0.45
C ILE I 131 -27.57 -32.67 0.89
N VAL I 132 -26.45 -31.96 0.95
CA VAL I 132 -25.80 -31.77 2.23
C VAL I 132 -25.66 -30.30 2.65
N LEU I 133 -25.70 -30.08 3.95
CA LEU I 133 -25.56 -28.74 4.52
C LEU I 133 -24.37 -28.78 5.45
N GLY I 134 -23.55 -27.74 5.37
CA GLY I 134 -22.35 -27.67 6.18
C GLY I 134 -21.11 -28.10 5.42
N GLN I 135 -21.27 -29.06 4.53
CA GLN I 135 -20.15 -29.53 3.70
C GLN I 135 -20.42 -29.36 2.22
N GLU I 136 -19.36 -29.49 1.41
CA GLU I 136 -19.46 -29.44 -0.06
C GLU I 136 -19.01 -30.77 -0.67
N GLN I 137 -19.97 -31.55 -1.17
CA GLN I 137 -19.69 -32.86 -1.77
C GLN I 137 -18.88 -32.77 -3.06
N ASP I 138 -17.99 -33.74 -3.25
CA ASP I 138 -17.29 -33.95 -4.52
C ASP I 138 -17.60 -35.34 -5.07
N SER I 139 -18.13 -36.19 -4.19
CA SER I 139 -18.69 -37.49 -4.57
C SER I 139 -20.19 -37.53 -4.25
N TYR I 140 -20.82 -38.69 -4.48
CA TYR I 140 -22.24 -38.85 -4.22
C TYR I 140 -22.47 -39.03 -2.73
N GLY I 141 -22.63 -37.91 -2.03
CA GLY I 141 -22.84 -37.93 -0.60
C GLY I 141 -21.60 -37.73 0.24
N GLY I 142 -20.42 -37.78 -0.38
CA GLY I 142 -19.17 -37.71 0.36
C GLY I 142 -18.06 -36.93 -0.32
N LYS I 143 -16.83 -37.21 0.11
CA LYS I 143 -15.63 -36.47 -0.30
C LYS I 143 -15.80 -34.97 -0.02
N PHE I 144 -15.67 -34.61 1.25
CA PHE I 144 -15.78 -33.20 1.65
C PHE I 144 -14.42 -32.54 1.76
N ASP I 145 -14.38 -31.23 1.55
CA ASP I 145 -13.18 -30.42 1.72
C ASP I 145 -13.32 -29.53 2.94
N ARG I 146 -12.29 -29.53 3.78
CA ARG I 146 -12.24 -28.78 5.02
C ARG I 146 -12.38 -27.27 4.80
N SER I 147 -11.62 -26.74 3.85
CA SER I 147 -11.60 -25.30 3.56
C SER I 147 -12.83 -24.84 2.78
N GLN I 148 -13.84 -25.70 2.69
CA GLN I 148 -15.08 -25.40 2.01
C GLN I 148 -16.26 -25.56 2.92
N SER I 149 -16.00 -26.02 4.15
CA SER I 149 -17.05 -26.30 5.12
C SER I 149 -17.73 -25.04 5.63
N PHE I 150 -19.03 -25.15 5.89
CA PHE I 150 -19.79 -24.05 6.46
C PHE I 150 -19.80 -24.16 7.96
N VAL I 151 -19.30 -23.12 8.60
CA VAL I 151 -19.42 -22.98 10.06
C VAL I 151 -20.32 -21.79 10.27
N GLY I 152 -21.36 -21.97 11.09
CA GLY I 152 -22.33 -20.93 11.32
C GLY I 152 -23.72 -21.49 11.38
N GLU I 153 -24.71 -20.62 11.13
CA GLU I 153 -26.11 -20.97 11.37
C GLU I 153 -26.97 -20.90 10.08
N ILE I 154 -27.76 -21.94 9.84
CA ILE I 154 -28.71 -21.95 8.73
C ILE I 154 -30.10 -22.26 9.24
N GLY I 155 -31.08 -21.52 8.73
CA GLY I 155 -32.49 -21.69 9.11
C GLY I 155 -33.42 -21.29 8.00
N ASP I 156 -34.72 -21.53 8.22
CA ASP I 156 -35.79 -21.19 7.26
C ASP I 156 -35.53 -21.63 5.80
N LEU I 157 -35.21 -22.91 5.62
CA LEU I 157 -34.92 -23.50 4.30
C LEU I 157 -36.20 -23.93 3.58
N TYR I 158 -36.36 -23.48 2.34
CA TYR I 158 -37.53 -23.82 1.52
C TYR I 158 -37.15 -23.96 0.05
N MET I 159 -37.62 -25.05 -0.57
CA MET I 159 -37.39 -25.29 -2.00
C MET I 159 -38.70 -25.58 -2.73
N TRP I 160 -38.97 -24.81 -3.78
CA TRP I 160 -40.12 -25.05 -4.65
C TRP I 160 -39.64 -25.59 -6.00
N ASP I 161 -40.55 -26.18 -6.77
CA ASP I 161 -40.23 -26.62 -8.14
C ASP I 161 -40.81 -25.67 -9.19
N SER I 162 -40.79 -24.38 -8.86
CA SER I 162 -41.28 -23.32 -9.72
C SER I 162 -40.42 -22.10 -9.50
N VAL I 163 -40.48 -21.16 -10.44
CA VAL I 163 -39.78 -19.88 -10.29
C VAL I 163 -40.70 -18.86 -9.64
N LEU I 164 -40.35 -18.44 -8.43
CA LEU I 164 -41.19 -17.56 -7.65
C LEU I 164 -41.10 -16.10 -8.10
N PRO I 165 -42.25 -15.43 -8.24
CA PRO I 165 -42.28 -13.99 -8.51
C PRO I 165 -41.91 -13.16 -7.28
N PRO I 166 -41.47 -11.91 -7.48
CA PRO I 166 -40.97 -11.05 -6.39
C PRO I 166 -41.81 -11.09 -5.12
N GLU I 167 -43.12 -11.00 -5.28
CA GLU I 167 -44.05 -10.93 -4.15
C GLU I 167 -43.85 -12.12 -3.20
N ASN I 168 -43.71 -13.30 -3.77
CA ASN I 168 -43.58 -14.52 -2.98
C ASN I 168 -42.21 -14.60 -2.33
N ILE I 169 -41.19 -14.09 -3.03
CA ILE I 169 -39.80 -14.05 -2.57
C ILE I 169 -39.67 -13.07 -1.42
N LEU I 170 -40.30 -11.91 -1.58
CA LEU I 170 -40.35 -10.90 -0.53
C LEU I 170 -41.22 -11.34 0.64
N SER I 171 -42.16 -12.26 0.39
CA SER I 171 -42.95 -12.82 1.47
C SER I 171 -42.13 -13.81 2.26
N ALA I 172 -41.38 -14.65 1.55
CA ALA I 172 -40.48 -15.62 2.15
C ALA I 172 -39.44 -14.95 3.06
N TYR I 173 -38.93 -13.82 2.58
CA TYR I 173 -37.97 -12.99 3.31
C TYR I 173 -38.58 -12.43 4.59
N GLN I 174 -39.81 -11.94 4.50
CA GLN I 174 -40.47 -11.28 5.62
C GLN I 174 -40.87 -12.23 6.75
N GLY I 175 -40.99 -13.51 6.44
CA GLY I 175 -41.33 -14.51 7.45
C GLY I 175 -42.41 -15.53 7.09
N THR I 176 -43.28 -15.20 6.15
CA THR I 176 -44.38 -16.08 5.78
C THR I 176 -44.26 -16.63 4.34
N PRO I 177 -43.43 -17.65 4.13
CA PRO I 177 -43.31 -18.27 2.81
C PRO I 177 -44.42 -19.29 2.58
N LEU I 178 -44.83 -19.44 1.32
CA LEU I 178 -45.89 -20.38 0.98
C LEU I 178 -45.37 -21.82 0.98
N PRO I 179 -46.23 -22.75 1.38
CA PRO I 179 -45.89 -24.18 1.43
C PRO I 179 -44.97 -24.66 0.31
N ALA I 180 -43.75 -25.02 0.66
CA ALA I 180 -42.75 -25.48 -0.31
C ALA I 180 -42.83 -27.01 -0.49
N ASN I 181 -42.71 -27.44 -1.75
CA ASN I 181 -42.97 -28.83 -2.09
C ASN I 181 -41.74 -29.72 -2.41
N ILE I 182 -40.53 -29.17 -2.31
CA ILE I 182 -39.33 -29.98 -2.45
C ILE I 182 -38.64 -30.14 -1.10
N LEU I 183 -38.31 -29.01 -0.47
CA LEU I 183 -37.80 -28.98 0.88
C LEU I 183 -38.65 -27.99 1.65
N ASP I 184 -39.15 -28.38 2.83
CA ASP I 184 -39.98 -27.48 3.63
C ASP I 184 -39.57 -27.51 5.09
N TRP I 185 -39.02 -26.38 5.56
CA TRP I 185 -38.52 -26.25 6.92
C TRP I 185 -39.52 -26.68 7.98
N GLN I 186 -40.80 -26.43 7.73
CA GLN I 186 -41.86 -26.71 8.69
C GLN I 186 -42.28 -28.18 8.66
N ALA I 187 -41.67 -28.94 7.75
CA ALA I 187 -41.83 -30.38 7.65
C ALA I 187 -40.57 -30.91 6.98
N LEU I 188 -39.47 -30.92 7.73
CA LEU I 188 -38.18 -31.29 7.17
C LEU I 188 -37.79 -32.70 7.54
N ASN I 189 -37.07 -33.35 6.62
CA ASN I 189 -36.46 -34.63 6.89
C ASN I 189 -34.96 -34.47 6.76
N TYR I 190 -34.25 -34.81 7.84
CA TYR I 190 -32.82 -34.55 7.91
C TYR I 190 -32.07 -35.60 8.71
N GLU I 191 -30.79 -35.75 8.41
CA GLU I 191 -29.89 -36.58 9.21
C GLU I 191 -28.74 -35.71 9.67
N ILE I 192 -28.62 -35.53 10.98
CA ILE I 192 -27.45 -34.89 11.56
C ILE I 192 -26.31 -35.93 11.61
N ARG I 193 -25.15 -35.57 11.06
CA ARG I 193 -23.97 -36.42 11.10
C ARG I 193 -22.78 -35.60 11.59
N GLY I 194 -22.28 -35.95 12.78
CA GLY I 194 -21.18 -35.22 13.39
C GLY I 194 -21.67 -34.12 14.31
N TYR I 195 -20.91 -33.03 14.37
CA TYR I 195 -21.17 -31.95 15.32
C TYR I 195 -22.03 -30.84 14.72
N VAL I 196 -23.32 -30.91 14.98
CA VAL I 196 -24.28 -29.87 14.59
C VAL I 196 -25.44 -29.88 15.58
N ILE I 197 -25.75 -28.71 16.13
CA ILE I 197 -26.75 -28.59 17.19
C ILE I 197 -27.99 -27.83 16.71
N ILE I 198 -29.16 -28.22 17.18
CA ILE I 198 -30.38 -27.49 16.88
C ILE I 198 -30.66 -26.49 18.02
N LYS I 199 -30.54 -25.21 17.70
CA LYS I 199 -30.77 -24.14 18.68
C LYS I 199 -31.77 -23.12 18.13
N PRO I 200 -32.54 -22.48 19.00
CA PRO I 200 -33.48 -21.44 18.58
C PRO I 200 -32.86 -20.35 17.69
N LEU I 201 -33.64 -19.86 16.74
CA LEU I 201 -33.21 -18.74 15.91
C LEU I 201 -33.29 -17.44 16.68
N VAL I 202 -32.15 -16.84 16.96
CA VAL I 202 -32.08 -15.66 17.82
C VAL I 202 -31.74 -14.37 17.09
N TRP I 203 -31.33 -14.48 15.83
CA TRP I 203 -30.78 -13.34 15.08
C TRP I 203 -31.70 -12.75 14.02
N VAL I 204 -33.00 -13.00 14.16
CA VAL I 204 -33.98 -12.45 13.23
C VAL I 204 -35.09 -11.69 13.96
N HIS J 1 -18.33 -8.66 49.89
CA HIS J 1 -19.62 -7.89 49.97
C HIS J 1 -19.39 -6.38 49.77
N THR J 2 -19.49 -5.94 48.52
CA THR J 2 -19.41 -4.51 48.17
C THR J 2 -20.34 -4.19 47.00
N ASP J 3 -21.19 -3.18 47.20
CA ASP J 3 -22.11 -2.71 46.16
C ASP J 3 -21.41 -1.71 45.23
N LEU J 4 -21.02 -2.19 44.06
CA LEU J 4 -20.25 -1.42 43.09
C LEU J 4 -21.11 -0.87 41.95
N SER J 5 -22.40 -0.70 42.20
CA SER J 5 -23.33 -0.14 41.21
C SER J 5 -22.99 1.31 40.90
N GLY J 6 -22.90 1.63 39.61
CA GLY J 6 -22.53 2.96 39.18
C GLY J 6 -21.05 3.26 39.32
N LYS J 7 -20.26 2.20 39.54
CA LYS J 7 -18.81 2.30 39.73
C LYS J 7 -18.05 1.31 38.82
N VAL J 8 -16.82 1.64 38.49
CA VAL J 8 -15.97 0.80 37.62
C VAL J 8 -14.57 0.55 38.18
N PHE J 9 -13.94 -0.52 37.70
CA PHE J 9 -12.53 -0.76 37.93
C PHE J 9 -11.77 -0.09 36.81
N VAL J 10 -11.02 0.96 37.14
CA VAL J 10 -10.17 1.59 36.12
C VAL J 10 -8.72 1.10 36.22
N PHE J 11 -8.31 0.35 35.21
CA PHE J 11 -6.93 -0.11 35.07
C PHE J 11 -6.23 0.92 34.20
N PRO J 12 -5.48 1.81 34.84
CA PRO J 12 -5.10 3.08 34.23
C PRO J 12 -3.81 3.07 33.42
N ARG J 13 -3.05 1.97 33.48
CA ARG J 13 -1.77 1.89 32.77
C ARG J 13 -1.43 0.46 32.35
N GLU J 14 -0.52 0.36 31.37
CA GLU J 14 0.04 -0.92 30.96
C GLU J 14 1.04 -1.37 32.01
N SER J 15 0.96 -2.63 32.43
CA SER J 15 1.80 -3.14 33.52
C SER J 15 1.95 -4.67 33.50
N VAL J 16 2.76 -5.16 34.42
CA VAL J 16 2.90 -6.60 34.67
C VAL J 16 2.45 -6.91 36.12
N THR J 17 1.86 -5.91 36.77
CA THR J 17 1.57 -5.98 38.20
C THR J 17 0.11 -5.67 38.59
N ASP J 18 -0.52 -4.72 37.91
CA ASP J 18 -1.87 -4.26 38.28
C ASP J 18 -2.96 -5.24 37.89
N HIS J 19 -3.71 -5.71 38.90
CA HIS J 19 -4.84 -6.62 38.66
C HIS J 19 -5.83 -6.66 39.83
N VAL J 20 -7.03 -7.18 39.56
CA VAL J 20 -8.02 -7.43 40.60
C VAL J 20 -8.32 -8.93 40.70
N ASN J 21 -8.18 -9.47 41.91
CA ASN J 21 -8.48 -10.87 42.16
C ASN J 21 -9.93 -11.04 42.58
N LEU J 22 -10.69 -11.83 41.82
CA LEU J 22 -12.09 -12.07 42.11
C LEU J 22 -12.29 -13.39 42.84
N ILE J 23 -12.87 -13.32 44.03
CA ILE J 23 -13.11 -14.49 44.87
C ILE J 23 -14.57 -14.95 44.76
N THR J 24 -14.74 -16.25 44.55
CA THR J 24 -16.07 -16.83 44.35
C THR J 24 -16.36 -18.04 45.26
N PRO J 25 -17.56 -18.06 45.85
CA PRO J 25 -17.99 -19.19 46.67
C PRO J 25 -18.43 -20.42 45.84
N LEU J 26 -18.08 -20.42 44.56
CA LEU J 26 -18.26 -21.60 43.71
C LEU J 26 -17.19 -22.63 44.07
N GLU J 27 -17.63 -23.77 44.59
CA GLU J 27 -16.73 -24.90 44.82
C GLU J 27 -17.28 -26.16 44.15
N LYS J 28 -18.04 -25.95 43.08
CA LYS J 28 -18.56 -27.03 42.25
C LYS J 28 -18.10 -26.83 40.80
N PRO J 29 -17.79 -27.93 40.10
CA PRO J 29 -17.37 -27.86 38.69
C PRO J 29 -18.49 -27.32 37.81
N LEU J 30 -18.14 -26.51 36.82
CA LEU J 30 -19.13 -25.76 36.03
C LEU J 30 -19.62 -26.49 34.77
N GLN J 31 -20.92 -26.78 34.76
CA GLN J 31 -21.59 -27.40 33.63
C GLN J 31 -22.03 -26.32 32.63
N ASN J 32 -22.85 -25.39 33.11
CA ASN J 32 -23.30 -24.24 32.33
C ASN J 32 -22.80 -22.97 33.00
N PHE J 33 -22.65 -21.89 32.23
CA PHE J 33 -22.33 -20.57 32.78
C PHE J 33 -22.58 -19.42 31.81
N THR J 34 -22.95 -18.27 32.36
CA THR J 34 -23.09 -17.03 31.60
C THR J 34 -22.26 -15.94 32.28
N LEU J 35 -21.53 -15.17 31.48
CA LEU J 35 -20.73 -14.07 32.00
C LEU J 35 -20.97 -12.78 31.21
N CYS J 36 -21.39 -11.73 31.91
CA CYS J 36 -21.62 -10.44 31.27
C CYS J 36 -20.87 -9.34 31.99
N PHE J 37 -20.44 -8.33 31.23
CA PHE J 37 -19.71 -7.17 31.78
C PHE J 37 -19.58 -6.06 30.75
N ARG J 38 -19.32 -4.85 31.24
CA ARG J 38 -19.06 -3.69 30.39
C ARG J 38 -17.57 -3.35 30.38
N ALA J 39 -17.05 -2.96 29.21
CA ALA J 39 -15.64 -2.59 29.10
C ALA J 39 -15.38 -1.44 28.12
N TYR J 40 -14.63 -0.45 28.59
CA TYR J 40 -14.16 0.66 27.77
C TYR J 40 -12.64 0.60 27.70
N SER J 41 -12.11 0.60 26.48
CA SER J 41 -10.66 0.49 26.25
C SER J 41 -10.32 0.89 24.83
N ASP J 42 -9.29 1.73 24.68
CA ASP J 42 -8.81 2.12 23.36
C ASP J 42 -7.56 1.34 22.93
N LEU J 43 -7.31 0.23 23.62
CA LEU J 43 -6.19 -0.66 23.27
C LEU J 43 -6.40 -1.29 21.90
N SER J 44 -5.34 -1.31 21.10
CA SER J 44 -5.39 -1.89 19.75
C SER J 44 -4.96 -3.35 19.75
N ARG J 45 -3.97 -3.66 20.58
CA ARG J 45 -3.37 -4.99 20.64
C ARG J 45 -4.22 -6.00 21.41
N ALA J 46 -3.86 -7.27 21.31
CA ALA J 46 -4.58 -8.35 21.98
C ALA J 46 -4.47 -8.21 23.49
N TYR J 47 -5.60 -8.38 24.17
CA TYR J 47 -5.62 -8.40 25.63
C TYR J 47 -6.61 -9.42 26.19
N SER J 48 -6.58 -9.57 27.51
CA SER J 48 -7.43 -10.53 28.21
C SER J 48 -8.46 -9.81 29.10
N LEU J 49 -9.73 -10.12 28.88
CA LEU J 49 -10.82 -9.52 29.64
C LEU J 49 -11.06 -10.22 30.99
N PHE J 50 -11.17 -11.55 30.94
CA PHE J 50 -11.57 -12.34 32.09
C PHE J 50 -10.76 -13.64 32.14
N SER J 51 -9.89 -13.76 33.15
CA SER J 51 -8.99 -14.92 33.27
C SER J 51 -9.33 -15.84 34.44
N TYR J 52 -9.53 -17.11 34.12
CA TYR J 52 -10.02 -18.12 35.07
C TYR J 52 -9.17 -19.40 34.91
N ASN J 53 -8.22 -19.60 35.82
CA ASN J 53 -7.31 -20.75 35.79
C ASN J 53 -7.45 -21.63 37.02
N THR J 54 -7.10 -22.91 36.87
CA THR J 54 -7.15 -23.87 37.97
C THR J 54 -5.79 -24.52 38.25
N GLN J 55 -5.76 -25.47 39.18
CA GLN J 55 -4.53 -26.13 39.61
C GLN J 55 -3.88 -26.94 38.49
N GLY J 56 -2.70 -26.48 38.06
CA GLY J 56 -1.93 -27.14 37.01
C GLY J 56 -2.59 -27.16 35.64
N ARG J 57 -3.60 -26.31 35.45
CA ARG J 57 -4.33 -26.25 34.19
C ARG J 57 -4.54 -24.81 33.72
N ASP J 58 -3.86 -24.48 32.63
CA ASP J 58 -3.84 -23.14 32.05
C ASP J 58 -5.08 -22.89 31.18
N ASN J 59 -5.55 -21.64 31.18
CA ASN J 59 -6.65 -21.21 30.31
C ASN J 59 -7.91 -22.07 30.41
N GLU J 60 -8.32 -22.35 31.63
CA GLU J 60 -9.51 -23.15 31.90
C GLU J 60 -10.77 -22.42 31.42
N LEU J 61 -10.84 -21.13 31.71
CA LEU J 61 -11.88 -20.25 31.18
C LEU J 61 -11.31 -18.85 30.95
N LEU J 62 -11.44 -18.34 29.72
CA LEU J 62 -10.82 -17.07 29.36
C LEU J 62 -11.57 -16.33 28.26
N VAL J 63 -12.00 -15.11 28.56
CA VAL J 63 -12.52 -14.20 27.54
C VAL J 63 -11.37 -13.32 27.09
N TYR J 64 -11.01 -13.43 25.81
CA TYR J 64 -9.80 -12.86 25.26
C TYR J 64 -10.13 -12.09 24.00
N LYS J 65 -9.53 -10.92 23.85
CA LYS J 65 -9.71 -10.13 22.63
C LYS J 65 -8.43 -10.13 21.81
N GLU J 66 -8.48 -10.81 20.66
CA GLU J 66 -7.33 -10.92 19.76
C GLU J 66 -7.06 -9.62 19.02
N ARG J 67 -8.13 -8.93 18.66
CA ARG J 67 -8.07 -7.63 17.97
C ARG J 67 -9.45 -6.97 17.88
N VAL J 68 -9.49 -5.80 17.24
CA VAL J 68 -10.71 -5.02 17.03
C VAL J 68 -11.75 -5.88 16.31
N GLY J 69 -12.89 -6.08 16.95
CA GLY J 69 -14.00 -6.82 16.35
C GLY J 69 -13.90 -8.33 16.42
N GLU J 70 -12.84 -8.84 17.06
CA GLU J 70 -12.64 -10.27 17.22
C GLU J 70 -12.68 -10.63 18.71
N TYR J 71 -13.64 -11.47 19.10
CA TYR J 71 -13.76 -11.95 20.48
C TYR J 71 -13.57 -13.46 20.58
N SER J 72 -12.76 -13.88 21.55
CA SER J 72 -12.46 -15.30 21.78
C SER J 72 -12.92 -15.75 23.16
N LEU J 73 -13.19 -17.05 23.27
CA LEU J 73 -13.48 -17.68 24.56
C LEU J 73 -12.75 -19.00 24.67
N TYR J 74 -12.07 -19.20 25.79
CA TYR J 74 -11.33 -20.43 26.03
C TYR J 74 -12.00 -21.27 27.10
N ILE J 75 -12.23 -22.54 26.77
CA ILE J 75 -12.75 -23.51 27.74
C ILE J 75 -11.81 -24.70 27.78
N GLY J 76 -10.92 -24.69 28.79
CA GLY J 76 -9.93 -25.73 28.96
C GLY J 76 -8.99 -25.88 27.79
N ARG J 77 -8.15 -24.86 27.58
CA ARG J 77 -7.12 -24.84 26.51
C ARG J 77 -7.68 -24.77 25.08
N HIS J 78 -8.94 -25.16 24.92
CA HIS J 78 -9.62 -25.11 23.62
C HIS J 78 -10.15 -23.70 23.34
N LYS J 79 -10.25 -23.34 22.06
CA LYS J 79 -10.60 -21.97 21.67
C LYS J 79 -11.71 -21.89 20.62
N VAL J 80 -12.54 -20.85 20.74
CA VAL J 80 -13.49 -20.45 19.70
C VAL J 80 -13.52 -18.93 19.57
N THR J 81 -13.67 -18.45 18.34
CA THR J 81 -13.64 -17.02 18.04
C THR J 81 -14.86 -16.58 17.22
N SER J 82 -15.32 -15.36 17.45
CA SER J 82 -16.41 -14.78 16.67
C SER J 82 -16.26 -13.27 16.46
N LYS J 83 -16.62 -12.82 15.27
CA LYS J 83 -16.35 -11.47 14.81
C LYS J 83 -17.59 -10.59 14.83
N VAL J 84 -17.38 -9.28 14.83
CA VAL J 84 -18.47 -8.30 14.92
C VAL J 84 -18.06 -6.92 14.41
N ILE J 85 -18.98 -6.27 13.71
CA ILE J 85 -18.82 -4.86 13.34
C ILE J 85 -18.84 -4.00 14.61
N GLU J 86 -17.80 -3.20 14.81
CA GLU J 86 -17.75 -2.28 15.96
C GLU J 86 -16.92 -1.03 15.70
N LYS J 87 -17.38 0.09 16.28
CA LYS J 87 -16.64 1.35 16.27
C LYS J 87 -15.47 1.25 17.24
N PHE J 88 -14.32 1.76 16.82
CA PHE J 88 -13.12 1.74 17.65
C PHE J 88 -12.46 3.12 17.73
N PRO J 89 -12.26 3.63 18.94
CA PRO J 89 -12.72 2.98 20.17
C PRO J 89 -14.17 3.30 20.54
N ALA J 90 -14.75 2.41 21.35
CA ALA J 90 -16.11 2.54 21.85
C ALA J 90 -16.32 1.66 23.09
N PRO J 91 -17.24 2.06 23.97
CA PRO J 91 -17.68 1.19 25.06
C PRO J 91 -18.44 -0.04 24.52
N VAL J 92 -18.32 -1.17 25.21
CA VAL J 92 -18.93 -2.42 24.78
C VAL J 92 -19.57 -3.19 25.94
N HIS J 93 -20.66 -3.89 25.65
CA HIS J 93 -21.25 -4.84 26.58
C HIS J 93 -21.04 -6.23 26.03
N ILE J 94 -20.42 -7.09 26.82
CA ILE J 94 -20.14 -8.46 26.40
C ILE J 94 -20.95 -9.48 27.22
N CYS J 95 -21.48 -10.49 26.54
CA CYS J 95 -22.05 -11.66 27.21
C CYS J 95 -21.50 -12.91 26.57
N VAL J 96 -21.02 -13.83 27.39
CA VAL J 96 -20.62 -15.13 26.89
C VAL J 96 -21.35 -16.21 27.67
N SER J 97 -21.94 -17.16 26.93
CA SER J 97 -22.68 -18.25 27.54
C SER J 97 -22.11 -19.57 27.04
N TRP J 98 -21.84 -20.48 27.97
CA TRP J 98 -21.36 -21.81 27.61
C TRP J 98 -22.19 -22.92 28.23
N GLU J 99 -22.37 -24.00 27.47
CA GLU J 99 -23.26 -25.09 27.84
C GLU J 99 -22.62 -26.40 27.45
N SER J 100 -22.19 -27.17 28.45
CA SER J 100 -21.39 -28.38 28.23
C SER J 100 -22.04 -29.46 27.34
N SER J 101 -23.34 -29.66 27.52
CA SER J 101 -24.07 -30.72 26.81
C SER J 101 -23.93 -30.61 25.30
N SER J 102 -24.07 -29.38 24.79
CA SER J 102 -24.02 -29.13 23.36
C SER J 102 -22.67 -28.55 22.91
N GLY J 103 -21.98 -27.90 23.84
CA GLY J 103 -20.69 -27.28 23.56
C GLY J 103 -20.81 -25.85 23.11
N ILE J 104 -22.05 -25.42 22.88
CA ILE J 104 -22.34 -24.13 22.25
C ILE J 104 -21.95 -22.92 23.08
N ALA J 105 -21.03 -22.14 22.54
CA ALA J 105 -20.68 -20.81 23.06
C ALA J 105 -21.53 -19.74 22.37
N GLU J 106 -21.99 -18.77 23.16
CA GLU J 106 -22.91 -17.74 22.69
C GLU J 106 -22.40 -16.34 23.07
N PHE J 107 -21.91 -15.60 22.08
CA PHE J 107 -21.38 -14.25 22.32
C PHE J 107 -22.42 -13.17 22.04
N TRP J 108 -22.72 -12.33 23.03
CA TRP J 108 -23.62 -11.21 22.81
C TRP J 108 -22.90 -9.86 23.00
N ILE J 109 -22.84 -9.07 21.93
CA ILE J 109 -22.18 -7.78 21.96
C ILE J 109 -23.23 -6.69 21.81
N ASN J 110 -23.23 -5.73 22.73
CA ASN J 110 -24.23 -4.65 22.79
C ASN J 110 -25.66 -5.13 22.57
N GLY J 111 -25.97 -6.33 23.04
CA GLY J 111 -27.30 -6.90 22.89
C GLY J 111 -27.56 -7.42 21.49
N THR J 112 -26.50 -7.87 20.84
CA THR J 112 -26.58 -8.43 19.49
C THR J 112 -25.89 -9.80 19.46
N PRO J 113 -26.58 -10.80 18.92
CA PRO J 113 -26.03 -12.15 18.81
C PRO J 113 -24.91 -12.26 17.77
N LEU J 114 -23.78 -12.82 18.17
CA LEU J 114 -22.73 -13.16 17.22
C LEU J 114 -23.02 -14.55 16.68
N VAL J 115 -22.16 -15.06 15.80
CA VAL J 115 -22.34 -16.42 15.29
C VAL J 115 -21.96 -17.44 16.36
N LYS J 116 -22.87 -18.40 16.58
CA LYS J 116 -22.71 -19.42 17.62
C LYS J 116 -21.56 -20.36 17.28
N LYS J 117 -20.69 -20.63 18.25
CA LYS J 117 -19.60 -21.57 18.07
C LYS J 117 -19.74 -22.75 19.02
N GLY J 118 -18.81 -23.70 18.96
CA GLY J 118 -18.86 -24.87 19.81
C GLY J 118 -17.51 -25.48 20.13
N LEU J 119 -17.37 -25.99 21.35
CA LEU J 119 -16.12 -26.58 21.82
C LEU J 119 -16.31 -27.35 23.13
N ARG J 120 -15.59 -28.45 23.27
CA ARG J 120 -15.57 -29.28 24.48
C ARG J 120 -16.97 -29.83 24.88
N GLN J 121 -17.52 -30.69 24.02
CA GLN J 121 -18.79 -31.34 24.26
C GLN J 121 -18.67 -32.34 25.40
N GLY J 122 -19.52 -32.18 26.42
CA GLY J 122 -19.57 -33.08 27.55
C GLY J 122 -18.38 -32.94 28.48
N TYR J 123 -17.96 -31.69 28.68
CA TYR J 123 -16.78 -31.40 29.49
C TYR J 123 -17.13 -30.43 30.62
N PHE J 124 -16.51 -30.65 31.78
CA PHE J 124 -16.75 -29.83 32.97
C PHE J 124 -15.53 -28.95 33.23
N VAL J 125 -15.73 -27.63 33.32
CA VAL J 125 -14.61 -26.75 33.71
C VAL J 125 -14.33 -26.94 35.20
N GLU J 126 -13.06 -26.86 35.56
CA GLU J 126 -12.61 -27.21 36.91
C GLU J 126 -13.08 -26.23 37.98
N ALA J 127 -13.34 -26.76 39.17
CA ALA J 127 -13.77 -25.96 40.32
C ALA J 127 -12.58 -25.34 41.04
N GLN J 128 -12.88 -24.45 41.98
CA GLN J 128 -11.89 -23.77 42.84
C GLN J 128 -10.72 -23.11 42.08
N PRO J 129 -11.03 -22.04 41.36
CA PRO J 129 -10.06 -21.33 40.54
C PRO J 129 -9.50 -20.06 41.19
N LYS J 130 -8.62 -19.40 40.45
CA LYS J 130 -8.23 -18.03 40.73
C LYS J 130 -8.72 -17.20 39.54
N ILE J 131 -9.56 -16.21 39.83
CA ILE J 131 -10.08 -15.31 38.79
C ILE J 131 -9.38 -13.98 38.87
N VAL J 132 -8.73 -13.58 37.77
CA VAL J 132 -8.08 -12.27 37.72
C VAL J 132 -8.69 -11.37 36.65
N LEU J 133 -8.66 -10.08 36.93
CA LEU J 133 -9.03 -9.05 35.96
C LEU J 133 -7.75 -8.29 35.63
N GLY J 134 -7.71 -7.67 34.46
CA GLY J 134 -6.60 -6.79 34.10
C GLY J 134 -5.32 -7.44 33.64
N GLN J 135 -5.15 -8.73 33.93
CA GLN J 135 -3.98 -9.50 33.47
C GLN J 135 -4.38 -10.91 33.04
N GLU J 136 -3.50 -11.54 32.27
CA GLU J 136 -3.71 -12.91 31.81
C GLU J 136 -2.86 -13.90 32.63
N GLN J 137 -3.51 -14.99 33.05
CA GLN J 137 -2.86 -16.03 33.86
C GLN J 137 -2.20 -17.10 33.00
N ASP J 138 -0.93 -17.37 33.29
CA ASP J 138 -0.24 -18.51 32.68
C ASP J 138 -0.06 -19.62 33.72
N SER J 139 -0.28 -19.27 34.99
CA SER J 139 -0.25 -20.23 36.09
C SER J 139 -1.45 -20.06 37.03
N TYR J 140 -1.41 -20.70 38.20
CA TYR J 140 -2.51 -20.64 39.16
C TYR J 140 -2.42 -19.38 40.04
N GLY J 141 -2.86 -18.25 39.47
CA GLY J 141 -2.88 -16.99 40.20
C GLY J 141 -1.89 -15.96 39.68
N GLY J 142 -0.82 -16.41 39.03
CA GLY J 142 0.25 -15.53 38.60
C GLY J 142 0.75 -15.77 37.19
N LYS J 143 2.04 -15.49 36.98
CA LYS J 143 2.72 -15.59 35.68
C LYS J 143 2.06 -14.73 34.58
N PHE J 144 2.20 -13.41 34.71
CA PHE J 144 1.49 -12.47 33.84
C PHE J 144 2.29 -12.03 32.61
N ASP J 145 1.57 -11.44 31.66
CA ASP J 145 2.17 -10.86 30.45
C ASP J 145 1.75 -9.40 30.28
N ARG J 146 2.73 -8.54 30.02
CA ARG J 146 2.49 -7.12 29.78
C ARG J 146 1.77 -6.94 28.46
N SER J 147 2.18 -7.72 27.46
CA SER J 147 1.59 -7.67 26.12
C SER J 147 0.23 -8.36 26.06
N GLN J 148 -0.36 -8.60 27.21
CA GLN J 148 -1.69 -9.19 27.32
C GLN J 148 -2.52 -8.44 28.35
N SER J 149 -1.88 -7.50 29.03
CA SER J 149 -2.52 -6.71 30.09
C SER J 149 -3.68 -5.87 29.56
N PHE J 150 -4.75 -5.81 30.34
CA PHE J 150 -5.87 -4.95 30.02
C PHE J 150 -5.67 -3.58 30.63
N VAL J 151 -5.87 -2.55 29.83
CA VAL J 151 -5.91 -1.18 30.32
C VAL J 151 -7.23 -0.52 29.90
N GLY J 152 -7.92 0.08 30.85
CA GLY J 152 -9.21 0.69 30.58
C GLY J 152 -10.21 0.65 31.73
N GLU J 153 -11.49 0.55 31.38
CA GLU J 153 -12.58 0.61 32.35
C GLU J 153 -13.49 -0.62 32.26
N ILE J 154 -13.55 -1.40 33.34
CA ILE J 154 -14.46 -2.55 33.42
C ILE J 154 -15.50 -2.36 34.53
N GLY J 155 -16.74 -2.73 34.24
CA GLY J 155 -17.82 -2.66 35.22
C GLY J 155 -18.94 -3.64 34.93
N ASP J 156 -19.94 -3.63 35.82
CA ASP J 156 -21.16 -4.43 35.66
C ASP J 156 -20.87 -5.91 35.35
N LEU J 157 -19.89 -6.47 36.06
CA LEU J 157 -19.45 -7.84 35.89
C LEU J 157 -20.37 -8.80 36.65
N TYR J 158 -21.02 -9.71 35.93
CA TYR J 158 -21.89 -10.71 36.53
C TYR J 158 -21.61 -12.11 35.97
N MET J 159 -21.88 -13.13 36.76
CA MET J 159 -21.65 -14.52 36.33
C MET J 159 -22.64 -15.49 36.96
N TRP J 160 -23.46 -16.10 36.10
CA TRP J 160 -24.52 -17.02 36.51
C TRP J 160 -24.11 -18.46 36.25
N ASP J 161 -24.69 -19.39 37.02
CA ASP J 161 -24.39 -20.82 36.87
C ASP J 161 -25.22 -21.52 35.79
N SER J 162 -26.05 -20.75 35.09
CA SER J 162 -26.93 -21.27 34.05
C SER J 162 -26.72 -20.54 32.72
N VAL J 163 -27.30 -21.09 31.65
CA VAL J 163 -27.23 -20.45 30.34
C VAL J 163 -28.38 -19.46 30.19
N LEU J 164 -28.03 -18.17 30.18
CA LEU J 164 -28.99 -17.09 30.13
C LEU J 164 -29.63 -16.92 28.74
N PRO J 165 -30.95 -16.78 28.72
CA PRO J 165 -31.69 -16.57 27.47
C PRO J 165 -31.71 -15.09 27.07
N PRO J 166 -32.04 -14.78 25.81
CA PRO J 166 -31.97 -13.39 25.30
C PRO J 166 -32.55 -12.30 26.21
N GLU J 167 -33.82 -12.41 26.62
CA GLU J 167 -34.47 -11.36 27.42
C GLU J 167 -33.61 -10.94 28.59
N ASN J 168 -33.04 -11.92 29.28
CA ASN J 168 -32.14 -11.69 30.39
C ASN J 168 -30.79 -11.10 29.97
N ILE J 169 -30.30 -11.44 28.77
CA ILE J 169 -29.13 -10.79 28.20
C ILE J 169 -29.44 -9.32 27.95
N LEU J 170 -30.54 -9.06 27.25
CA LEU J 170 -31.00 -7.70 26.99
C LEU J 170 -31.28 -6.93 28.28
N SER J 171 -31.68 -7.65 29.33
CA SER J 171 -31.90 -7.06 30.64
C SER J 171 -30.58 -6.60 31.26
N ALA J 172 -29.54 -7.40 31.11
CA ALA J 172 -28.22 -7.08 31.65
C ALA J 172 -27.60 -5.88 30.93
N TYR J 173 -27.72 -5.87 29.60
CA TYR J 173 -27.29 -4.77 28.76
C TYR J 173 -28.10 -3.49 29.01
N GLN J 174 -29.41 -3.67 29.21
CA GLN J 174 -30.33 -2.56 29.48
C GLN J 174 -30.04 -1.86 30.80
N GLY J 175 -29.42 -2.60 31.72
CA GLY J 175 -29.02 -2.05 33.01
C GLY J 175 -29.66 -2.69 34.23
N THR J 176 -30.59 -3.62 34.02
CA THR J 176 -31.27 -4.32 35.11
C THR J 176 -31.10 -5.85 35.00
N PRO J 177 -29.89 -6.34 35.32
CA PRO J 177 -29.60 -7.77 35.21
C PRO J 177 -30.21 -8.60 36.34
N LEU J 178 -30.52 -9.85 36.04
CA LEU J 178 -31.05 -10.81 37.00
C LEU J 178 -30.00 -11.23 38.03
N PRO J 179 -30.43 -11.56 39.26
CA PRO J 179 -29.49 -11.90 40.35
C PRO J 179 -28.55 -13.05 40.00
N ALA J 180 -27.25 -12.78 40.07
CA ALA J 180 -26.22 -13.76 39.72
C ALA J 180 -25.75 -14.52 40.94
N ASN J 181 -25.13 -15.67 40.72
CA ASN J 181 -24.79 -16.57 41.83
C ASN J 181 -23.37 -17.18 41.83
N ILE J 182 -22.51 -16.73 40.91
CA ILE J 182 -21.08 -17.03 40.99
C ILE J 182 -20.34 -15.73 41.29
N LEU J 183 -20.57 -14.72 40.47
CA LEU J 183 -20.02 -13.39 40.67
C LEU J 183 -21.12 -12.35 40.49
N ASP J 184 -21.25 -11.45 41.46
CA ASP J 184 -22.30 -10.43 41.46
C ASP J 184 -21.70 -9.04 41.71
N TRP J 185 -21.81 -8.16 40.73
CA TRP J 185 -21.26 -6.81 40.81
C TRP J 185 -21.87 -5.98 41.94
N GLN J 186 -23.12 -6.28 42.28
CA GLN J 186 -23.87 -5.57 43.32
C GLN J 186 -23.50 -6.04 44.74
N ALA J 187 -22.66 -7.07 44.81
CA ALA J 187 -22.16 -7.63 46.07
C ALA J 187 -20.92 -8.47 45.79
N LEU J 188 -19.86 -7.83 45.32
CA LEU J 188 -18.65 -8.52 44.84
C LEU J 188 -17.53 -8.60 45.87
N ASN J 189 -16.86 -9.75 45.91
CA ASN J 189 -15.65 -9.93 46.70
C ASN J 189 -14.43 -9.68 45.83
N TYR J 190 -13.87 -8.48 45.94
CA TYR J 190 -12.73 -8.06 45.11
C TYR J 190 -11.46 -7.78 45.91
N GLU J 191 -10.32 -7.87 45.24
CA GLU J 191 -9.03 -7.57 45.84
C GLU J 191 -8.13 -6.85 44.82
N ILE J 192 -7.69 -5.64 45.17
CA ILE J 192 -6.81 -4.85 44.31
C ILE J 192 -5.34 -5.12 44.62
N ARG J 193 -4.60 -5.59 43.62
CA ARG J 193 -3.16 -5.71 43.70
C ARG J 193 -2.57 -4.75 42.69
N GLY J 194 -1.76 -3.81 43.19
CA GLY J 194 -1.13 -2.81 42.34
C GLY J 194 -2.04 -1.65 41.98
N TYR J 195 -1.83 -1.10 40.78
CA TYR J 195 -2.50 0.13 40.36
C TYR J 195 -3.81 -0.14 39.63
N VAL J 196 -4.91 -0.13 40.39
CA VAL J 196 -6.27 -0.12 39.84
C VAL J 196 -7.19 0.67 40.79
N ILE J 197 -7.95 1.61 40.23
CA ILE J 197 -8.77 2.50 41.03
C ILE J 197 -10.26 2.24 40.80
N ILE J 198 -11.09 2.67 41.74
CA ILE J 198 -12.54 2.64 41.58
C ILE J 198 -13.04 4.06 41.34
N LYS J 199 -13.62 4.28 40.17
CA LYS J 199 -14.19 5.58 39.82
C LYS J 199 -15.63 5.39 39.32
N PRO J 200 -16.45 6.45 39.35
CA PRO J 200 -17.83 6.38 38.85
C PRO J 200 -17.93 5.85 37.41
N LEU J 201 -18.98 5.09 37.12
CA LEU J 201 -19.29 4.72 35.75
C LEU J 201 -19.92 5.93 35.08
N VAL J 202 -19.21 6.52 34.13
CA VAL J 202 -19.64 7.77 33.50
C VAL J 202 -20.04 7.60 32.03
N TRP J 203 -19.44 6.61 31.36
CA TRP J 203 -19.59 6.43 29.92
C TRP J 203 -20.88 5.72 29.49
N VAL J 204 -21.87 5.71 30.37
CA VAL J 204 -23.23 5.29 30.02
C VAL J 204 -24.19 6.40 30.47
#